data_9JP5
#
_entry.id   9JP5
#
_cell.length_a   194.599
_cell.length_b   194.599
_cell.length_c   157.287
_cell.angle_alpha   90.000
_cell.angle_beta   90.000
_cell.angle_gamma   120.000
#
_symmetry.space_group_name_H-M   'P 63'
#
loop_
_entity.id
_entity.type
_entity.pdbx_description
1 polymer 'Phthalate 3,4-dioxygenase alpha subunit'
2 polymer 'Phthalate 3,4-dioxygenase beta subunit'
3 non-polymer 'FE2/S2 (INORGANIC) CLUSTER'
4 non-polymer 'FE (II) ION'
5 water water
#
loop_
_entity_poly.entity_id
_entity_poly.type
_entity_poly.pdbx_seq_one_letter_code
_entity_poly.pdbx_strand_id
1 'polypeptide(L)'
;MGSSHHHHHHSSGLVPRGSHMEPRTTHHTQAMEDIRRGMIPAHIYNDKEIFEREKATVFSRSWLFVAHESEVPQAGDYVV
RRVLEDSFIISRDSKGGIRAMFNMCLHRGMQVCRAEMGNASNFRCPYHGWSYRNDGRIIGLPFHEEAYGGEEGFKKKGQT
LLPAPNLDSYNGMIFINMDPNAESLSDYLGDFKFYLDYYTKQSESGLEVRGPQRWRVKANWKIGAENFAGDMYHTPQTHT
SVVEIGLFREPKAEKRKDGATYWAGPGGGTTYKLPDGTFDERMQYVGYTAEMTDRAKEVWSDEQQRVIGADGFMISAASV
FPNLSFVHNWPKVEDGDDVLPFISIRLWQPISENETEVLSFFAVDRSAPEEFKKKSYKAYLMCFGSTGMFEQDDVENWVS
LTNTSAGSMARRLLLNSRMGLLEDGTRVSDELTADEFHGPGTAQVGYNEANQRKLLEMWADYLEKPALEVGPTSVGTDNP
DGIRPLTPTNGSCDHSKDATVNGAVLA
;
A,C,E,G
2 'polypeptide(L)'
;MTTSVRATNTGYSRVGEGSTYSEQAVLGDHASRVTRTGTPLRFDDRRHLDAHQFLIDEAYLLDAQEYQTWLDNITDDIHY
LMPVRVTTALNSGFDTSPGMAHFDENKYSLSRRVARFVTEHAWTEDPPSRLRHYITNIRTFLTDAEDHLVVESAELLFRS
RGDVNESALVSCGREDLLRRVGDEWKLARRTIFVDESVMRMQNLAVFL
;
B,D,F,H
#
# COMPACT_ATOMS: atom_id res chain seq x y z
N MET A 32 -15.54 9.56 4.00
CA MET A 32 -16.76 9.12 4.74
C MET A 32 -17.72 10.29 4.95
N GLU A 33 -17.18 11.41 5.45
CA GLU A 33 -17.82 12.72 5.38
C GLU A 33 -17.78 13.22 3.95
N ASP A 34 -16.83 12.67 3.20
CA ASP A 34 -16.63 13.05 1.81
C ASP A 34 -17.79 12.52 0.97
N ILE A 35 -18.29 11.31 1.29
CA ILE A 35 -19.34 10.70 0.49
C ILE A 35 -20.59 11.54 0.65
N ARG A 36 -20.80 12.02 1.88
CA ARG A 36 -22.00 12.76 2.21
C ARG A 36 -22.02 14.10 1.48
N ARG A 37 -20.89 14.46 0.85
CA ARG A 37 -20.76 15.65 0.03
C ARG A 37 -20.71 15.30 -1.47
N GLY A 38 -20.90 14.02 -1.82
CA GLY A 38 -20.90 13.59 -3.21
C GLY A 38 -19.49 13.58 -3.80
N MET A 39 -18.49 13.40 -2.96
CA MET A 39 -17.11 13.28 -3.41
C MET A 39 -16.66 11.88 -2.99
N ILE A 40 -16.12 11.11 -3.94
CA ILE A 40 -15.98 9.69 -3.74
C ILE A 40 -14.51 9.35 -3.63
N PRO A 41 -14.08 8.74 -2.52
CA PRO A 41 -12.70 8.30 -2.44
C PRO A 41 -12.56 7.21 -3.51
N ALA A 42 -11.66 7.48 -4.47
CA ALA A 42 -11.43 6.58 -5.60
C ALA A 42 -11.13 5.14 -5.19
N HIS A 43 -10.56 4.93 -4.01
CA HIS A 43 -10.03 3.62 -3.68
C HIS A 43 -11.17 2.70 -3.24
N ILE A 44 -12.42 3.18 -3.13
CA ILE A 44 -13.44 2.31 -2.58
C ILE A 44 -13.81 1.23 -3.57
N TYR A 45 -13.36 1.30 -4.83
CA TYR A 45 -13.68 0.27 -5.80
C TYR A 45 -12.62 -0.82 -5.97
N ASN A 46 -11.55 -0.84 -5.17
CA ASN A 46 -10.49 -1.84 -5.29
C ASN A 46 -9.68 -1.83 -4.00
N ASP A 47 -10.36 -2.07 -2.88
CA ASP A 47 -9.69 -2.00 -1.60
C ASP A 47 -10.18 -3.16 -0.77
N LYS A 48 -9.20 -3.94 -0.27
CA LYS A 48 -9.43 -5.26 0.29
C LYS A 48 -10.10 -5.04 1.64
N GLU A 49 -9.63 -4.05 2.37
CA GLU A 49 -10.14 -3.79 3.70
C GLU A 49 -11.61 -3.35 3.60
N ILE A 50 -11.93 -2.49 2.66
CA ILE A 50 -13.30 -2.04 2.50
C ILE A 50 -14.17 -3.23 2.06
N PHE A 51 -13.64 -4.15 1.24
CA PHE A 51 -14.43 -5.31 0.88
C PHE A 51 -14.76 -6.14 2.13
N GLU A 52 -13.75 -6.51 2.94
CA GLU A 52 -13.97 -7.27 4.16
C GLU A 52 -15.01 -6.57 5.04
N ARG A 53 -15.00 -5.25 5.04
CA ARG A 53 -15.91 -4.50 5.89
C ARG A 53 -17.33 -4.63 5.34
N GLU A 54 -17.50 -4.36 4.03
CA GLU A 54 -18.76 -4.59 3.32
C GLU A 54 -19.37 -5.95 3.65
N LYS A 55 -18.53 -6.98 3.73
CA LYS A 55 -18.99 -8.34 3.90
C LYS A 55 -19.71 -8.48 5.24
N ALA A 56 -19.16 -7.81 6.26
CA ALA A 56 -19.65 -7.85 7.64
C ALA A 56 -20.77 -6.86 7.91
N THR A 57 -21.09 -6.00 6.93
CA THR A 57 -22.09 -4.95 7.09
C THR A 57 -23.15 -5.12 6.00
N VAL A 58 -22.86 -4.57 4.82
CA VAL A 58 -23.73 -4.59 3.67
C VAL A 58 -24.32 -5.98 3.43
N PHE A 59 -23.46 -7.00 3.33
CA PHE A 59 -23.89 -8.32 2.92
C PHE A 59 -24.30 -9.19 4.10
N SER A 60 -24.33 -8.61 5.31
CA SER A 60 -24.69 -9.34 6.52
C SER A 60 -26.03 -8.87 7.07
N ARG A 61 -26.55 -7.79 6.46
CA ARG A 61 -27.69 -7.05 6.98
C ARG A 61 -28.77 -6.74 5.94
N SER A 62 -28.45 -6.96 4.66
CA SER A 62 -29.34 -6.57 3.59
C SER A 62 -30.16 -7.76 3.10
N TRP A 63 -31.38 -7.50 2.62
CA TRP A 63 -32.05 -8.45 1.76
C TRP A 63 -31.28 -8.53 0.44
N LEU A 64 -30.88 -9.75 0.09
CA LEU A 64 -30.09 -10.03 -1.10
C LEU A 64 -30.81 -11.06 -1.95
N PHE A 65 -30.93 -10.81 -3.27
CA PHE A 65 -31.76 -11.63 -4.14
C PHE A 65 -31.07 -12.97 -4.37
N VAL A 66 -31.84 -14.05 -4.44
CA VAL A 66 -31.31 -15.36 -4.84
C VAL A 66 -32.05 -15.95 -6.04
N ALA A 67 -33.39 -15.82 -6.11
CA ALA A 67 -34.14 -16.53 -7.15
C ALA A 67 -35.59 -16.04 -7.29
N HIS A 68 -36.23 -16.44 -8.39
CA HIS A 68 -37.66 -16.19 -8.58
C HIS A 68 -38.42 -17.52 -8.48
N GLU A 69 -39.68 -17.42 -8.04
CA GLU A 69 -40.54 -18.57 -7.83
C GLU A 69 -40.80 -19.34 -9.11
N SER A 70 -40.95 -18.60 -10.20
CA SER A 70 -41.19 -19.17 -11.52
C SER A 70 -40.01 -20.04 -11.98
N GLU A 71 -38.92 -20.07 -11.24
CA GLU A 71 -37.81 -20.93 -11.60
C GLU A 71 -37.94 -22.30 -10.96
N VAL A 72 -38.92 -22.47 -10.08
CA VAL A 72 -39.13 -23.76 -9.46
C VAL A 72 -40.62 -24.04 -9.39
N PRO A 73 -41.33 -24.10 -10.56
CA PRO A 73 -42.78 -24.17 -10.59
C PRO A 73 -43.44 -25.42 -10.02
N GLN A 74 -42.84 -26.61 -10.27
CA GLN A 74 -43.39 -27.90 -9.83
C GLN A 74 -42.80 -28.28 -8.48
N ALA A 75 -43.40 -29.30 -7.86
CA ALA A 75 -42.91 -29.86 -6.61
C ALA A 75 -41.61 -30.62 -6.85
N GLY A 76 -40.65 -30.39 -5.95
CA GLY A 76 -39.37 -31.03 -6.00
C GLY A 76 -38.35 -30.26 -6.84
N ASP A 77 -38.82 -29.24 -7.56
CA ASP A 77 -37.93 -28.41 -8.36
C ASP A 77 -37.03 -27.65 -7.38
N TYR A 78 -35.77 -27.39 -7.76
CA TYR A 78 -34.85 -26.66 -6.91
C TYR A 78 -33.73 -25.99 -7.73
N VAL A 79 -33.33 -24.81 -7.28
CA VAL A 79 -32.07 -24.22 -7.67
C VAL A 79 -31.22 -24.12 -6.42
N VAL A 80 -29.90 -24.24 -6.60
CA VAL A 80 -28.92 -23.85 -5.59
C VAL A 80 -28.37 -22.47 -5.94
N ARG A 81 -28.46 -21.52 -4.99
CA ARG A 81 -27.97 -20.16 -5.20
C ARG A 81 -27.21 -19.72 -3.97
N ARG A 82 -26.36 -18.70 -4.16
CA ARG A 82 -25.33 -18.32 -3.22
C ARG A 82 -25.54 -16.88 -2.76
N VAL A 83 -25.53 -16.69 -1.44
CA VAL A 83 -25.34 -15.37 -0.89
C VAL A 83 -23.86 -15.24 -0.56
N LEU A 84 -23.10 -14.65 -1.49
CA LEU A 84 -21.65 -14.58 -1.41
C LEU A 84 -21.16 -16.03 -1.49
N GLU A 85 -20.59 -16.56 -0.41
CA GLU A 85 -20.01 -17.88 -0.49
C GLU A 85 -20.87 -18.88 0.27
N ASP A 86 -22.08 -18.48 0.69
CA ASP A 86 -22.99 -19.39 1.36
C ASP A 86 -23.95 -19.97 0.32
N SER A 87 -24.11 -21.31 0.34
CA SER A 87 -24.89 -22.05 -0.64
C SER A 87 -26.27 -22.38 -0.07
N PHE A 88 -27.32 -22.06 -0.82
CA PHE A 88 -28.70 -22.31 -0.38
C PHE A 88 -29.48 -23.07 -1.47
N ILE A 89 -30.19 -24.11 -1.04
CA ILE A 89 -31.17 -24.78 -1.89
C ILE A 89 -32.49 -24.03 -1.78
N ILE A 90 -32.97 -23.51 -2.91
CA ILE A 90 -34.32 -22.98 -2.98
C ILE A 90 -35.18 -23.97 -3.73
N SER A 91 -36.14 -24.59 -3.02
CA SER A 91 -36.88 -25.69 -3.59
C SER A 91 -38.37 -25.45 -3.36
N ARG A 92 -39.17 -26.13 -4.20
CA ARG A 92 -40.61 -26.06 -4.05
C ARG A 92 -41.12 -27.35 -3.45
N ASP A 93 -41.92 -27.27 -2.38
CA ASP A 93 -42.46 -28.45 -1.72
C ASP A 93 -43.69 -28.95 -2.47
N SER A 94 -44.28 -30.05 -2.00
CA SER A 94 -45.36 -30.68 -2.73
C SER A 94 -46.72 -30.09 -2.36
N LYS A 95 -46.72 -28.87 -1.79
CA LYS A 95 -47.94 -28.15 -1.46
C LYS A 95 -47.94 -26.77 -2.13
N GLY A 96 -46.89 -26.50 -2.91
CA GLY A 96 -46.81 -25.24 -3.63
C GLY A 96 -45.84 -24.27 -2.98
N GLY A 97 -45.54 -24.51 -1.70
CA GLY A 97 -44.72 -23.62 -0.89
C GLY A 97 -43.23 -23.69 -1.24
N ILE A 98 -42.50 -22.64 -0.83
CA ILE A 98 -41.12 -22.44 -1.21
C ILE A 98 -40.25 -22.40 0.05
N ARG A 99 -39.12 -23.11 0.00
CA ARG A 99 -38.17 -23.13 1.11
C ARG A 99 -36.78 -22.78 0.60
N ALA A 100 -36.01 -22.13 1.45
CA ALA A 100 -34.58 -22.00 1.29
C ALA A 100 -33.89 -22.74 2.43
N MET A 101 -32.94 -23.61 2.09
CA MET A 101 -32.24 -24.42 3.08
C MET A 101 -30.73 -24.30 2.88
N PHE A 102 -30.00 -24.05 3.96
CA PHE A 102 -28.55 -23.98 3.86
C PHE A 102 -28.09 -25.35 3.38
N ASN A 103 -27.21 -25.34 2.37
CA ASN A 103 -26.86 -26.52 1.61
C ASN A 103 -25.80 -27.30 2.36
N MET A 104 -26.22 -27.96 3.44
CA MET A 104 -25.29 -28.56 4.38
C MET A 104 -25.96 -29.67 5.16
N CYS A 105 -25.37 -30.87 5.10
CA CYS A 105 -25.79 -32.00 5.90
C CYS A 105 -25.56 -31.68 7.37
N LEU A 106 -26.46 -32.13 8.26
CA LEU A 106 -26.41 -31.77 9.67
C LEU A 106 -25.36 -32.54 10.46
N HIS A 107 -24.67 -33.50 9.83
CA HIS A 107 -23.75 -34.37 10.51
C HIS A 107 -22.34 -33.76 10.56
N ARG A 108 -21.58 -33.84 9.46
CA ARG A 108 -20.23 -33.28 9.41
C ARG A 108 -20.06 -32.35 8.21
N GLY A 109 -21.16 -31.74 7.74
CA GLY A 109 -21.10 -30.46 7.04
C GLY A 109 -20.97 -30.53 5.51
N MET A 110 -21.09 -31.73 4.92
CA MET A 110 -20.94 -31.90 3.49
C MET A 110 -22.15 -31.31 2.78
N GLN A 111 -21.94 -30.67 1.63
CA GLN A 111 -23.06 -30.15 0.87
C GLN A 111 -23.93 -31.31 0.40
N VAL A 112 -25.24 -31.11 0.51
CA VAL A 112 -26.19 -32.20 0.46
C VAL A 112 -26.82 -32.27 -0.91
N CYS A 113 -26.46 -31.26 -1.72
CA CYS A 113 -26.90 -31.17 -3.10
C CYS A 113 -25.84 -30.46 -3.95
N ARG A 114 -25.21 -31.18 -4.88
CA ARG A 114 -24.01 -30.67 -5.55
C ARG A 114 -24.29 -30.27 -6.98
N ALA A 115 -25.56 -30.11 -7.35
CA ALA A 115 -25.93 -29.62 -8.66
C ALA A 115 -26.46 -28.18 -8.55
N GLU A 116 -26.54 -27.46 -9.68
CA GLU A 116 -27.04 -26.09 -9.71
C GLU A 116 -28.57 -26.06 -9.65
N MET A 117 -29.21 -27.07 -10.22
CA MET A 117 -30.65 -27.16 -10.24
C MET A 117 -31.04 -28.57 -10.63
N GLY A 118 -32.30 -28.90 -10.38
CA GLY A 118 -32.84 -30.17 -10.78
C GLY A 118 -34.16 -30.44 -10.06
N ASN A 119 -34.53 -31.72 -9.99
CA ASN A 119 -35.77 -32.09 -9.34
C ASN A 119 -35.51 -33.35 -8.52
N ALA A 120 -35.81 -33.21 -7.23
CA ALA A 120 -35.64 -34.32 -6.31
C ALA A 120 -36.61 -34.14 -5.15
N SER A 121 -37.17 -35.28 -4.69
CA SER A 121 -38.01 -35.29 -3.50
C SER A 121 -37.20 -35.65 -2.25
N ASN A 122 -35.88 -35.77 -2.39
CA ASN A 122 -34.99 -35.91 -1.24
C ASN A 122 -33.51 -35.83 -1.65
N PHE A 123 -32.65 -35.53 -0.68
CA PHE A 123 -31.23 -35.36 -0.91
C PHE A 123 -30.47 -36.29 0.03
N ARG A 124 -29.69 -37.23 -0.54
CA ARG A 124 -28.81 -38.13 0.20
C ARG A 124 -27.44 -37.45 0.39
N CYS A 125 -26.88 -37.50 1.60
CA CYS A 125 -25.49 -37.11 1.78
C CYS A 125 -24.58 -38.32 1.58
N PRO A 126 -23.64 -38.28 0.61
CA PRO A 126 -22.84 -39.45 0.28
C PRO A 126 -21.70 -39.78 1.26
N TYR A 127 -21.46 -38.91 2.24
CA TYR A 127 -20.43 -39.16 3.25
C TYR A 127 -20.89 -40.29 4.18
N HIS A 128 -22.05 -40.14 4.82
CA HIS A 128 -22.50 -41.14 5.79
C HIS A 128 -23.95 -41.59 5.53
N GLY A 129 -24.63 -41.03 4.51
CA GLY A 129 -25.95 -41.50 4.10
C GLY A 129 -27.15 -40.92 4.87
N TRP A 130 -26.98 -39.77 5.54
CA TRP A 130 -28.14 -39.09 6.09
C TRP A 130 -28.97 -38.62 4.88
N SER A 131 -30.29 -38.51 5.07
CA SER A 131 -31.17 -38.21 3.96
C SER A 131 -32.27 -37.28 4.43
N TYR A 132 -32.71 -36.41 3.51
CA TYR A 132 -33.58 -35.32 3.84
C TYR A 132 -34.64 -35.19 2.75
N ARG A 133 -35.91 -35.12 3.16
CA ARG A 133 -37.00 -34.70 2.29
C ARG A 133 -36.69 -33.29 1.76
N ASN A 134 -37.31 -32.91 0.65
CA ASN A 134 -36.96 -31.68 -0.07
C ASN A 134 -37.56 -30.45 0.61
N ASP A 135 -38.36 -30.65 1.66
CA ASP A 135 -38.82 -29.57 2.51
C ASP A 135 -37.91 -29.42 3.75
N GLY A 136 -36.91 -30.31 3.85
CA GLY A 136 -35.78 -30.14 4.77
C GLY A 136 -35.72 -31.21 5.85
N ARG A 137 -36.85 -31.89 6.09
CA ARG A 137 -37.02 -32.75 7.25
C ARG A 137 -36.15 -33.99 7.06
N ILE A 138 -35.40 -34.33 8.11
CA ILE A 138 -34.50 -35.47 8.10
C ILE A 138 -35.31 -36.75 8.02
N ILE A 139 -34.87 -37.68 7.17
CA ILE A 139 -35.47 -39.00 7.09
C ILE A 139 -34.50 -40.05 7.69
N GLY A 140 -33.53 -40.48 6.88
CA GLY A 140 -32.54 -41.46 7.30
C GLY A 140 -31.43 -40.82 8.14
N LEU A 141 -31.20 -41.41 9.32
CA LEU A 141 -30.02 -41.17 10.12
C LEU A 141 -29.54 -42.55 10.57
N PRO A 142 -28.61 -43.16 9.81
CA PRO A 142 -28.13 -44.52 10.09
C PRO A 142 -27.51 -44.72 11.48
N PHE A 143 -27.97 -45.79 12.14
CA PHE A 143 -27.49 -46.22 13.45
C PHE A 143 -27.66 -45.15 14.53
N HIS A 144 -28.68 -44.30 14.37
CA HIS A 144 -29.05 -43.33 15.39
C HIS A 144 -29.14 -44.03 16.74
N GLU A 145 -29.82 -45.19 16.77
CA GLU A 145 -30.14 -45.85 18.04
C GLU A 145 -28.86 -46.53 18.58
N GLU A 146 -28.20 -47.28 17.71
CA GLU A 146 -27.09 -48.10 18.18
C GLU A 146 -25.86 -47.25 18.47
N ALA A 147 -25.61 -46.18 17.68
CA ALA A 147 -24.32 -45.51 17.68
C ALA A 147 -24.37 -44.19 18.45
N TYR A 148 -25.39 -43.36 18.20
CA TYR A 148 -25.55 -42.10 18.92
C TYR A 148 -26.16 -42.34 20.31
N GLY A 149 -26.96 -43.39 20.46
CA GLY A 149 -27.65 -43.68 21.70
C GLY A 149 -29.03 -43.02 21.76
N GLY A 150 -29.59 -42.78 20.56
CA GLY A 150 -30.92 -42.22 20.39
C GLY A 150 -30.95 -40.71 20.54
N GLU A 151 -32.09 -40.22 21.04
CA GLU A 151 -32.39 -38.80 21.12
C GLU A 151 -31.50 -38.06 22.11
N GLU A 152 -30.99 -38.79 23.12
CA GLU A 152 -30.19 -38.19 24.18
C GLU A 152 -28.77 -37.95 23.67
N GLY A 153 -28.42 -38.59 22.56
CA GLY A 153 -27.11 -38.44 21.95
C GLY A 153 -27.13 -37.35 20.88
N PHE A 154 -28.10 -37.44 19.99
CA PHE A 154 -28.27 -36.51 18.90
C PHE A 154 -29.76 -36.34 18.64
N LYS A 155 -30.20 -35.09 18.47
CA LYS A 155 -31.61 -34.77 18.30
C LYS A 155 -31.96 -34.90 16.82
N LYS A 156 -32.81 -35.89 16.52
CA LYS A 156 -33.33 -36.18 15.19
C LYS A 156 -34.79 -35.77 15.07
N LYS A 157 -35.54 -35.94 16.15
CA LYS A 157 -36.97 -35.70 16.16
C LYS A 157 -37.24 -34.27 15.67
N GLY A 158 -37.87 -34.16 14.50
CA GLY A 158 -38.30 -32.89 13.96
C GLY A 158 -37.13 -32.00 13.54
N GLN A 159 -35.98 -32.58 13.19
CA GLN A 159 -34.85 -31.83 12.68
C GLN A 159 -35.06 -31.57 11.18
N THR A 160 -34.39 -30.52 10.69
CA THR A 160 -34.38 -30.14 9.28
C THR A 160 -33.01 -29.61 8.90
N LEU A 161 -32.72 -29.60 7.61
CA LEU A 161 -31.68 -28.74 7.09
C LEU A 161 -31.92 -27.33 7.65
N LEU A 162 -30.85 -26.55 7.86
CA LEU A 162 -30.98 -25.25 8.49
C LEU A 162 -31.70 -24.26 7.57
N PRO A 163 -32.73 -23.55 8.07
CA PRO A 163 -33.33 -22.43 7.34
C PRO A 163 -32.34 -21.31 7.14
N ALA A 164 -32.49 -20.60 6.02
CA ALA A 164 -31.77 -19.35 5.86
C ALA A 164 -32.04 -18.53 7.11
N PRO A 165 -31.11 -17.68 7.53
CA PRO A 165 -31.33 -16.85 8.70
C PRO A 165 -32.62 -16.05 8.61
N ASN A 166 -32.97 -15.64 7.39
CA ASN A 166 -34.17 -14.86 7.13
C ASN A 166 -34.54 -14.98 5.64
N LEU A 167 -35.84 -15.18 5.38
CA LEU A 167 -36.32 -15.49 4.04
C LEU A 167 -37.67 -14.84 3.86
N ASP A 168 -37.93 -14.36 2.65
CA ASP A 168 -39.09 -13.53 2.37
C ASP A 168 -39.11 -13.40 0.85
N SER A 169 -40.23 -12.90 0.29
CA SER A 169 -40.31 -12.59 -1.13
C SER A 169 -41.35 -11.51 -1.43
N TYR A 170 -41.24 -10.95 -2.64
CA TYR A 170 -42.19 -9.96 -3.15
C TYR A 170 -42.26 -10.04 -4.68
N ASN A 171 -43.50 -10.14 -5.21
CA ASN A 171 -43.77 -10.44 -6.62
C ASN A 171 -42.98 -11.67 -7.09
N GLY A 172 -42.79 -12.63 -6.17
CA GLY A 172 -42.17 -13.90 -6.51
C GLY A 172 -40.66 -13.84 -6.55
N MET A 173 -40.10 -12.68 -6.22
CA MET A 173 -38.66 -12.53 -6.09
C MET A 173 -38.26 -12.81 -4.65
N ILE A 174 -37.43 -13.83 -4.48
CA ILE A 174 -37.08 -14.39 -3.19
C ILE A 174 -35.79 -13.76 -2.70
N PHE A 175 -35.83 -13.26 -1.47
CA PHE A 175 -34.63 -12.69 -0.89
C PHE A 175 -34.17 -13.45 0.35
N ILE A 176 -32.83 -13.42 0.56
CA ILE A 176 -32.26 -13.86 1.83
C ILE A 176 -31.56 -12.69 2.51
N ASN A 177 -31.68 -12.70 3.84
CA ASN A 177 -31.05 -11.74 4.70
C ASN A 177 -30.35 -12.49 5.85
N MET A 178 -29.08 -12.20 6.07
CA MET A 178 -28.29 -13.02 6.98
C MET A 178 -28.51 -12.54 8.41
N ASP A 179 -29.02 -11.31 8.61
CA ASP A 179 -29.38 -10.84 9.94
C ASP A 179 -30.66 -11.59 10.33
N PRO A 180 -30.65 -12.45 11.38
CA PRO A 180 -31.90 -13.04 11.88
C PRO A 180 -32.91 -12.09 12.53
N ASN A 181 -32.56 -10.81 12.69
CA ASN A 181 -33.47 -9.80 13.21
C ASN A 181 -33.62 -8.62 12.27
N ALA A 182 -33.43 -8.85 10.96
CA ALA A 182 -33.71 -7.83 9.97
C ALA A 182 -35.19 -7.45 10.02
N GLU A 183 -35.51 -6.26 9.51
CA GLU A 183 -36.89 -5.94 9.21
C GLU A 183 -37.34 -6.82 8.04
N SER A 184 -38.67 -6.90 7.85
CA SER A 184 -39.27 -7.65 6.75
C SER A 184 -38.90 -7.03 5.39
N LEU A 185 -38.90 -7.85 4.33
CA LEU A 185 -38.55 -7.38 3.01
C LEU A 185 -39.41 -6.17 2.64
N SER A 186 -40.71 -6.22 2.98
CA SER A 186 -41.66 -5.20 2.54
C SER A 186 -41.32 -3.87 3.21
N ASP A 187 -40.94 -3.96 4.51
CA ASP A 187 -40.53 -2.79 5.29
C ASP A 187 -39.28 -2.21 4.65
N TYR A 188 -38.36 -3.10 4.27
CA TYR A 188 -37.08 -2.68 3.75
C TYR A 188 -37.29 -1.98 2.42
N LEU A 189 -38.08 -2.59 1.55
CA LEU A 189 -38.25 -2.12 0.18
C LEU A 189 -39.05 -0.81 0.16
N GLY A 190 -39.99 -0.67 1.09
CA GLY A 190 -40.73 0.57 1.28
C GLY A 190 -41.50 1.01 0.05
N ASP A 191 -41.47 2.32 -0.22
CA ASP A 191 -42.12 2.91 -1.38
C ASP A 191 -41.60 2.34 -2.70
N PHE A 192 -40.42 1.69 -2.69
CA PHE A 192 -39.82 1.28 -3.93
C PHE A 192 -40.67 0.22 -4.62
N LYS A 193 -41.42 -0.57 -3.84
CA LYS A 193 -42.26 -1.62 -4.42
C LYS A 193 -43.16 -1.06 -5.55
N PHE A 194 -43.54 0.23 -5.48
CA PHE A 194 -44.33 0.92 -6.49
C PHE A 194 -43.70 0.75 -7.87
N TYR A 195 -42.38 0.99 -7.93
CA TYR A 195 -41.62 0.88 -9.17
C TYR A 195 -41.27 -0.58 -9.48
N LEU A 196 -41.04 -1.38 -8.45
CA LEU A 196 -40.64 -2.77 -8.66
C LEU A 196 -41.72 -3.55 -9.41
N ASP A 197 -42.98 -3.22 -9.12
CA ASP A 197 -44.16 -3.78 -9.76
C ASP A 197 -44.14 -3.55 -11.27
N TYR A 198 -43.69 -2.38 -11.75
CA TYR A 198 -43.59 -2.16 -13.17
C TYR A 198 -42.74 -3.28 -13.80
N TYR A 199 -41.66 -3.69 -13.13
CA TYR A 199 -40.73 -4.63 -13.72
C TYR A 199 -41.22 -6.08 -13.54
N THR A 200 -42.03 -6.36 -12.50
CA THR A 200 -42.23 -7.72 -12.03
C THR A 200 -43.68 -8.13 -11.73
N LYS A 201 -44.65 -7.24 -11.85
CA LYS A 201 -46.05 -7.59 -11.67
C LYS A 201 -46.83 -6.88 -12.76
N GLN A 202 -46.93 -7.52 -13.93
CA GLN A 202 -47.65 -6.97 -15.06
C GLN A 202 -49.03 -7.61 -15.26
N SER A 203 -49.34 -8.63 -14.45
CA SER A 203 -50.56 -9.41 -14.59
C SER A 203 -50.82 -10.10 -13.27
N GLU A 204 -52.05 -10.58 -13.11
CA GLU A 204 -52.40 -11.44 -12.01
C GLU A 204 -51.77 -12.82 -12.18
N SER A 205 -51.15 -13.09 -13.34
CA SER A 205 -50.54 -14.38 -13.65
C SER A 205 -49.16 -14.52 -13.01
N GLY A 206 -48.51 -13.39 -12.74
CA GLY A 206 -47.16 -13.42 -12.20
C GLY A 206 -46.09 -13.29 -13.27
N LEU A 207 -44.84 -13.45 -12.85
CA LEU A 207 -43.70 -13.26 -13.74
C LEU A 207 -43.08 -14.62 -14.10
N GLU A 208 -42.38 -14.64 -15.24
CA GLU A 208 -41.61 -15.80 -15.68
C GLU A 208 -40.14 -15.38 -15.84
N VAL A 209 -39.27 -15.85 -14.95
CA VAL A 209 -37.87 -15.49 -15.15
C VAL A 209 -37.09 -16.76 -15.47
N ARG A 210 -36.10 -16.60 -16.37
CA ARG A 210 -35.32 -17.67 -16.93
C ARG A 210 -33.85 -17.27 -16.79
N GLY A 211 -33.01 -18.27 -16.53
CA GLY A 211 -31.58 -18.03 -16.46
C GLY A 211 -30.96 -18.69 -15.24
N PRO A 212 -29.90 -18.13 -14.65
CA PRO A 212 -29.16 -17.00 -15.22
C PRO A 212 -28.01 -17.40 -16.11
N GLN A 213 -27.62 -16.49 -17.01
CA GLN A 213 -26.29 -16.46 -17.58
C GLN A 213 -25.32 -15.98 -16.50
N ARG A 214 -24.17 -16.63 -16.38
CA ARG A 214 -23.24 -16.32 -15.32
C ARG A 214 -21.83 -16.25 -15.87
N TRP A 215 -21.14 -15.15 -15.55
CA TRP A 215 -19.78 -14.92 -16.00
C TRP A 215 -19.09 -13.96 -15.04
N ARG A 216 -17.75 -14.03 -15.01
CA ARG A 216 -16.91 -13.26 -14.10
C ARG A 216 -16.34 -12.01 -14.77
N VAL A 217 -16.46 -10.87 -14.10
CA VAL A 217 -15.92 -9.61 -14.58
C VAL A 217 -15.00 -9.04 -13.50
N LYS A 218 -13.94 -8.34 -13.90
CA LYS A 218 -12.99 -7.75 -12.97
C LYS A 218 -13.38 -6.29 -12.73
N ALA A 219 -14.51 -6.16 -12.03
CA ALA A 219 -15.07 -4.86 -11.71
C ALA A 219 -15.77 -4.94 -10.36
N ASN A 220 -15.65 -3.87 -9.59
CA ASN A 220 -16.22 -3.85 -8.27
C ASN A 220 -17.75 -3.94 -8.34
N TRP A 221 -18.37 -4.72 -7.44
CA TRP A 221 -19.82 -4.91 -7.48
C TRP A 221 -20.57 -3.57 -7.57
N LYS A 222 -20.02 -2.52 -6.94
CA LYS A 222 -20.73 -1.28 -6.70
C LYS A 222 -20.93 -0.53 -8.00
N ILE A 223 -20.03 -0.69 -8.97
CA ILE A 223 -20.04 0.26 -10.08
C ILE A 223 -21.28 0.01 -10.92
N GLY A 224 -21.52 -1.25 -11.31
CA GLY A 224 -22.75 -1.65 -11.97
C GLY A 224 -24.02 -1.17 -11.23
N ALA A 225 -24.06 -1.36 -9.91
CA ALA A 225 -25.23 -0.97 -9.14
C ALA A 225 -25.48 0.52 -9.28
N GLU A 226 -24.43 1.33 -9.28
CA GLU A 226 -24.56 2.78 -9.40
C GLU A 226 -24.99 3.18 -10.80
N ASN A 227 -24.43 2.49 -11.79
CA ASN A 227 -24.75 2.72 -13.19
C ASN A 227 -26.26 2.61 -13.43
N PHE A 228 -26.82 1.47 -13.03
CA PHE A 228 -28.22 1.16 -13.27
C PHE A 228 -29.17 2.01 -12.41
N ALA A 229 -28.66 2.46 -11.25
CA ALA A 229 -29.42 3.27 -10.32
C ALA A 229 -29.80 4.63 -10.93
N GLY A 230 -28.91 5.26 -11.68
CA GLY A 230 -29.29 6.51 -12.32
C GLY A 230 -28.22 7.10 -13.22
N ASP A 231 -27.61 6.27 -14.05
CA ASP A 231 -26.71 6.81 -15.07
C ASP A 231 -27.37 6.79 -16.44
N MET A 232 -28.10 7.85 -16.75
CA MET A 232 -28.55 8.17 -18.10
C MET A 232 -27.39 8.74 -18.93
N TYR A 233 -26.52 9.51 -18.27
CA TYR A 233 -25.53 10.34 -18.94
C TYR A 233 -24.70 9.49 -19.88
N HIS A 234 -24.48 8.21 -19.54
CA HIS A 234 -23.53 7.37 -20.25
C HIS A 234 -24.06 6.95 -21.62
N THR A 235 -25.39 6.89 -21.75
CA THR A 235 -26.06 6.10 -22.77
C THR A 235 -25.64 6.56 -24.17
N PRO A 236 -25.86 7.83 -24.59
CA PRO A 236 -25.36 8.31 -25.88
C PRO A 236 -23.96 7.85 -26.27
N GLN A 237 -22.99 8.03 -25.37
CA GLN A 237 -21.60 7.79 -25.73
C GLN A 237 -21.31 6.30 -25.70
N THR A 238 -21.67 5.62 -24.60
CA THR A 238 -21.24 4.24 -24.44
C THR A 238 -21.90 3.42 -25.55
N HIS A 239 -23.18 3.69 -25.79
CA HIS A 239 -23.98 2.83 -26.65
C HIS A 239 -24.25 3.38 -28.07
N THR A 240 -23.42 4.28 -28.63
CA THR A 240 -23.62 4.76 -30.00
C THR A 240 -23.71 3.56 -30.93
N SER A 241 -22.78 2.64 -30.78
CA SER A 241 -22.63 1.53 -31.72
C SER A 241 -24.00 0.90 -32.01
N VAL A 242 -24.88 0.93 -31.01
CA VAL A 242 -26.12 0.20 -31.05
C VAL A 242 -27.18 1.01 -31.80
N VAL A 243 -27.11 2.34 -31.68
CA VAL A 243 -27.98 3.23 -32.47
C VAL A 243 -27.54 3.18 -33.92
N GLU A 244 -26.23 3.36 -34.15
CA GLU A 244 -25.66 3.42 -35.49
C GLU A 244 -26.05 2.21 -36.34
N ILE A 245 -26.22 1.03 -35.72
CA ILE A 245 -26.57 -0.19 -36.45
C ILE A 245 -28.10 -0.29 -36.53
N GLY A 246 -28.80 0.77 -36.13
CA GLY A 246 -30.21 0.91 -36.47
C GLY A 246 -31.14 0.00 -35.68
N LEU A 247 -30.73 -0.39 -34.48
CA LEU A 247 -31.48 -1.30 -33.66
C LEU A 247 -32.49 -0.55 -32.78
N PHE A 248 -32.62 0.78 -32.95
CA PHE A 248 -33.52 1.63 -32.18
C PHE A 248 -34.14 2.75 -33.04
N ARG A 249 -35.38 3.16 -32.71
CA ARG A 249 -36.28 3.80 -33.66
C ARG A 249 -35.83 5.23 -34.01
N LYS A 255 -33.66 14.07 -26.11
CA LYS A 255 -34.85 13.45 -25.46
C LYS A 255 -34.45 12.44 -24.39
N ARG A 256 -33.15 12.09 -24.30
CA ARG A 256 -32.67 11.20 -23.24
C ARG A 256 -32.64 11.95 -21.91
N LYS A 257 -32.10 13.18 -21.96
CA LYS A 257 -32.10 14.12 -20.85
C LYS A 257 -33.51 14.41 -20.32
N ASP A 258 -34.54 14.24 -21.17
CA ASP A 258 -35.91 14.54 -20.79
C ASP A 258 -36.50 13.51 -19.86
N GLY A 259 -35.89 12.31 -19.78
CA GLY A 259 -36.32 11.27 -18.86
C GLY A 259 -36.22 11.72 -17.41
N ALA A 260 -37.07 11.14 -16.57
CA ALA A 260 -37.01 11.39 -15.14
C ALA A 260 -36.12 10.35 -14.47
N THR A 261 -35.39 10.81 -13.44
CA THR A 261 -34.73 9.87 -12.53
C THR A 261 -35.39 9.99 -11.15
N TYR A 262 -35.69 8.83 -10.54
CA TYR A 262 -36.50 8.79 -9.34
C TYR A 262 -35.80 7.93 -8.29
N TRP A 263 -36.11 8.22 -7.01
CA TRP A 263 -35.58 7.47 -5.88
C TRP A 263 -36.66 7.32 -4.79
N ALA A 264 -36.94 6.08 -4.38
CA ALA A 264 -37.88 5.85 -3.32
C ALA A 264 -37.40 4.66 -2.49
N GLY A 265 -37.39 4.87 -1.16
CA GLY A 265 -36.89 3.87 -0.23
C GLY A 265 -35.42 3.54 -0.48
N PRO A 266 -35.07 2.24 -0.57
CA PRO A 266 -33.68 1.81 -0.80
C PRO A 266 -33.25 1.61 -2.26
N GLY A 267 -34.05 2.10 -3.20
CA GLY A 267 -33.74 1.95 -4.60
C GLY A 267 -34.07 3.18 -5.43
N GLY A 268 -33.55 3.15 -6.66
CA GLY A 268 -33.78 4.22 -7.59
C GLY A 268 -33.62 3.74 -9.02
N GLY A 269 -33.90 4.68 -9.93
CA GLY A 269 -34.10 4.32 -11.33
C GLY A 269 -34.14 5.49 -12.31
N THR A 270 -34.06 5.05 -13.57
CA THR A 270 -34.05 5.86 -14.78
C THR A 270 -35.35 5.60 -15.53
N THR A 271 -35.79 6.57 -16.34
CA THR A 271 -36.96 6.40 -17.19
C THR A 271 -36.84 7.22 -18.47
N TYR A 272 -37.70 6.88 -19.44
CA TYR A 272 -37.76 7.55 -20.72
C TYR A 272 -39.02 8.39 -20.77
N LYS A 273 -38.88 9.60 -21.31
CA LYS A 273 -40.04 10.43 -21.56
C LYS A 273 -40.68 9.95 -22.86
N LEU A 274 -42.00 9.69 -22.83
CA LEU A 274 -42.73 9.20 -23.99
C LEU A 274 -43.53 10.33 -24.62
N PRO A 275 -43.81 10.26 -25.94
CA PRO A 275 -44.68 11.25 -26.58
C PRO A 275 -46.02 11.32 -25.87
N ASP A 276 -46.77 12.40 -26.13
CA ASP A 276 -48.07 12.64 -25.53
C ASP A 276 -49.01 11.51 -25.90
N GLY A 277 -49.84 11.13 -24.96
CA GLY A 277 -50.73 10.01 -25.17
C GLY A 277 -51.34 9.55 -23.85
N THR A 278 -52.29 8.62 -23.98
CA THR A 278 -52.92 8.03 -22.84
C THR A 278 -52.08 6.83 -22.39
N PHE A 279 -52.48 6.27 -21.25
CA PHE A 279 -51.92 5.02 -20.77
C PHE A 279 -51.85 3.97 -21.88
N ASP A 280 -52.93 3.69 -22.64
CA ASP A 280 -52.87 2.58 -23.60
C ASP A 280 -51.94 2.92 -24.76
N GLU A 281 -52.03 4.17 -25.23
CA GLU A 281 -51.18 4.67 -26.30
C GLU A 281 -49.71 4.55 -25.92
N ARG A 282 -49.36 4.87 -24.68
CA ARG A 282 -47.94 4.92 -24.33
C ARG A 282 -47.41 3.53 -24.05
N MET A 283 -48.18 2.66 -23.41
CA MET A 283 -47.80 1.26 -23.29
C MET A 283 -47.66 0.62 -24.66
N GLN A 284 -48.60 0.92 -25.57
CA GLN A 284 -48.54 0.34 -26.91
C GLN A 284 -47.33 0.88 -27.66
N TYR A 285 -46.98 2.15 -27.43
CA TYR A 285 -45.95 2.82 -28.21
C TYR A 285 -44.59 2.17 -27.95
N VAL A 286 -44.54 1.38 -26.89
CA VAL A 286 -43.31 0.84 -26.36
C VAL A 286 -43.26 -0.67 -26.64
N GLY A 287 -44.39 -1.28 -27.06
CA GLY A 287 -44.40 -2.62 -27.63
C GLY A 287 -45.33 -3.57 -26.91
N TYR A 288 -46.03 -3.11 -25.88
CA TYR A 288 -46.95 -4.00 -25.21
C TYR A 288 -48.19 -4.17 -26.09
N THR A 289 -48.73 -5.39 -26.12
CA THR A 289 -49.98 -5.61 -26.82
C THR A 289 -51.11 -4.95 -26.03
N ALA A 290 -52.31 -4.91 -26.63
CA ALA A 290 -53.42 -4.24 -25.99
C ALA A 290 -53.95 -5.08 -24.83
N GLU A 291 -53.94 -6.41 -24.96
CA GLU A 291 -54.51 -7.25 -23.92
C GLU A 291 -53.49 -7.33 -22.79
N MET A 292 -52.21 -7.05 -23.12
CA MET A 292 -51.15 -6.96 -22.11
C MET A 292 -51.31 -5.68 -21.32
N THR A 293 -51.48 -4.55 -22.04
CA THR A 293 -51.81 -3.27 -21.42
C THR A 293 -53.04 -3.40 -20.51
N ASP A 294 -54.07 -4.13 -20.94
CA ASP A 294 -55.28 -4.28 -20.14
C ASP A 294 -54.97 -5.07 -18.87
N ARG A 295 -54.23 -6.16 -19.01
CA ARG A 295 -53.94 -7.02 -17.87
C ARG A 295 -53.12 -6.27 -16.82
N ALA A 296 -52.28 -5.31 -17.27
CA ALA A 296 -51.48 -4.44 -16.41
C ALA A 296 -52.35 -3.56 -15.51
N LYS A 297 -53.41 -3.00 -16.11
CA LYS A 297 -54.34 -2.11 -15.42
C LYS A 297 -55.09 -2.86 -14.34
N GLU A 298 -55.25 -4.16 -14.51
CA GLU A 298 -55.86 -4.94 -13.45
C GLU A 298 -54.99 -4.92 -12.19
N VAL A 299 -53.66 -4.71 -12.28
CA VAL A 299 -52.82 -4.91 -11.11
C VAL A 299 -52.13 -3.61 -10.67
N TRP A 300 -51.95 -2.65 -11.58
CA TRP A 300 -51.37 -1.37 -11.21
C TRP A 300 -52.46 -0.42 -10.73
N SER A 301 -52.07 0.36 -9.73
CA SER A 301 -52.93 1.31 -9.07
C SER A 301 -53.06 2.54 -9.96
N ASP A 302 -54.03 3.41 -9.61
CA ASP A 302 -54.32 4.58 -10.43
C ASP A 302 -53.04 5.41 -10.47
N GLU A 303 -52.32 5.45 -9.35
CA GLU A 303 -51.11 6.27 -9.32
C GLU A 303 -50.02 5.67 -10.20
N GLN A 304 -49.85 4.35 -10.14
CA GLN A 304 -48.84 3.65 -10.93
C GLN A 304 -49.11 3.87 -12.42
N GLN A 305 -50.39 3.85 -12.81
CA GLN A 305 -50.81 4.16 -14.17
C GLN A 305 -50.46 5.60 -14.54
N ARG A 306 -50.79 6.55 -13.67
CA ARG A 306 -50.64 7.96 -14.01
C ARG A 306 -49.19 8.30 -14.33
N VAL A 307 -48.19 7.62 -13.76
CA VAL A 307 -46.80 7.94 -14.07
C VAL A 307 -46.47 7.66 -15.56
N ILE A 308 -46.98 6.54 -16.08
CA ILE A 308 -46.88 6.26 -17.50
C ILE A 308 -47.89 7.14 -18.23
N GLY A 309 -49.15 7.10 -17.78
CA GLY A 309 -50.26 7.67 -18.53
C GLY A 309 -50.21 9.18 -18.67
N ALA A 310 -50.11 9.89 -17.54
CA ALA A 310 -50.13 11.34 -17.48
C ALA A 310 -48.70 11.91 -17.55
N ASP A 311 -47.83 11.42 -16.68
CA ASP A 311 -46.49 11.99 -16.52
C ASP A 311 -45.60 11.58 -17.69
N GLY A 312 -45.86 10.39 -18.23
CA GLY A 312 -45.18 9.97 -19.44
C GLY A 312 -43.74 9.53 -19.20
N PHE A 313 -43.55 8.79 -18.11
CA PHE A 313 -42.25 8.25 -17.74
C PHE A 313 -42.36 6.73 -17.72
N MET A 314 -41.60 6.07 -18.58
CA MET A 314 -41.60 4.62 -18.66
C MET A 314 -40.29 4.09 -18.08
N ILE A 315 -40.38 3.07 -17.23
CA ILE A 315 -39.21 2.55 -16.52
C ILE A 315 -38.12 2.16 -17.53
N SER A 316 -36.86 2.44 -17.14
CA SER A 316 -35.70 2.03 -17.91
C SER A 316 -34.81 1.16 -17.04
N ALA A 317 -33.79 1.74 -16.40
CA ALA A 317 -32.97 0.98 -15.46
C ALA A 317 -33.32 1.32 -14.03
N ALA A 318 -32.89 0.44 -13.11
CA ALA A 318 -33.08 0.65 -11.68
C ALA A 318 -32.16 -0.26 -10.89
N SER A 319 -31.80 0.20 -9.70
CA SER A 319 -31.01 -0.60 -8.79
C SER A 319 -31.72 -0.60 -7.45
N VAL A 320 -31.61 -1.71 -6.71
CA VAL A 320 -32.01 -1.77 -5.32
C VAL A 320 -30.80 -2.06 -4.45
N PHE A 321 -30.67 -1.30 -3.37
CA PHE A 321 -29.51 -1.50 -2.51
C PHE A 321 -29.45 -2.95 -2.00
N PRO A 322 -28.27 -3.60 -1.95
CA PRO A 322 -27.04 -3.11 -2.59
C PRO A 322 -26.69 -3.52 -4.02
N ASN A 323 -27.12 -4.73 -4.44
CA ASN A 323 -26.55 -5.36 -5.63
C ASN A 323 -27.60 -5.96 -6.59
N LEU A 324 -28.85 -5.49 -6.54
CA LEU A 324 -29.88 -5.97 -7.43
C LEU A 324 -30.20 -4.86 -8.43
N SER A 325 -30.36 -5.22 -9.70
CA SER A 325 -30.62 -4.26 -10.76
C SER A 325 -31.59 -4.83 -11.82
N PHE A 326 -32.21 -3.87 -12.53
CA PHE A 326 -33.22 -4.10 -13.53
C PHE A 326 -32.91 -3.28 -14.78
N VAL A 327 -33.33 -3.77 -15.94
CA VAL A 327 -33.35 -2.92 -17.12
C VAL A 327 -34.51 -3.33 -18.01
N HIS A 328 -35.12 -2.30 -18.62
CA HIS A 328 -36.32 -2.44 -19.43
C HIS A 328 -36.13 -1.56 -20.65
N ASN A 329 -36.05 -2.20 -21.82
CA ASN A 329 -35.82 -1.49 -23.04
C ASN A 329 -36.67 -2.09 -24.14
N TRP A 330 -36.83 -1.31 -25.22
CA TRP A 330 -37.68 -1.71 -26.33
C TRP A 330 -36.95 -1.43 -27.64
N PRO A 331 -36.04 -2.33 -28.08
CA PRO A 331 -35.42 -2.17 -29.39
C PRO A 331 -36.41 -2.48 -30.51
N LYS A 332 -36.04 -2.05 -31.72
CA LYS A 332 -36.76 -2.43 -32.93
C LYS A 332 -36.65 -3.94 -33.13
N VAL A 333 -37.70 -4.49 -33.73
CA VAL A 333 -37.85 -5.92 -33.92
C VAL A 333 -37.12 -6.27 -35.21
N GLU A 334 -36.89 -7.56 -35.41
CA GLU A 334 -36.20 -8.04 -36.60
CA GLU A 334 -36.20 -8.04 -36.60
C GLU A 334 -36.95 -7.62 -37.86
N ASP A 335 -38.11 -8.25 -38.13
CA ASP A 335 -38.70 -8.01 -39.45
C ASP A 335 -39.69 -6.85 -39.38
N GLY A 336 -39.13 -5.65 -39.21
CA GLY A 336 -39.83 -4.40 -39.44
C GLY A 336 -39.40 -3.31 -38.47
N ASP A 337 -40.29 -2.31 -38.30
CA ASP A 337 -40.01 -1.09 -37.56
C ASP A 337 -40.81 -0.95 -36.26
N ASP A 338 -41.65 -1.94 -35.91
CA ASP A 338 -42.25 -2.03 -34.60
C ASP A 338 -41.14 -2.11 -33.55
N VAL A 339 -41.49 -1.88 -32.28
CA VAL A 339 -40.54 -2.12 -31.21
C VAL A 339 -41.15 -3.14 -30.28
N LEU A 340 -40.32 -3.80 -29.48
CA LEU A 340 -40.84 -4.74 -28.52
C LEU A 340 -39.94 -4.80 -27.28
N PRO A 341 -40.54 -4.67 -26.08
CA PRO A 341 -39.79 -4.62 -24.83
C PRO A 341 -39.29 -5.93 -24.28
N PHE A 342 -38.22 -5.81 -23.50
CA PHE A 342 -37.66 -6.90 -22.75
C PHE A 342 -37.25 -6.40 -21.38
N ILE A 343 -37.25 -7.32 -20.40
CA ILE A 343 -36.82 -7.05 -19.05
C ILE A 343 -35.66 -7.97 -18.67
N SER A 344 -34.69 -7.40 -17.96
CA SER A 344 -33.67 -8.20 -17.30
C SER A 344 -33.59 -7.88 -15.80
N ILE A 345 -33.42 -8.94 -15.03
CA ILE A 345 -33.07 -8.86 -13.63
C ILE A 345 -31.66 -9.44 -13.52
N ARG A 346 -30.82 -8.74 -12.74
CA ARG A 346 -29.44 -9.17 -12.57
C ARG A 346 -29.01 -8.94 -11.12
N LEU A 347 -28.22 -9.90 -10.61
CA LEU A 347 -27.53 -9.77 -9.35
C LEU A 347 -26.05 -9.50 -9.62
N TRP A 348 -25.49 -8.54 -8.89
CA TRP A 348 -24.06 -8.29 -8.80
C TRP A 348 -23.53 -9.03 -7.57
N GLN A 349 -23.02 -10.24 -7.77
CA GLN A 349 -22.50 -11.07 -6.68
C GLN A 349 -21.02 -10.76 -6.52
N PRO A 350 -20.55 -10.31 -5.35
CA PRO A 350 -19.18 -9.83 -5.21
C PRO A 350 -18.20 -10.94 -4.87
N ILE A 351 -17.07 -11.03 -5.57
CA ILE A 351 -16.16 -12.15 -5.35
C ILE A 351 -14.98 -11.65 -4.54
N SER A 352 -14.46 -10.50 -4.94
CA SER A 352 -13.41 -9.83 -4.19
C SER A 352 -13.64 -8.34 -4.28
N GLU A 353 -12.63 -7.58 -3.88
CA GLU A 353 -12.62 -6.13 -4.05
C GLU A 353 -12.64 -5.77 -5.54
N ASN A 354 -12.21 -6.67 -6.43
CA ASN A 354 -12.06 -6.34 -7.83
C ASN A 354 -12.61 -7.45 -8.75
N GLU A 355 -13.65 -8.17 -8.30
CA GLU A 355 -14.27 -9.17 -9.16
C GLU A 355 -15.74 -9.30 -8.77
N THR A 356 -16.58 -9.54 -9.77
CA THR A 356 -18.01 -9.71 -9.59
C THR A 356 -18.40 -10.87 -10.48
N GLU A 357 -19.38 -11.64 -10.04
CA GLU A 357 -20.09 -12.55 -10.91
C GLU A 357 -21.43 -11.92 -11.29
N VAL A 358 -21.62 -11.60 -12.58
CA VAL A 358 -22.91 -11.14 -13.03
C VAL A 358 -23.82 -12.35 -13.16
N LEU A 359 -24.99 -12.29 -12.51
CA LEU A 359 -26.06 -13.24 -12.79
C LEU A 359 -27.19 -12.54 -13.53
N SER A 360 -27.23 -12.71 -14.86
CA SER A 360 -28.26 -12.04 -15.63
C SER A 360 -29.41 -12.99 -15.92
N PHE A 361 -30.63 -12.51 -15.62
CA PHE A 361 -31.88 -13.18 -15.95
C PHE A 361 -32.68 -12.43 -17.03
N PHE A 362 -33.46 -13.21 -17.77
CA PHE A 362 -34.51 -12.63 -18.59
C PHE A 362 -35.84 -12.73 -17.86
N ALA A 363 -36.74 -11.79 -18.16
CA ALA A 363 -38.06 -11.88 -17.56
C ALA A 363 -39.11 -11.25 -18.45
N VAL A 364 -40.27 -11.90 -18.45
CA VAL A 364 -41.42 -11.49 -19.22
C VAL A 364 -42.67 -11.96 -18.49
N ASP A 365 -43.77 -11.21 -18.70
CA ASP A 365 -45.04 -11.56 -18.08
C ASP A 365 -45.51 -12.93 -18.60
N ARG A 366 -45.94 -13.79 -17.67
CA ARG A 366 -46.29 -15.16 -17.97
C ARG A 366 -47.44 -15.22 -18.96
N SER A 367 -48.31 -14.19 -18.98
CA SER A 367 -49.48 -14.24 -19.85
C SER A 367 -49.21 -13.62 -21.22
N ALA A 368 -47.96 -13.24 -21.49
CA ALA A 368 -47.61 -12.66 -22.77
C ALA A 368 -47.75 -13.73 -23.86
N PRO A 369 -48.14 -13.34 -25.10
CA PRO A 369 -48.19 -14.31 -26.19
C PRO A 369 -46.84 -15.01 -26.33
N GLU A 370 -46.92 -16.28 -26.72
CA GLU A 370 -45.76 -17.12 -26.97
C GLU A 370 -44.84 -16.48 -28.00
N GLU A 371 -45.40 -15.81 -29.02
CA GLU A 371 -44.60 -15.14 -30.03
C GLU A 371 -43.90 -13.90 -29.43
N PHE A 372 -44.56 -13.21 -28.49
CA PHE A 372 -44.01 -12.04 -27.81
C PHE A 372 -42.79 -12.43 -26.96
N LYS A 373 -42.90 -13.55 -26.24
CA LYS A 373 -41.81 -14.03 -25.40
C LYS A 373 -40.57 -14.22 -26.27
N LYS A 374 -40.69 -14.94 -27.38
CA LYS A 374 -39.54 -15.30 -28.20
C LYS A 374 -38.79 -14.03 -28.65
N LYS A 375 -39.56 -13.03 -29.11
CA LYS A 375 -39.01 -11.78 -29.63
C LYS A 375 -38.40 -10.99 -28.49
N SER A 376 -39.06 -10.98 -27.33
CA SER A 376 -38.58 -10.25 -26.16
C SER A 376 -37.23 -10.82 -25.72
N TYR A 377 -37.13 -12.15 -25.66
CA TYR A 377 -35.90 -12.81 -25.31
C TYR A 377 -34.86 -12.49 -26.38
N LYS A 378 -35.23 -12.54 -27.66
CA LYS A 378 -34.24 -12.30 -28.70
CA LYS A 378 -34.24 -12.30 -28.70
C LYS A 378 -33.55 -10.96 -28.45
N ALA A 379 -34.36 -9.95 -28.11
CA ALA A 379 -33.88 -8.60 -27.89
C ALA A 379 -32.98 -8.57 -26.66
N TYR A 380 -33.40 -9.34 -25.65
CA TYR A 380 -32.65 -9.42 -24.43
C TYR A 380 -31.24 -9.93 -24.74
N LEU A 381 -31.13 -11.02 -25.53
CA LEU A 381 -29.86 -11.68 -25.78
C LEU A 381 -28.90 -10.73 -26.46
N MET A 382 -29.48 -9.83 -27.28
CA MET A 382 -28.72 -8.94 -28.15
C MET A 382 -28.21 -7.73 -27.37
N CYS A 383 -28.89 -7.43 -26.26
CA CYS A 383 -28.72 -6.15 -25.60
C CYS A 383 -27.99 -6.33 -24.27
N PHE A 384 -28.48 -7.24 -23.41
CA PHE A 384 -27.89 -7.42 -22.10
C PHE A 384 -27.53 -8.89 -21.86
N GLY A 385 -26.73 -9.10 -20.80
CA GLY A 385 -26.32 -10.43 -20.38
C GLY A 385 -24.99 -10.82 -21.01
N SER A 386 -24.73 -12.14 -21.06
CA SER A 386 -23.41 -12.68 -21.38
C SER A 386 -22.97 -12.30 -22.78
N THR A 387 -23.93 -12.13 -23.70
CA THR A 387 -23.63 -11.78 -25.09
C THR A 387 -24.22 -10.42 -25.47
N GLY A 388 -24.67 -9.64 -24.48
CA GLY A 388 -25.32 -8.36 -24.72
C GLY A 388 -24.35 -7.34 -25.32
N MET A 389 -24.85 -6.52 -26.25
CA MET A 389 -24.03 -5.58 -26.96
C MET A 389 -24.00 -4.24 -26.22
N PHE A 390 -24.93 -4.01 -25.30
CA PHE A 390 -24.85 -2.89 -24.37
C PHE A 390 -23.85 -3.28 -23.29
N GLU A 391 -24.14 -4.39 -22.60
CA GLU A 391 -23.40 -4.86 -21.43
C GLU A 391 -21.91 -4.94 -21.73
N GLN A 392 -21.58 -5.43 -22.92
CA GLN A 392 -20.20 -5.45 -23.38
C GLN A 392 -19.52 -4.14 -23.01
N ASP A 393 -20.14 -3.01 -23.39
CA ASP A 393 -19.46 -1.74 -23.32
C ASP A 393 -19.50 -1.16 -21.89
N ASP A 394 -20.62 -1.42 -21.20
CA ASP A 394 -20.83 -0.98 -19.83
C ASP A 394 -19.74 -1.61 -18.94
N VAL A 395 -19.51 -2.90 -19.15
CA VAL A 395 -18.56 -3.68 -18.36
C VAL A 395 -17.13 -3.20 -18.64
N GLU A 396 -16.84 -2.85 -19.89
CA GLU A 396 -15.60 -2.17 -20.19
C GLU A 396 -15.38 -0.99 -19.24
N ASN A 397 -16.40 -0.13 -19.10
CA ASN A 397 -16.24 1.12 -18.40
C ASN A 397 -15.90 0.82 -16.94
N TRP A 398 -16.63 -0.16 -16.39
CA TRP A 398 -16.52 -0.49 -14.98
C TRP A 398 -15.18 -1.15 -14.68
N VAL A 399 -14.83 -2.14 -15.49
CA VAL A 399 -13.55 -2.79 -15.34
C VAL A 399 -12.43 -1.76 -15.37
N SER A 400 -12.49 -0.78 -16.29
CA SER A 400 -11.45 0.22 -16.40
C SER A 400 -11.38 1.15 -15.18
N LEU A 401 -12.53 1.40 -14.54
CA LEU A 401 -12.55 2.24 -13.35
C LEU A 401 -11.98 1.48 -12.16
N THR A 402 -12.28 0.17 -12.09
CA THR A 402 -11.71 -0.72 -11.10
C THR A 402 -10.19 -0.68 -11.21
N ASN A 403 -9.67 -0.69 -12.45
CA ASN A 403 -8.23 -0.61 -12.70
C ASN A 403 -7.59 0.64 -12.09
N THR A 404 -8.21 1.81 -12.23
CA THR A 404 -7.60 2.98 -11.65
C THR A 404 -7.72 2.88 -10.13
N SER A 405 -8.81 2.33 -9.60
CA SER A 405 -8.97 2.25 -8.15
C SER A 405 -7.88 1.40 -7.50
N ALA A 406 -7.15 0.57 -8.28
CA ALA A 406 -6.17 -0.32 -7.68
C ALA A 406 -4.99 0.42 -7.05
N GLY A 407 -4.56 1.54 -7.64
CA GLY A 407 -3.23 2.07 -7.36
C GLY A 407 -3.20 3.02 -6.16
N SER A 408 -2.03 3.64 -5.93
CA SER A 408 -1.89 4.49 -4.77
C SER A 408 -2.39 5.91 -5.02
N MET A 409 -2.49 6.33 -6.28
CA MET A 409 -3.11 7.61 -6.67
C MET A 409 -4.57 7.67 -6.23
N ALA A 410 -5.26 6.53 -6.38
CA ALA A 410 -6.67 6.37 -6.11
C ALA A 410 -6.97 6.50 -4.62
N ARG A 411 -5.96 6.29 -3.77
CA ARG A 411 -6.09 6.55 -2.35
C ARG A 411 -5.89 8.04 -2.04
N ARG A 412 -5.62 8.87 -3.05
CA ARG A 412 -5.41 10.31 -2.89
C ARG A 412 -6.37 11.15 -3.72
N LEU A 413 -7.34 10.51 -4.37
CA LEU A 413 -8.30 11.19 -5.20
C LEU A 413 -9.69 11.03 -4.59
N LEU A 414 -10.42 12.15 -4.58
CA LEU A 414 -11.87 12.15 -4.53
C LEU A 414 -12.41 12.46 -5.92
N LEU A 415 -13.09 11.48 -6.51
CA LEU A 415 -13.86 11.64 -7.72
C LEU A 415 -15.10 12.48 -7.46
N ASN A 416 -15.54 13.18 -8.51
CA ASN A 416 -16.66 14.09 -8.40
C ASN A 416 -17.92 13.38 -8.90
N SER A 417 -18.94 13.42 -8.03
CA SER A 417 -20.25 12.83 -8.27
C SER A 417 -21.31 13.84 -7.85
N ARG A 418 -21.05 15.12 -8.08
CA ARG A 418 -21.90 16.15 -7.52
C ARG A 418 -22.84 16.70 -8.58
N MET A 419 -22.91 16.06 -9.75
CA MET A 419 -23.67 16.62 -10.86
C MET A 419 -25.12 16.81 -10.42
N GLY A 420 -25.62 18.04 -10.56
CA GLY A 420 -26.93 18.43 -10.05
C GLY A 420 -26.85 19.31 -8.80
N LEU A 421 -25.65 19.45 -8.22
CA LEU A 421 -25.41 20.32 -7.09
C LEU A 421 -24.41 21.38 -7.52
N LEU A 422 -24.60 22.63 -7.04
CA LEU A 422 -23.60 23.68 -7.23
C LEU A 422 -22.61 23.61 -6.06
N GLU A 423 -21.66 24.54 -6.04
CA GLU A 423 -20.61 24.54 -5.02
C GLU A 423 -21.16 24.96 -3.65
N ASP A 424 -22.20 25.82 -3.62
CA ASP A 424 -22.79 26.24 -2.36
C ASP A 424 -23.88 25.28 -1.87
N GLY A 425 -24.07 24.15 -2.58
CA GLY A 425 -25.01 23.12 -2.14
C GLY A 425 -26.41 23.29 -2.71
N THR A 426 -26.67 24.40 -3.42
CA THR A 426 -27.97 24.60 -4.06
C THR A 426 -28.10 23.70 -5.27
N ARG A 427 -29.32 23.23 -5.46
CA ARG A 427 -29.75 22.40 -6.58
C ARG A 427 -29.55 23.13 -7.91
N VAL A 428 -29.20 22.37 -8.96
CA VAL A 428 -29.09 22.90 -10.31
C VAL A 428 -30.48 23.13 -10.86
N SER A 429 -31.33 22.08 -10.83
CA SER A 429 -32.73 22.16 -11.25
C SER A 429 -33.64 21.74 -10.10
N ASP A 430 -34.95 21.82 -10.32
CA ASP A 430 -35.96 21.64 -9.30
C ASP A 430 -36.46 20.19 -9.24
N GLU A 431 -36.96 19.81 -8.08
CA GLU A 431 -37.71 18.58 -7.94
C GLU A 431 -38.88 18.66 -8.93
N LEU A 432 -39.33 17.52 -9.45
CA LEU A 432 -40.62 17.45 -10.12
C LEU A 432 -41.71 17.60 -9.07
N THR A 433 -42.81 18.31 -9.42
CA THR A 433 -43.94 18.54 -8.50
C THR A 433 -44.92 17.37 -8.58
N ALA A 434 -45.91 17.32 -7.67
CA ALA A 434 -46.86 16.21 -7.64
C ALA A 434 -47.73 16.19 -8.91
N ASP A 435 -47.85 17.36 -9.56
CA ASP A 435 -48.61 17.50 -10.79
C ASP A 435 -47.82 16.93 -11.96
N GLU A 436 -46.50 17.05 -11.89
CA GLU A 436 -45.61 16.58 -12.93
C GLU A 436 -45.22 15.12 -12.71
N PHE A 437 -45.36 14.60 -11.47
CA PHE A 437 -44.88 13.25 -11.18
C PHE A 437 -45.65 12.65 -10.01
N HIS A 438 -46.33 11.52 -10.28
CA HIS A 438 -47.41 11.01 -9.44
C HIS A 438 -46.97 9.82 -8.62
N GLY A 439 -45.68 9.50 -8.71
CA GLY A 439 -45.11 8.37 -8.01
C GLY A 439 -44.38 8.80 -6.75
N PRO A 440 -44.22 7.88 -5.79
CA PRO A 440 -43.65 8.25 -4.50
C PRO A 440 -42.15 8.53 -4.58
N GLY A 441 -41.64 9.19 -3.55
CA GLY A 441 -40.22 9.48 -3.46
C GLY A 441 -39.91 10.81 -4.11
N THR A 442 -38.74 10.93 -4.72
CA THR A 442 -38.41 12.19 -5.37
C THR A 442 -37.84 11.89 -6.75
N ALA A 443 -37.96 12.88 -7.62
CA ALA A 443 -37.70 12.68 -9.03
C ALA A 443 -37.36 14.02 -9.68
N GLN A 444 -36.47 13.97 -10.66
CA GLN A 444 -36.15 15.16 -11.46
C GLN A 444 -36.01 14.73 -12.92
N VAL A 445 -35.95 15.73 -13.79
CA VAL A 445 -35.58 15.47 -15.18
C VAL A 445 -34.18 16.04 -15.37
N GLY A 446 -33.49 15.60 -16.43
CA GLY A 446 -32.15 16.06 -16.75
C GLY A 446 -31.12 15.03 -16.33
N TYR A 447 -29.95 15.10 -16.96
CA TYR A 447 -28.81 14.34 -16.49
C TYR A 447 -28.41 14.84 -15.11
N ASN A 448 -28.18 13.90 -14.18
CA ASN A 448 -27.78 14.22 -12.81
C ASN A 448 -27.12 12.98 -12.19
N GLU A 449 -26.58 13.14 -10.97
CA GLU A 449 -25.90 12.05 -10.25
C GLU A 449 -26.48 11.89 -8.84
N ALA A 450 -27.74 12.31 -8.65
CA ALA A 450 -28.47 12.19 -7.38
C ALA A 450 -28.62 10.74 -6.91
N ASN A 451 -28.84 9.77 -7.81
CA ASN A 451 -29.14 8.42 -7.39
C ASN A 451 -27.86 7.69 -6.98
N GLN A 452 -26.78 7.89 -7.74
CA GLN A 452 -25.46 7.45 -7.33
C GLN A 452 -25.12 7.99 -5.94
N ARG A 453 -25.42 9.27 -5.69
CA ARG A 453 -25.09 9.88 -4.41
C ARG A 453 -25.85 9.15 -3.32
N LYS A 454 -27.10 8.77 -3.61
CA LYS A 454 -27.97 8.21 -2.59
C LYS A 454 -27.62 6.75 -2.36
N LEU A 455 -27.16 6.06 -3.40
CA LEU A 455 -26.68 4.69 -3.30
C LEU A 455 -25.44 4.63 -2.42
N LEU A 456 -24.53 5.61 -2.56
CA LEU A 456 -23.28 5.63 -1.81
C LEU A 456 -23.50 6.13 -0.39
N GLU A 457 -24.50 6.97 -0.21
CA GLU A 457 -24.88 7.39 1.14
C GLU A 457 -25.37 6.18 1.93
N MET A 458 -26.13 5.30 1.29
CA MET A 458 -26.61 4.08 1.93
C MET A 458 -25.42 3.17 2.27
N TRP A 459 -24.54 2.96 1.30
CA TRP A 459 -23.33 2.15 1.49
C TRP A 459 -22.61 2.61 2.75
N ALA A 460 -22.42 3.94 2.86
CA ALA A 460 -21.74 4.52 4.00
C ALA A 460 -22.52 4.25 5.30
N ASP A 461 -23.83 4.51 5.32
CA ASP A 461 -24.65 4.23 6.50
C ASP A 461 -24.44 2.79 6.94
N TYR A 462 -24.48 1.85 5.99
CA TYR A 462 -24.26 0.43 6.25
C TYR A 462 -22.84 0.20 6.76
N LEU A 463 -21.84 0.91 6.23
CA LEU A 463 -20.46 0.55 6.52
C LEU A 463 -20.08 0.87 7.96
N GLU A 464 -20.85 1.78 8.58
CA GLU A 464 -20.64 2.23 9.95
C GLU A 464 -21.50 1.47 10.95
N LYS A 465 -22.43 0.64 10.49
CA LYS A 465 -23.15 -0.24 11.38
C LYS A 465 -22.17 -1.15 12.11
N PRO A 466 -22.51 -1.61 13.33
CA PRO A 466 -21.64 -2.53 14.04
C PRO A 466 -21.70 -3.88 13.33
N ALA A 467 -20.61 -4.66 13.48
CA ALA A 467 -20.58 -6.07 13.12
C ALA A 467 -21.82 -6.76 13.66
N LEU A 468 -22.56 -7.40 12.76
CA LEU A 468 -23.65 -8.29 13.15
C LEU A 468 -23.07 -9.37 14.05
N GLU A 469 -23.73 -9.70 15.17
CA GLU A 469 -23.27 -10.80 15.99
C GLU A 469 -24.42 -11.76 16.26
N VAL A 470 -24.17 -13.05 16.02
CA VAL A 470 -25.19 -14.08 16.04
C VAL A 470 -24.67 -15.24 16.89
N GLY A 471 -25.47 -15.68 17.88
CA GLY A 471 -25.08 -16.80 18.71
C GLY A 471 -24.83 -18.02 17.82
N PRO A 472 -23.90 -18.95 18.14
CA PRO A 472 -23.61 -20.08 17.26
C PRO A 472 -24.69 -21.13 17.51
N THR A 473 -25.10 -21.80 16.42
CA THR A 473 -26.00 -22.95 16.46
C THR A 473 -25.19 -24.22 16.70
N SER A 474 -25.59 -24.99 17.73
CA SER A 474 -25.00 -26.29 18.02
C SER A 474 -25.82 -27.38 17.33
N VAL A 475 -25.44 -27.77 16.12
CA VAL A 475 -26.33 -28.64 15.38
C VAL A 475 -26.48 -29.90 16.23
N GLY A 476 -27.73 -30.27 16.49
CA GLY A 476 -28.06 -31.54 17.13
C GLY A 476 -28.29 -31.47 18.64
N THR A 477 -28.00 -30.36 19.34
CA THR A 477 -28.32 -30.29 20.76
C THR A 477 -29.84 -30.25 20.98
N ILE A 483 -38.80 -25.44 9.36
CA ILE A 483 -38.82 -24.32 8.36
C ILE A 483 -40.29 -23.97 8.14
N ARG A 484 -40.56 -22.66 8.12
CA ARG A 484 -41.89 -22.13 7.84
C ARG A 484 -42.02 -21.98 6.32
N PRO A 485 -42.83 -22.81 5.62
CA PRO A 485 -42.95 -22.69 4.16
C PRO A 485 -43.27 -21.25 3.83
N LEU A 486 -42.67 -20.75 2.76
CA LEU A 486 -42.94 -19.39 2.32
C LEU A 486 -44.13 -19.40 1.35
N THR A 487 -45.10 -18.54 1.60
CA THR A 487 -46.26 -18.46 0.72
C THR A 487 -45.80 -17.90 -0.62
N PRO A 488 -46.28 -18.47 -1.74
CA PRO A 488 -46.02 -17.92 -3.06
C PRO A 488 -46.58 -16.51 -3.10
N THR A 489 -46.03 -15.71 -4.01
CA THR A 489 -46.27 -14.28 -4.07
C THR A 489 -46.26 -13.89 -5.54
N ASN A 490 -46.73 -14.81 -6.41
CA ASN A 490 -46.68 -14.62 -7.85
C ASN A 490 -48.08 -14.80 -8.45
N TYR B 21 -30.75 -29.92 -28.89
CA TYR B 21 -30.34 -28.58 -28.38
C TYR B 21 -30.86 -27.48 -29.31
N SER B 22 -30.74 -27.66 -30.63
CA SER B 22 -31.30 -26.71 -31.60
C SER B 22 -32.82 -26.76 -31.56
N GLU B 23 -33.37 -27.91 -31.15
CA GLU B 23 -34.82 -28.10 -31.08
C GLU B 23 -35.38 -27.57 -29.76
N GLN B 24 -34.56 -27.55 -28.71
CA GLN B 24 -34.96 -27.04 -27.40
C GLN B 24 -34.76 -25.53 -27.29
N ALA B 25 -33.85 -24.97 -28.10
CA ALA B 25 -33.59 -23.54 -28.13
C ALA B 25 -34.89 -22.78 -28.40
N VAL B 26 -35.05 -21.66 -27.70
CA VAL B 26 -36.23 -20.83 -27.77
C VAL B 26 -36.38 -20.27 -29.18
N LEU B 27 -35.27 -19.88 -29.82
CA LEU B 27 -35.35 -19.25 -31.13
C LEU B 27 -34.88 -20.19 -32.24
N GLY B 28 -35.19 -21.49 -32.13
CA GLY B 28 -34.69 -22.51 -33.03
C GLY B 28 -35.76 -23.10 -33.94
N ASP B 29 -36.92 -22.43 -33.99
CA ASP B 29 -38.07 -22.94 -34.72
C ASP B 29 -37.73 -23.03 -36.21
N HIS B 30 -36.94 -22.07 -36.70
CA HIS B 30 -36.72 -21.94 -38.13
C HIS B 30 -35.46 -22.69 -38.55
N ALA B 31 -34.89 -23.46 -37.62
CA ALA B 31 -33.61 -24.11 -37.81
C ALA B 31 -33.75 -25.44 -38.56
N SER B 32 -32.71 -25.72 -39.37
CA SER B 32 -32.59 -26.97 -40.11
C SER B 32 -32.59 -28.16 -39.15
N ARG B 33 -33.32 -29.23 -39.51
CA ARG B 33 -33.44 -30.42 -38.68
C ARG B 33 -32.60 -31.57 -39.23
N VAL B 34 -31.79 -31.32 -40.27
CA VAL B 34 -30.94 -32.36 -40.85
C VAL B 34 -30.10 -32.97 -39.71
N THR B 35 -29.98 -34.30 -39.64
CA THR B 35 -29.07 -34.93 -38.68
C THR B 35 -28.14 -35.92 -39.39
N ARG B 36 -27.15 -36.39 -38.63
CA ARG B 36 -26.11 -37.29 -39.10
C ARG B 36 -26.69 -38.66 -39.46
N THR B 37 -25.91 -39.43 -40.24
CA THR B 37 -26.11 -40.87 -40.40
C THR B 37 -24.79 -41.58 -40.69
N GLY B 38 -24.84 -42.89 -40.46
CA GLY B 38 -23.70 -43.77 -40.65
C GLY B 38 -22.68 -43.62 -39.54
N THR B 39 -21.47 -44.13 -39.77
CA THR B 39 -20.35 -43.82 -38.90
C THR B 39 -19.57 -42.67 -39.56
N PRO B 40 -18.51 -42.14 -38.91
CA PRO B 40 -17.73 -41.06 -39.52
C PRO B 40 -17.06 -41.51 -40.81
N LEU B 41 -16.85 -40.56 -41.72
CA LEU B 41 -16.10 -40.82 -42.94
C LEU B 41 -14.62 -41.01 -42.58
N ARG B 42 -13.89 -41.64 -43.51
CA ARG B 42 -12.45 -41.76 -43.46
C ARG B 42 -11.83 -40.37 -43.68
N PHE B 43 -10.55 -40.22 -43.32
CA PHE B 43 -9.97 -38.88 -43.24
C PHE B 43 -9.38 -38.48 -44.59
N ASP B 44 -9.55 -39.36 -45.59
CA ASP B 44 -9.17 -39.07 -46.97
C ASP B 44 -10.42 -38.87 -47.83
N ASP B 45 -11.60 -39.05 -47.23
CA ASP B 45 -12.86 -38.83 -47.91
C ASP B 45 -12.93 -37.35 -48.27
N ARG B 46 -13.22 -37.09 -49.54
CA ARG B 46 -13.19 -35.74 -50.09
C ARG B 46 -14.04 -34.82 -49.23
N ARG B 47 -15.18 -35.36 -48.77
CA ARG B 47 -16.19 -34.57 -48.07
C ARG B 47 -15.68 -34.21 -46.68
N HIS B 48 -15.01 -35.15 -46.02
CA HIS B 48 -14.33 -34.87 -44.76
C HIS B 48 -13.27 -33.80 -44.96
N LEU B 49 -12.47 -33.91 -46.04
CA LEU B 49 -11.38 -32.97 -46.31
C LEU B 49 -11.92 -31.56 -46.59
N ASP B 50 -13.13 -31.47 -47.13
CA ASP B 50 -13.68 -30.16 -47.44
C ASP B 50 -14.08 -29.51 -46.12
N ALA B 51 -14.75 -30.31 -45.28
CA ALA B 51 -15.31 -29.86 -44.02
C ALA B 51 -14.21 -29.34 -43.11
N HIS B 52 -13.13 -30.14 -43.03
CA HIS B 52 -11.92 -29.78 -42.31
C HIS B 52 -11.36 -28.47 -42.87
N GLN B 53 -11.07 -28.41 -44.18
CA GLN B 53 -10.54 -27.20 -44.79
C GLN B 53 -11.38 -25.97 -44.43
N PHE B 54 -12.69 -26.19 -44.25
CA PHE B 54 -13.61 -25.10 -43.96
C PHE B 54 -13.40 -24.56 -42.55
N LEU B 55 -13.31 -25.47 -41.58
CA LEU B 55 -13.25 -25.07 -40.18
C LEU B 55 -11.93 -24.34 -39.89
N ILE B 56 -10.87 -24.71 -40.62
CA ILE B 56 -9.54 -24.15 -40.45
C ILE B 56 -9.46 -22.76 -41.08
N ASP B 57 -10.23 -22.56 -42.16
CA ASP B 57 -10.28 -21.26 -42.85
C ASP B 57 -11.10 -20.26 -42.01
N GLU B 58 -12.13 -20.77 -41.34
CA GLU B 58 -12.95 -20.01 -40.42
C GLU B 58 -12.08 -19.51 -39.28
N ALA B 59 -11.30 -20.44 -38.72
CA ALA B 59 -10.41 -20.11 -37.62
C ALA B 59 -9.55 -18.90 -37.99
N TYR B 60 -8.94 -18.91 -39.18
CA TYR B 60 -8.03 -17.84 -39.56
C TYR B 60 -8.82 -16.55 -39.76
N LEU B 61 -10.10 -16.69 -40.08
CA LEU B 61 -10.98 -15.54 -40.23
C LEU B 61 -11.32 -14.96 -38.87
N LEU B 62 -11.74 -15.84 -37.95
CA LEU B 62 -12.11 -15.43 -36.61
C LEU B 62 -10.93 -14.88 -35.80
N ASP B 63 -9.71 -15.37 -36.07
CA ASP B 63 -8.51 -14.81 -35.49
C ASP B 63 -8.25 -13.41 -36.01
N ALA B 64 -8.37 -13.22 -37.32
CA ALA B 64 -8.07 -11.90 -37.89
C ALA B 64 -9.27 -10.97 -37.73
N GLN B 65 -10.37 -11.49 -37.13
CA GLN B 65 -11.57 -10.73 -36.80
C GLN B 65 -12.21 -10.21 -38.09
N GLU B 66 -12.14 -11.02 -39.15
CA GLU B 66 -12.63 -10.67 -40.48
C GLU B 66 -14.11 -11.03 -40.56
N TYR B 67 -14.91 -10.37 -39.74
CA TYR B 67 -16.23 -10.90 -39.43
C TYR B 67 -17.14 -10.83 -40.66
N GLN B 68 -16.93 -9.84 -41.54
CA GLN B 68 -17.70 -9.77 -42.76
C GLN B 68 -17.49 -11.01 -43.61
N THR B 69 -16.23 -11.30 -43.98
CA THR B 69 -15.92 -12.48 -44.78
C THR B 69 -16.56 -13.72 -44.15
N TRP B 70 -16.34 -13.89 -42.83
CA TRP B 70 -16.87 -15.01 -42.08
C TRP B 70 -18.38 -15.14 -42.30
N LEU B 71 -19.05 -13.98 -42.29
CA LEU B 71 -20.50 -13.89 -42.33
C LEU B 71 -21.01 -14.34 -43.70
N ASP B 72 -20.19 -14.17 -44.75
CA ASP B 72 -20.53 -14.66 -46.09
C ASP B 72 -20.39 -16.19 -46.22
N ASN B 73 -19.90 -16.89 -45.20
CA ASN B 73 -19.85 -18.34 -45.29
C ASN B 73 -20.93 -18.93 -44.39
N ILE B 74 -21.96 -18.12 -44.10
CA ILE B 74 -23.06 -18.52 -43.23
C ILE B 74 -24.38 -18.39 -43.99
N THR B 75 -25.13 -19.49 -44.07
CA THR B 75 -26.43 -19.54 -44.76
C THR B 75 -27.43 -18.55 -44.14
N ASP B 76 -28.41 -18.15 -44.94
CA ASP B 76 -29.39 -17.15 -44.53
C ASP B 76 -30.42 -17.75 -43.58
N ASP B 77 -30.33 -19.06 -43.32
CA ASP B 77 -31.20 -19.72 -42.35
C ASP B 77 -30.38 -20.31 -41.20
N ILE B 78 -29.17 -19.77 -41.00
CA ILE B 78 -28.35 -20.18 -39.87
C ILE B 78 -29.15 -20.12 -38.56
N HIS B 79 -29.02 -21.21 -37.80
CA HIS B 79 -29.14 -21.19 -36.36
C HIS B 79 -27.76 -21.36 -35.73
N TYR B 80 -27.37 -20.38 -34.88
CA TYR B 80 -26.07 -20.32 -34.24
C TYR B 80 -26.32 -20.24 -32.74
N LEU B 81 -26.01 -21.31 -32.03
CA LEU B 81 -26.58 -21.51 -30.71
C LEU B 81 -25.52 -21.99 -29.73
N MET B 82 -25.46 -21.38 -28.55
CA MET B 82 -24.55 -21.79 -27.50
C MET B 82 -25.26 -21.70 -26.15
N PRO B 83 -25.96 -22.78 -25.70
CA PRO B 83 -26.74 -22.73 -24.46
C PRO B 83 -25.86 -22.50 -23.25
N VAL B 84 -26.50 -22.06 -22.17
CA VAL B 84 -25.88 -22.03 -20.86
C VAL B 84 -25.83 -23.46 -20.36
N ARG B 85 -24.64 -23.90 -19.94
CA ARG B 85 -24.44 -25.20 -19.30
C ARG B 85 -24.64 -25.03 -17.80
N VAL B 86 -25.24 -26.06 -17.19
CA VAL B 86 -25.43 -26.10 -15.74
C VAL B 86 -25.12 -27.50 -15.26
N THR B 87 -24.42 -27.57 -14.11
CA THR B 87 -24.01 -28.83 -13.52
C THR B 87 -25.25 -29.48 -12.92
N THR B 88 -25.57 -30.69 -13.40
CA THR B 88 -26.73 -31.41 -12.93
C THR B 88 -26.39 -32.84 -12.57
N ALA B 89 -27.34 -33.50 -11.89
CA ALA B 89 -27.16 -34.87 -11.39
C ALA B 89 -27.33 -35.81 -12.55
N LEU B 90 -26.97 -37.08 -12.36
CA LEU B 90 -26.71 -37.98 -13.48
C LEU B 90 -28.00 -38.28 -14.26
N ASN B 91 -29.13 -38.49 -13.61
CA ASN B 91 -30.27 -38.99 -14.35
C ASN B 91 -31.32 -37.90 -14.52
N SER B 92 -30.83 -36.65 -14.57
CA SER B 92 -31.69 -35.48 -14.54
C SER B 92 -32.23 -35.19 -15.93
N GLY B 93 -31.50 -35.67 -16.96
CA GLY B 93 -31.99 -35.62 -18.32
C GLY B 93 -31.92 -34.23 -18.95
N PHE B 94 -31.01 -33.38 -18.43
CA PHE B 94 -30.64 -32.12 -19.06
C PHE B 94 -29.40 -31.52 -18.40
N ASP B 95 -28.68 -30.67 -19.14
CA ASP B 95 -27.49 -30.05 -18.61
C ASP B 95 -27.30 -28.64 -19.19
N THR B 96 -28.45 -27.95 -19.41
CA THR B 96 -28.45 -26.59 -19.91
C THR B 96 -29.56 -25.81 -19.22
N SER B 97 -29.38 -24.49 -19.15
CA SER B 97 -30.33 -23.63 -18.46
C SER B 97 -31.61 -23.58 -19.29
N PRO B 98 -32.73 -24.13 -18.79
CA PRO B 98 -33.95 -24.23 -19.58
C PRO B 98 -34.32 -22.84 -20.10
N GLY B 99 -34.38 -22.71 -21.43
CA GLY B 99 -34.84 -21.49 -22.04
C GLY B 99 -33.86 -20.32 -21.89
N MET B 100 -32.57 -20.61 -21.75
CA MET B 100 -31.61 -19.53 -21.62
C MET B 100 -30.31 -19.96 -22.28
N ALA B 101 -29.84 -19.18 -23.26
CA ALA B 101 -28.59 -19.45 -23.94
C ALA B 101 -27.61 -18.30 -23.74
N HIS B 102 -26.35 -18.49 -24.19
CA HIS B 102 -25.46 -17.36 -24.33
C HIS B 102 -25.73 -16.71 -25.68
N PHE B 103 -25.61 -17.50 -26.74
CA PHE B 103 -25.97 -17.14 -28.11
C PHE B 103 -27.18 -17.97 -28.54
N ASP B 104 -28.18 -17.32 -29.15
CA ASP B 104 -29.24 -17.98 -29.92
C ASP B 104 -29.57 -17.04 -31.08
N GLU B 105 -28.80 -17.17 -32.16
CA GLU B 105 -28.79 -16.16 -33.21
C GLU B 105 -29.29 -16.74 -34.54
N ASN B 106 -29.85 -15.84 -35.37
CA ASN B 106 -30.10 -16.14 -36.77
C ASN B 106 -29.15 -15.27 -37.59
N LYS B 107 -29.28 -15.29 -38.92
CA LYS B 107 -28.44 -14.45 -39.74
C LYS B 107 -28.61 -12.98 -39.37
N TYR B 108 -29.87 -12.57 -39.08
CA TYR B 108 -30.16 -11.18 -38.85
C TYR B 108 -29.36 -10.70 -37.65
N SER B 109 -29.44 -11.45 -36.55
CA SER B 109 -28.77 -11.01 -35.33
C SER B 109 -27.26 -11.11 -35.48
N LEU B 110 -26.75 -12.22 -36.01
CA LEU B 110 -25.31 -12.35 -36.24
C LEU B 110 -24.77 -11.14 -37.01
N SER B 111 -25.50 -10.70 -38.04
CA SER B 111 -25.01 -9.63 -38.89
C SER B 111 -25.06 -8.30 -38.13
N ARG B 112 -26.03 -8.12 -37.24
CA ARG B 112 -26.13 -6.87 -36.51
C ARG B 112 -24.99 -6.81 -35.47
N ARG B 113 -24.63 -7.97 -34.91
CA ARG B 113 -23.47 -8.12 -34.04
C ARG B 113 -22.19 -7.67 -34.75
N VAL B 114 -22.01 -8.16 -35.97
CA VAL B 114 -20.87 -7.82 -36.81
C VAL B 114 -20.95 -6.35 -37.22
N ALA B 115 -22.15 -5.89 -37.59
CA ALA B 115 -22.30 -4.50 -37.98
C ALA B 115 -21.69 -3.58 -36.92
N ARG B 116 -21.89 -3.98 -35.66
CA ARG B 116 -21.49 -3.25 -34.46
C ARG B 116 -19.98 -3.05 -34.34
N PHE B 117 -19.20 -4.12 -34.53
CA PHE B 117 -17.74 -4.08 -34.58
C PHE B 117 -17.29 -3.22 -35.76
N VAL B 118 -18.02 -3.30 -36.87
CA VAL B 118 -17.64 -2.57 -38.07
C VAL B 118 -17.68 -1.07 -37.82
N THR B 119 -18.58 -0.63 -36.93
CA THR B 119 -18.70 0.78 -36.60
C THR B 119 -17.38 1.30 -36.03
N GLU B 120 -16.61 0.42 -35.40
CA GLU B 120 -15.41 0.79 -34.66
C GLU B 120 -15.76 1.65 -33.44
N HIS B 121 -17.00 1.54 -32.97
CA HIS B 121 -17.44 2.21 -31.76
C HIS B 121 -17.89 1.16 -30.75
N ALA B 122 -17.39 -0.07 -30.92
CA ALA B 122 -17.52 -1.12 -29.93
C ALA B 122 -16.33 -1.03 -29.00
N TRP B 123 -16.48 -0.25 -27.93
CA TRP B 123 -15.35 0.19 -27.12
C TRP B 123 -14.62 -1.00 -26.49
N THR B 124 -15.36 -2.02 -26.04
CA THR B 124 -14.79 -3.15 -25.33
C THR B 124 -13.82 -3.96 -26.18
N GLU B 125 -13.75 -3.65 -27.48
CA GLU B 125 -12.82 -4.32 -28.39
C GLU B 125 -12.07 -3.28 -29.23
N ASP B 126 -11.95 -2.05 -28.72
CA ASP B 126 -10.93 -1.17 -29.24
C ASP B 126 -10.14 -0.59 -28.08
N PRO B 127 -8.88 -0.98 -27.81
CA PRO B 127 -8.11 -1.92 -28.63
C PRO B 127 -8.64 -3.35 -28.72
N PRO B 128 -8.33 -4.06 -29.83
CA PRO B 128 -8.81 -5.44 -30.00
C PRO B 128 -8.19 -6.47 -29.06
N SER B 129 -8.88 -7.57 -28.86
CA SER B 129 -8.25 -8.74 -28.24
C SER B 129 -7.20 -9.32 -29.19
N ARG B 130 -6.41 -10.25 -28.66
CA ARG B 130 -5.59 -11.15 -29.45
C ARG B 130 -6.23 -12.53 -29.36
N LEU B 131 -6.66 -13.09 -30.51
CA LEU B 131 -7.39 -14.36 -30.50
C LEU B 131 -6.65 -15.45 -31.26
N ARG B 132 -6.82 -16.67 -30.74
CA ARG B 132 -6.32 -17.88 -31.35
C ARG B 132 -7.35 -18.96 -31.12
N HIS B 133 -8.14 -19.25 -32.16
CA HIS B 133 -9.11 -20.34 -32.13
C HIS B 133 -8.46 -21.66 -32.57
N TYR B 134 -8.11 -22.48 -31.60
CA TYR B 134 -7.48 -23.77 -31.88
C TYR B 134 -8.58 -24.75 -32.23
N ILE B 135 -8.50 -25.36 -33.42
CA ILE B 135 -9.50 -26.34 -33.81
C ILE B 135 -8.89 -27.74 -33.95
N THR B 136 -9.51 -28.71 -33.26
CA THR B 136 -8.95 -30.04 -33.20
C THR B 136 -10.09 -31.04 -33.17
N ASN B 137 -9.75 -32.33 -33.37
CA ASN B 137 -10.68 -33.44 -33.21
C ASN B 137 -11.82 -33.37 -34.22
N ILE B 138 -11.47 -33.09 -35.48
CA ILE B 138 -12.46 -32.90 -36.54
C ILE B 138 -12.87 -34.24 -37.15
N ARG B 139 -14.17 -34.45 -37.29
CA ARG B 139 -14.67 -35.70 -37.83
C ARG B 139 -16.02 -35.41 -38.48
N THR B 140 -16.31 -36.12 -39.59
CA THR B 140 -17.41 -35.77 -40.48
C THR B 140 -18.40 -36.92 -40.61
N PHE B 141 -19.66 -36.57 -40.86
CA PHE B 141 -20.75 -37.51 -41.04
C PHE B 141 -21.50 -37.21 -42.34
N LEU B 142 -21.96 -38.25 -43.02
CA LEU B 142 -23.08 -38.12 -43.95
C LEU B 142 -24.36 -37.86 -43.18
N THR B 143 -25.31 -37.17 -43.85
CA THR B 143 -26.59 -36.76 -43.27
C THR B 143 -27.72 -37.39 -44.06
N ASP B 144 -28.96 -37.10 -43.62
CA ASP B 144 -30.18 -37.61 -44.22
C ASP B 144 -30.77 -36.61 -45.23
N ALA B 145 -29.93 -35.67 -45.71
CA ALA B 145 -30.27 -34.80 -46.82
C ALA B 145 -29.08 -34.69 -47.79
N GLU B 146 -29.32 -34.11 -48.96
CA GLU B 146 -28.47 -34.34 -50.12
C GLU B 146 -27.09 -33.68 -49.98
N ASP B 147 -27.09 -32.36 -49.83
CA ASP B 147 -25.89 -31.56 -49.97
C ASP B 147 -25.50 -31.02 -48.59
N HIS B 148 -25.41 -31.95 -47.62
CA HIS B 148 -25.33 -31.60 -46.22
C HIS B 148 -24.38 -32.55 -45.48
N LEU B 149 -23.44 -31.96 -44.72
CA LEU B 149 -22.59 -32.71 -43.81
C LEU B 149 -22.82 -32.28 -42.36
N VAL B 150 -22.56 -33.20 -41.42
CA VAL B 150 -22.44 -32.87 -40.01
C VAL B 150 -20.97 -32.96 -39.55
N VAL B 151 -20.44 -31.89 -38.98
CA VAL B 151 -19.02 -31.82 -38.66
C VAL B 151 -18.84 -31.53 -37.18
N GLU B 152 -18.17 -32.47 -36.49
CA GLU B 152 -17.83 -32.33 -35.09
C GLU B 152 -16.38 -31.83 -34.99
N SER B 153 -16.20 -30.82 -34.14
CA SER B 153 -14.89 -30.29 -33.80
C SER B 153 -14.85 -29.97 -32.31
N ALA B 154 -13.62 -29.93 -31.76
CA ALA B 154 -13.32 -29.28 -30.51
C ALA B 154 -12.62 -27.96 -30.82
N GLU B 155 -12.99 -26.93 -30.05
CA GLU B 155 -12.39 -25.61 -30.24
C GLU B 155 -11.94 -25.07 -28.89
N LEU B 156 -10.68 -24.65 -28.84
CA LEU B 156 -10.14 -24.01 -27.66
C LEU B 156 -9.74 -22.60 -28.07
N LEU B 157 -10.37 -21.60 -27.44
CA LEU B 157 -10.07 -20.20 -27.73
C LEU B 157 -9.16 -19.64 -26.63
N PHE B 158 -8.00 -19.12 -27.05
CA PHE B 158 -7.10 -18.40 -26.18
C PHE B 158 -7.20 -16.92 -26.51
N ARG B 159 -7.31 -16.09 -25.45
CA ARG B 159 -7.59 -14.68 -25.63
C ARG B 159 -6.83 -13.84 -24.60
N SER B 160 -6.11 -12.84 -25.13
CA SER B 160 -5.37 -11.92 -24.31
C SER B 160 -5.69 -10.50 -24.71
N ARG B 161 -5.90 -9.62 -23.70
CA ARG B 161 -6.12 -8.22 -24.01
C ARG B 161 -5.39 -7.34 -23.00
N GLY B 162 -4.70 -6.29 -23.47
CA GLY B 162 -3.99 -5.35 -22.61
C GLY B 162 -2.69 -5.94 -22.04
N ASP B 163 -2.19 -5.34 -20.96
CA ASP B 163 -0.85 -5.66 -20.48
C ASP B 163 -0.86 -5.92 -18.98
N VAL B 164 -2.00 -6.32 -18.42
CA VAL B 164 -2.09 -6.58 -16.99
C VAL B 164 -2.67 -7.97 -16.76
N ASN B 165 -3.88 -8.23 -17.32
CA ASN B 165 -4.64 -9.42 -16.93
C ASN B 165 -4.05 -10.65 -17.58
N GLU B 166 -4.31 -11.80 -16.93
CA GLU B 166 -4.03 -13.11 -17.50
C GLU B 166 -5.01 -13.42 -18.63
N SER B 167 -4.52 -14.27 -19.53
CA SER B 167 -5.26 -14.67 -20.70
C SER B 167 -6.37 -15.62 -20.27
N ALA B 168 -7.30 -15.84 -21.17
CA ALA B 168 -8.46 -16.65 -20.85
C ALA B 168 -8.50 -17.80 -21.86
N LEU B 169 -8.91 -18.99 -21.38
CA LEU B 169 -9.30 -20.10 -22.24
C LEU B 169 -10.81 -20.21 -22.24
N VAL B 170 -11.36 -20.54 -23.41
CA VAL B 170 -12.72 -21.03 -23.52
C VAL B 170 -12.66 -22.37 -24.22
N SER B 171 -13.11 -23.42 -23.54
CA SER B 171 -13.19 -24.72 -24.18
C SER B 171 -14.64 -24.99 -24.58
N CYS B 172 -14.80 -25.75 -25.67
CA CYS B 172 -16.10 -26.15 -26.16
C CYS B 172 -15.97 -27.30 -27.16
N GLY B 173 -17.06 -28.04 -27.31
CA GLY B 173 -17.34 -28.79 -28.52
C GLY B 173 -18.41 -28.11 -29.38
N ARG B 174 -18.40 -28.43 -30.68
CA ARG B 174 -19.38 -27.95 -31.64
C ARG B 174 -19.87 -29.12 -32.48
N GLU B 175 -21.17 -29.15 -32.75
CA GLU B 175 -21.69 -29.80 -33.94
C GLU B 175 -22.11 -28.75 -34.97
N ASP B 176 -21.53 -28.84 -36.18
CA ASP B 176 -21.93 -27.99 -37.30
C ASP B 176 -22.67 -28.81 -38.37
N LEU B 177 -23.57 -28.13 -39.09
CA LEU B 177 -24.19 -28.62 -40.32
C LEU B 177 -23.67 -27.79 -41.48
N LEU B 178 -22.91 -28.43 -42.39
CA LEU B 178 -22.47 -27.76 -43.61
C LEU B 178 -23.45 -28.00 -44.75
N ARG B 179 -23.58 -27.04 -45.68
CA ARG B 179 -24.47 -27.16 -46.82
C ARG B 179 -23.75 -26.67 -48.08
N ARG B 180 -23.92 -27.46 -49.16
CA ARG B 180 -23.31 -27.19 -50.44
C ARG B 180 -24.11 -26.13 -51.16
N VAL B 181 -23.45 -25.06 -51.62
CA VAL B 181 -24.12 -23.96 -52.29
C VAL B 181 -23.21 -23.45 -53.40
N GLY B 182 -23.36 -23.97 -54.62
CA GLY B 182 -22.44 -23.66 -55.69
C GLY B 182 -21.22 -24.55 -55.54
N ASP B 183 -20.04 -23.99 -55.79
CA ASP B 183 -18.80 -24.73 -55.62
C ASP B 183 -18.29 -24.54 -54.19
N GLU B 184 -19.18 -24.34 -53.22
CA GLU B 184 -18.75 -23.91 -51.89
C GLU B 184 -19.63 -24.49 -50.79
N TRP B 185 -18.99 -24.81 -49.66
CA TRP B 185 -19.68 -25.18 -48.43
C TRP B 185 -19.99 -23.96 -47.55
N LYS B 186 -21.11 -24.03 -46.82
CA LYS B 186 -21.51 -22.94 -45.95
C LYS B 186 -22.09 -23.49 -44.65
N LEU B 187 -22.10 -22.64 -43.62
CA LEU B 187 -22.52 -23.07 -42.30
C LEU B 187 -24.01 -22.81 -42.18
N ALA B 188 -24.78 -23.90 -41.98
CA ALA B 188 -26.23 -23.83 -41.85
C ALA B 188 -26.67 -23.94 -40.39
N ARG B 189 -25.93 -24.69 -39.55
CA ARG B 189 -26.26 -24.81 -38.14
C ARG B 189 -24.94 -24.92 -37.38
N ARG B 190 -24.89 -24.30 -36.18
CA ARG B 190 -23.81 -24.56 -35.23
C ARG B 190 -24.38 -24.65 -33.82
N THR B 191 -24.14 -25.76 -33.13
CA THR B 191 -24.44 -25.88 -31.71
C THR B 191 -23.14 -25.95 -30.90
N ILE B 192 -22.94 -24.98 -30.00
CA ILE B 192 -21.71 -24.90 -29.21
C ILE B 192 -21.97 -25.40 -27.80
N PHE B 193 -21.22 -26.44 -27.43
CA PHE B 193 -21.31 -27.02 -26.11
C PHE B 193 -20.16 -26.45 -25.27
N VAL B 194 -20.43 -25.34 -24.58
CA VAL B 194 -19.38 -24.69 -23.80
C VAL B 194 -19.08 -25.56 -22.58
N ASP B 195 -17.80 -25.62 -22.21
CA ASP B 195 -17.34 -26.61 -21.26
C ASP B 195 -17.33 -26.04 -19.85
N GLU B 196 -17.76 -24.77 -19.70
CA GLU B 196 -17.85 -24.13 -18.39
C GLU B 196 -19.31 -23.76 -18.07
N SER B 197 -19.64 -23.78 -16.77
CA SER B 197 -20.90 -23.28 -16.28
C SER B 197 -20.82 -21.76 -16.18
N VAL B 198 -19.88 -21.29 -15.35
CA VAL B 198 -19.59 -19.89 -15.18
C VAL B 198 -18.45 -19.50 -16.11
N MET B 199 -18.67 -18.53 -17.00
CA MET B 199 -17.64 -18.11 -17.94
C MET B 199 -16.64 -17.24 -17.18
N ARG B 200 -15.36 -17.31 -17.58
CA ARG B 200 -14.30 -16.57 -16.89
C ARG B 200 -13.76 -15.47 -17.78
N MET B 201 -14.47 -15.13 -18.86
CA MET B 201 -14.05 -14.08 -19.77
C MET B 201 -14.82 -12.79 -19.51
N GLN B 202 -14.23 -11.64 -19.84
CA GLN B 202 -14.93 -10.36 -19.65
C GLN B 202 -16.27 -10.35 -20.40
N ASN B 203 -16.24 -10.86 -21.64
CA ASN B 203 -17.40 -10.86 -22.50
C ASN B 203 -17.29 -12.00 -23.49
N LEU B 204 -18.30 -12.08 -24.36
CA LEU B 204 -18.26 -12.89 -25.58
C LEU B 204 -18.44 -11.97 -26.79
N ALA B 205 -17.64 -10.89 -26.82
CA ALA B 205 -17.49 -10.06 -27.99
C ALA B 205 -16.52 -10.74 -28.95
N VAL B 206 -16.66 -12.06 -29.07
CA VAL B 206 -15.95 -12.80 -30.07
C VAL B 206 -16.95 -13.73 -30.76
N PHE B 207 -16.45 -14.55 -31.69
CA PHE B 207 -17.23 -15.66 -32.22
C PHE B 207 -16.49 -16.98 -32.09
N LEU B 208 -17.27 -18.06 -31.94
CA LEU B 208 -16.74 -19.41 -31.79
C LEU B 208 -17.25 -20.29 -32.93
N MET C 32 17.31 -5.32 10.83
CA MET C 32 17.28 -3.85 10.57
C MET C 32 18.58 -3.20 11.00
N GLU C 33 18.98 -3.51 12.25
CA GLU C 33 20.34 -3.33 12.76
C GLU C 33 21.28 -4.37 12.14
N ASP C 34 20.68 -5.44 11.60
CA ASP C 34 21.45 -6.51 10.98
C ASP C 34 21.96 -6.08 9.61
N ILE C 35 21.09 -5.39 8.85
CA ILE C 35 21.41 -4.98 7.49
C ILE C 35 22.61 -4.05 7.54
N ARG C 36 22.65 -3.23 8.61
CA ARG C 36 23.70 -2.25 8.79
C ARG C 36 25.02 -2.97 9.06
N ARG C 37 24.96 -4.26 9.40
CA ARG C 37 26.16 -5.06 9.60
C ARG C 37 26.41 -6.01 8.44
N GLY C 38 25.75 -5.79 7.31
CA GLY C 38 25.92 -6.63 6.13
C GLY C 38 25.34 -8.04 6.28
N MET C 39 24.39 -8.23 7.19
CA MET C 39 23.76 -9.52 7.41
C MET C 39 22.29 -9.38 7.06
N ILE C 40 21.78 -10.21 6.15
CA ILE C 40 20.51 -9.95 5.49
C ILE C 40 19.46 -10.93 5.99
N PRO C 41 18.37 -10.46 6.63
CA PRO C 41 17.30 -11.36 7.04
C PRO C 41 16.76 -12.03 5.78
N ALA C 42 16.72 -13.37 5.77
CA ALA C 42 16.48 -14.14 4.55
C ALA C 42 15.08 -13.92 4.03
N HIS C 43 14.19 -13.51 4.93
CA HIS C 43 12.78 -13.47 4.62
C HIS C 43 12.40 -12.15 3.94
N ILE C 44 13.36 -11.25 3.64
CA ILE C 44 13.00 -9.96 3.07
C ILE C 44 12.68 -10.08 1.58
N TYR C 45 13.04 -11.20 0.94
CA TYR C 45 12.79 -11.38 -0.48
C TYR C 45 11.50 -12.15 -0.77
N ASN C 46 10.63 -12.36 0.24
CA ASN C 46 9.39 -13.08 0.06
C ASN C 46 8.52 -12.94 1.32
N ASP C 47 8.17 -11.69 1.63
CA ASP C 47 7.41 -11.39 2.82
C ASP C 47 6.39 -10.33 2.42
N LYS C 48 5.11 -10.71 2.55
CA LYS C 48 4.00 -9.85 2.24
C LYS C 48 4.09 -8.52 3.01
N GLU C 49 4.37 -8.59 4.31
CA GLU C 49 4.37 -7.39 5.14
C GLU C 49 5.43 -6.38 4.69
N ILE C 50 6.63 -6.86 4.33
CA ILE C 50 7.73 -6.00 3.91
C ILE C 50 7.41 -5.36 2.54
N PHE C 51 6.78 -6.13 1.64
CA PHE C 51 6.28 -5.59 0.39
C PHE C 51 5.28 -4.46 0.66
N GLU C 52 4.30 -4.67 1.55
CA GLU C 52 3.31 -3.63 1.78
C GLU C 52 4.03 -2.37 2.24
N ARG C 53 5.07 -2.56 3.05
CA ARG C 53 5.79 -1.46 3.66
C ARG C 53 6.55 -0.73 2.58
N GLU C 54 7.31 -1.48 1.77
CA GLU C 54 8.07 -0.97 0.63
C GLU C 54 7.22 0.00 -0.21
N LYS C 55 5.94 -0.39 -0.42
CA LYS C 55 5.03 0.33 -1.31
C LYS C 55 4.74 1.72 -0.75
N ALA C 56 4.61 1.80 0.57
CA ALA C 56 4.31 3.04 1.27
C ALA C 56 5.58 3.82 1.59
N THR C 57 6.76 3.29 1.26
CA THR C 57 8.01 3.98 1.58
C THR C 57 8.85 4.15 0.33
N VAL C 58 9.56 3.07 -0.05
CA VAL C 58 10.45 3.04 -1.21
C VAL C 58 9.77 3.57 -2.48
N PHE C 59 8.57 3.04 -2.81
CA PHE C 59 7.92 3.32 -4.09
C PHE C 59 6.97 4.52 -4.02
N SER C 60 6.88 5.15 -2.83
CA SER C 60 6.10 6.35 -2.62
C SER C 60 6.99 7.58 -2.53
N ARG C 61 8.31 7.40 -2.61
CA ARG C 61 9.23 8.48 -2.27
C ARG C 61 10.43 8.57 -3.19
N SER C 62 10.62 7.56 -4.05
CA SER C 62 11.75 7.48 -4.95
C SER C 62 11.40 7.98 -6.36
N TRP C 63 12.41 8.49 -7.07
CA TRP C 63 12.31 8.65 -8.51
C TRP C 63 12.35 7.28 -9.17
N LEU C 64 11.29 6.99 -9.94
CA LEU C 64 11.11 5.72 -10.61
C LEU C 64 10.99 5.98 -12.11
N PHE C 65 11.81 5.26 -12.89
CA PHE C 65 11.83 5.39 -14.35
C PHE C 65 10.53 4.85 -14.96
N VAL C 66 10.13 5.45 -16.09
CA VAL C 66 8.95 5.03 -16.84
C VAL C 66 9.21 5.00 -18.35
N ALA C 67 9.98 5.95 -18.90
CA ALA C 67 10.20 6.01 -20.34
C ALA C 67 11.33 6.97 -20.76
N HIS C 68 11.82 6.79 -21.99
CA HIS C 68 12.79 7.70 -22.58
C HIS C 68 12.11 8.54 -23.67
N GLU C 69 12.62 9.77 -23.82
CA GLU C 69 12.12 10.77 -24.76
C GLU C 69 12.05 10.21 -26.17
N SER C 70 13.09 9.45 -26.52
CA SER C 70 13.28 8.94 -27.87
C SER C 70 12.17 7.97 -28.26
N GLU C 71 11.34 7.56 -27.29
CA GLU C 71 10.25 6.63 -27.53
C GLU C 71 8.99 7.36 -27.95
N VAL C 72 8.99 8.69 -27.82
CA VAL C 72 7.87 9.50 -28.28
C VAL C 72 8.45 10.72 -29.01
N PRO C 73 9.07 10.53 -30.20
CA PRO C 73 9.77 11.63 -30.87
C PRO C 73 8.87 12.68 -31.52
N GLN C 74 7.76 12.23 -32.13
CA GLN C 74 6.85 13.08 -32.88
C GLN C 74 5.76 13.60 -31.97
N ALA C 75 5.10 14.71 -32.38
CA ALA C 75 3.91 15.19 -31.71
C ALA C 75 2.82 14.13 -31.77
N GLY C 76 2.10 14.01 -30.65
CA GLY C 76 0.99 13.06 -30.54
C GLY C 76 1.43 11.67 -30.11
N ASP C 77 2.71 11.33 -30.26
CA ASP C 77 3.22 10.04 -29.85
C ASP C 77 3.04 9.89 -28.33
N TYR C 78 2.67 8.67 -27.87
CA TYR C 78 2.52 8.40 -26.45
C TYR C 78 2.81 6.93 -26.11
N VAL C 79 3.32 6.71 -24.89
CA VAL C 79 3.35 5.39 -24.28
C VAL C 79 2.57 5.45 -22.97
N VAL C 80 1.99 4.33 -22.59
CA VAL C 80 1.40 4.20 -21.27
C VAL C 80 2.36 3.33 -20.47
N ARG C 81 2.82 3.84 -19.33
CA ARG C 81 3.73 3.13 -18.45
C ARG C 81 3.28 3.29 -17.01
N ARG C 82 3.68 2.33 -16.17
CA ARG C 82 3.09 2.20 -14.85
C ARG C 82 4.13 2.46 -13.77
N VAL C 83 3.67 3.08 -12.68
CA VAL C 83 4.41 3.12 -11.43
C VAL C 83 3.67 2.23 -10.46
N LEU C 84 4.09 0.96 -10.40
CA LEU C 84 3.43 -0.14 -9.75
C LEU C 84 2.09 -0.36 -10.44
N GLU C 85 1.02 0.13 -9.82
CA GLU C 85 -0.31 -0.14 -10.36
C GLU C 85 -0.94 1.16 -10.83
N ASP C 86 -0.20 2.26 -10.84
CA ASP C 86 -0.76 3.50 -11.35
C ASP C 86 -0.35 3.66 -12.82
N SER C 87 -1.31 4.02 -13.66
CA SER C 87 -1.09 4.10 -15.10
C SER C 87 -0.86 5.56 -15.55
N PHE C 88 0.28 5.84 -16.21
CA PHE C 88 0.57 7.17 -16.72
C PHE C 88 0.77 7.17 -18.24
N ILE C 89 0.21 8.21 -18.89
CA ILE C 89 0.46 8.51 -20.29
C ILE C 89 1.63 9.47 -20.33
N ILE C 90 2.69 9.07 -21.02
CA ILE C 90 3.81 9.95 -21.34
C ILE C 90 3.70 10.23 -22.82
N SER C 91 3.47 11.50 -23.16
CA SER C 91 3.22 11.91 -24.53
C SER C 91 4.01 13.16 -24.87
N ARG C 92 4.35 13.27 -26.15
CA ARG C 92 5.01 14.45 -26.70
C ARG C 92 3.94 15.39 -27.26
N ASP C 93 3.94 16.66 -26.82
CA ASP C 93 2.98 17.65 -27.33
C ASP C 93 3.44 18.21 -28.68
N SER C 94 2.66 19.18 -29.19
CA SER C 94 2.94 19.73 -30.50
C SER C 94 3.83 20.98 -30.41
N LYS C 95 4.70 21.06 -29.40
CA LYS C 95 5.80 22.01 -29.35
C LYS C 95 7.10 21.29 -28.97
N GLY C 96 7.05 19.95 -28.99
CA GLY C 96 8.22 19.13 -28.72
C GLY C 96 8.43 18.86 -27.24
N GLY C 97 7.57 19.45 -26.38
CA GLY C 97 7.61 19.16 -24.95
C GLY C 97 7.03 17.79 -24.62
N ILE C 98 7.21 17.36 -23.36
CA ILE C 98 6.83 16.04 -22.86
C ILE C 98 6.04 16.17 -21.58
N ARG C 99 4.97 15.37 -21.48
CA ARG C 99 4.10 15.41 -20.32
C ARG C 99 3.79 14.00 -19.83
N ALA C 100 3.45 13.93 -18.56
CA ALA C 100 2.94 12.71 -17.98
C ALA C 100 1.65 13.04 -17.28
N MET C 101 0.61 12.28 -17.63
CA MET C 101 -0.74 12.50 -17.14
C MET C 101 -1.27 11.19 -16.58
N PHE C 102 -1.81 11.26 -15.36
CA PHE C 102 -2.46 10.12 -14.76
C PHE C 102 -3.57 9.67 -15.69
N ASN C 103 -3.58 8.37 -15.99
CA ASN C 103 -4.36 7.82 -17.07
C ASN C 103 -5.79 7.68 -16.58
N MET C 104 -6.49 8.81 -16.44
CA MET C 104 -7.78 8.79 -15.76
C MET C 104 -8.64 9.97 -16.20
N CYS C 105 -9.84 9.67 -16.74
CA CYS C 105 -10.84 10.67 -17.05
C CYS C 105 -11.20 11.37 -15.75
N LEU C 106 -11.47 12.68 -15.80
CA LEU C 106 -11.68 13.48 -14.59
C LEU C 106 -13.08 13.28 -14.01
N HIS C 107 -13.97 12.59 -14.76
CA HIS C 107 -15.38 12.46 -14.40
C HIS C 107 -15.60 11.33 -13.38
N ARG C 108 -15.51 10.08 -13.83
CA ARG C 108 -15.76 8.96 -12.94
C ARG C 108 -14.66 7.92 -13.10
N GLY C 109 -13.47 8.36 -13.53
CA GLY C 109 -12.24 7.64 -13.29
C GLY C 109 -11.87 6.60 -14.36
N MET C 110 -12.61 6.52 -15.48
CA MET C 110 -12.27 5.53 -16.50
C MET C 110 -10.91 5.91 -17.07
N GLN C 111 -10.16 4.90 -17.50
CA GLN C 111 -8.89 5.16 -18.16
C GLN C 111 -9.14 5.73 -19.54
N VAL C 112 -8.41 6.81 -19.83
CA VAL C 112 -8.75 7.64 -20.96
C VAL C 112 -7.95 7.14 -22.16
N CYS C 113 -7.15 6.09 -21.91
CA CYS C 113 -6.25 5.60 -22.92
C CYS C 113 -5.88 4.15 -22.61
N ARG C 114 -6.50 3.23 -23.35
CA ARG C 114 -6.42 1.81 -23.03
C ARG C 114 -5.45 1.06 -23.95
N ALA C 115 -4.61 1.77 -24.71
CA ALA C 115 -3.55 1.13 -25.50
C ALA C 115 -2.19 1.40 -24.86
N GLU C 116 -1.18 0.57 -25.20
CA GLU C 116 0.15 0.68 -24.60
C GLU C 116 0.87 1.88 -25.20
N MET C 117 0.69 2.08 -26.51
CA MET C 117 1.32 3.19 -27.21
C MET C 117 0.56 3.44 -28.50
N GLY C 118 0.86 4.57 -29.16
CA GLY C 118 0.22 4.94 -30.40
C GLY C 118 0.41 6.43 -30.66
N ASN C 119 -0.43 7.02 -31.53
CA ASN C 119 -0.32 8.43 -31.80
C ASN C 119 -1.73 9.02 -31.82
N ALA C 120 -1.96 10.05 -30.99
CA ALA C 120 -3.23 10.74 -30.90
C ALA C 120 -3.02 12.21 -30.53
N SER C 121 -3.89 13.08 -31.08
CA SER C 121 -3.93 14.47 -30.68
C SER C 121 -4.98 14.68 -29.57
N ASN C 122 -5.77 13.64 -29.28
CA ASN C 122 -6.71 13.70 -28.17
C ASN C 122 -7.17 12.30 -27.75
N PHE C 123 -7.74 12.24 -26.54
CA PHE C 123 -8.23 11.00 -25.93
C PHE C 123 -9.71 11.13 -25.57
N ARG C 124 -10.59 10.41 -26.27
CA ARG C 124 -12.00 10.41 -25.93
C ARG C 124 -12.20 9.41 -24.80
N CYS C 125 -12.99 9.80 -23.78
CA CYS C 125 -13.46 8.83 -22.79
C CYS C 125 -14.77 8.24 -23.27
N PRO C 126 -14.87 6.90 -23.41
CA PRO C 126 -16.09 6.27 -23.95
C PRO C 126 -17.26 6.11 -22.97
N TYR C 127 -17.01 6.40 -21.69
CA TYR C 127 -18.05 6.24 -20.68
C TYR C 127 -19.06 7.36 -20.92
N HIS C 128 -18.64 8.62 -20.87
CA HIS C 128 -19.58 9.71 -21.08
C HIS C 128 -19.04 10.83 -21.98
N GLY C 129 -17.90 10.62 -22.67
CA GLY C 129 -17.57 11.37 -23.88
C GLY C 129 -16.82 12.69 -23.61
N TRP C 130 -16.26 12.80 -22.40
CA TRP C 130 -15.29 13.83 -22.12
C TRP C 130 -14.02 13.56 -22.95
N SER C 131 -13.40 14.64 -23.42
CA SER C 131 -12.29 14.53 -24.35
C SER C 131 -11.18 15.47 -23.90
N TYR C 132 -9.94 15.09 -24.25
CA TYR C 132 -8.75 15.76 -23.76
C TYR C 132 -7.73 15.87 -24.89
N ARG C 133 -7.18 17.08 -25.04
CA ARG C 133 -6.00 17.29 -25.85
C ARG C 133 -4.86 16.45 -25.26
N ASN C 134 -3.88 16.08 -26.09
CA ASN C 134 -2.85 15.16 -25.63
C ASN C 134 -1.85 15.88 -24.72
N ASP C 135 -2.00 17.20 -24.52
CA ASP C 135 -1.24 17.93 -23.53
C ASP C 135 -1.98 17.97 -22.19
N GLY C 136 -3.20 17.41 -22.17
CA GLY C 136 -3.95 17.21 -20.93
C GLY C 136 -5.21 18.07 -20.85
N ARG C 137 -5.21 19.21 -21.55
CA ARG C 137 -6.29 20.16 -21.40
C ARG C 137 -7.60 19.51 -21.89
N ILE C 138 -8.66 19.68 -21.10
CA ILE C 138 -10.00 19.21 -21.42
C ILE C 138 -10.55 20.03 -22.59
N ILE C 139 -11.30 19.36 -23.49
CA ILE C 139 -11.96 20.01 -24.62
C ILE C 139 -13.48 19.84 -24.47
N GLY C 140 -14.00 18.66 -24.81
CA GLY C 140 -15.41 18.35 -24.63
C GLY C 140 -15.75 17.94 -23.18
N LEU C 141 -16.76 18.62 -22.62
CA LEU C 141 -17.46 18.22 -21.41
C LEU C 141 -18.96 18.37 -21.67
N PRO C 142 -19.63 17.33 -22.23
CA PRO C 142 -21.03 17.42 -22.66
C PRO C 142 -22.01 17.90 -21.60
N PHE C 143 -22.91 18.80 -22.02
CA PHE C 143 -23.98 19.32 -21.19
C PHE C 143 -23.40 19.86 -19.89
N HIS C 144 -22.21 20.46 -19.97
CA HIS C 144 -21.59 21.16 -18.85
C HIS C 144 -22.56 22.20 -18.30
N GLU C 145 -23.08 23.04 -19.21
CA GLU C 145 -23.99 24.11 -18.87
C GLU C 145 -25.30 23.52 -18.35
N GLU C 146 -25.97 22.71 -19.17
CA GLU C 146 -27.33 22.31 -18.88
C GLU C 146 -27.37 21.35 -17.68
N ALA C 147 -26.33 20.54 -17.49
CA ALA C 147 -26.36 19.44 -16.54
C ALA C 147 -25.66 19.80 -15.25
N TYR C 148 -24.41 20.28 -15.35
CA TYR C 148 -23.61 20.57 -14.18
C TYR C 148 -23.98 21.92 -13.60
N GLY C 149 -24.50 22.84 -14.42
CA GLY C 149 -24.81 24.18 -13.97
C GLY C 149 -23.65 25.14 -14.24
N GLY C 150 -22.83 24.77 -15.21
CA GLY C 150 -21.69 25.57 -15.59
C GLY C 150 -20.54 25.41 -14.60
N GLU C 151 -19.65 26.42 -14.57
CA GLU C 151 -18.44 26.44 -13.78
C GLU C 151 -18.72 26.24 -12.29
N GLU C 152 -19.85 26.77 -11.79
CA GLU C 152 -20.14 26.76 -10.37
C GLU C 152 -20.42 25.31 -9.91
N GLY C 153 -20.89 24.47 -10.85
CA GLY C 153 -21.15 23.05 -10.58
C GLY C 153 -19.90 22.18 -10.72
N PHE C 154 -19.18 22.39 -11.81
CA PHE C 154 -17.93 21.71 -12.07
C PHE C 154 -16.92 22.63 -12.77
N LYS C 155 -15.68 22.60 -12.30
CA LYS C 155 -14.62 23.44 -12.83
C LYS C 155 -14.04 22.78 -14.08
N LYS C 156 -14.25 23.41 -15.25
CA LYS C 156 -13.75 22.95 -16.53
C LYS C 156 -12.71 23.91 -17.08
N LYS C 157 -12.86 25.22 -16.78
CA LYS C 157 -11.92 26.28 -17.16
C LYS C 157 -10.48 25.90 -16.78
N GLY C 158 -9.67 25.67 -17.79
CA GLY C 158 -8.25 25.37 -17.61
C GLY C 158 -7.98 24.10 -16.81
N GLN C 159 -8.90 23.13 -16.81
CA GLN C 159 -8.66 21.82 -16.21
C GLN C 159 -7.72 21.01 -17.10
N THR C 160 -7.05 20.02 -16.49
CA THR C 160 -6.28 19.03 -17.23
C THR C 160 -6.41 17.65 -16.58
N LEU C 161 -6.13 16.62 -17.38
CA LEU C 161 -5.74 15.34 -16.82
C LEU C 161 -4.74 15.61 -15.72
N LEU C 162 -4.89 14.94 -14.56
CA LEU C 162 -4.04 15.18 -13.40
C LEU C 162 -2.58 14.96 -13.79
N PRO C 163 -1.64 15.83 -13.41
CA PRO C 163 -0.22 15.58 -13.65
C PRO C 163 0.22 14.50 -12.68
N ALA C 164 1.29 13.77 -13.08
CA ALA C 164 2.04 12.96 -12.15
C ALA C 164 2.37 13.82 -10.94
N PRO C 165 2.42 13.26 -9.72
CA PRO C 165 2.80 14.02 -8.54
C PRO C 165 4.13 14.74 -8.70
N ASN C 166 5.09 14.12 -9.38
CA ASN C 166 6.36 14.78 -9.62
C ASN C 166 7.02 14.17 -10.84
N LEU C 167 7.43 15.02 -11.79
CA LEU C 167 7.95 14.57 -13.06
C LEU C 167 9.24 15.30 -13.35
N ASP C 168 10.20 14.64 -13.97
CA ASP C 168 11.52 15.22 -14.21
C ASP C 168 12.23 14.25 -15.13
N SER C 169 13.41 14.63 -15.60
CA SER C 169 14.17 13.74 -16.46
C SER C 169 15.64 14.16 -16.50
N TYR C 170 16.45 13.25 -17.04
CA TYR C 170 17.88 13.45 -17.12
C TYR C 170 18.36 12.61 -18.30
N ASN C 171 19.06 13.29 -19.24
CA ASN C 171 19.50 12.66 -20.47
C ASN C 171 18.33 12.03 -21.20
N GLY C 172 17.18 12.70 -21.16
CA GLY C 172 15.99 12.17 -21.80
C GLY C 172 15.35 11.01 -21.04
N MET C 173 15.93 10.59 -19.92
CA MET C 173 15.31 9.54 -19.15
C MET C 173 14.33 10.16 -18.15
N ILE C 174 13.05 9.76 -18.28
CA ILE C 174 11.93 10.38 -17.62
C ILE C 174 11.60 9.56 -16.38
N PHE C 175 11.51 10.26 -15.24
CA PHE C 175 11.17 9.64 -13.98
C PHE C 175 9.91 10.25 -13.38
N ILE C 176 9.14 9.41 -12.67
CA ILE C 176 8.06 9.89 -11.81
C ILE C 176 8.38 9.61 -10.34
N ASN C 177 7.98 10.55 -9.48
CA ASN C 177 8.06 10.41 -8.04
C ASN C 177 6.69 10.65 -7.43
N MET C 178 6.23 9.78 -6.55
CA MET C 178 4.87 9.88 -6.05
C MET C 178 4.77 10.91 -4.91
N ASP C 179 5.92 11.29 -4.33
CA ASP C 179 5.98 12.30 -3.29
C ASP C 179 5.93 13.67 -3.93
N PRO C 180 4.85 14.47 -3.75
CA PRO C 180 4.78 15.81 -4.32
C PRO C 180 5.86 16.76 -3.82
N ASN C 181 6.60 16.39 -2.76
CA ASN C 181 7.60 17.23 -2.14
C ASN C 181 9.01 16.65 -2.25
N ALA C 182 9.19 15.63 -3.11
CA ALA C 182 10.51 15.10 -3.35
C ALA C 182 11.49 16.23 -3.69
N GLU C 183 12.76 16.01 -3.42
CA GLU C 183 13.80 16.78 -4.09
C GLU C 183 13.78 16.44 -5.58
N SER C 184 14.49 17.26 -6.37
CA SER C 184 14.57 17.15 -7.81
C SER C 184 15.31 15.88 -8.18
N LEU C 185 15.21 15.48 -9.45
CA LEU C 185 15.86 14.26 -9.87
C LEU C 185 17.36 14.44 -9.82
N SER C 186 17.81 15.64 -10.20
CA SER C 186 19.23 15.88 -10.32
C SER C 186 19.84 15.74 -8.93
N ASP C 187 19.14 16.33 -7.95
CA ASP C 187 19.58 16.36 -6.57
C ASP C 187 19.64 14.92 -6.04
N TYR C 188 18.64 14.11 -6.38
CA TYR C 188 18.59 12.74 -5.94
C TYR C 188 19.80 11.99 -6.49
N LEU C 189 20.01 12.09 -7.80
CA LEU C 189 20.97 11.26 -8.51
C LEU C 189 22.38 11.67 -8.09
N GLY C 190 22.54 12.95 -7.77
CA GLY C 190 23.80 13.48 -7.30
C GLY C 190 24.97 13.09 -8.19
N ASP C 191 26.07 12.65 -7.58
CA ASP C 191 27.31 12.36 -8.28
C ASP C 191 27.11 11.21 -9.28
N PHE C 192 26.04 10.42 -9.14
CA PHE C 192 25.89 9.28 -10.01
C PHE C 192 25.68 9.68 -11.46
N LYS C 193 25.21 10.90 -11.72
CA LYS C 193 25.03 11.35 -13.10
C LYS C 193 26.31 11.17 -13.92
N PHE C 194 27.48 11.24 -13.26
CA PHE C 194 28.78 11.10 -13.91
C PHE C 194 28.88 9.73 -14.58
N TYR C 195 28.48 8.67 -13.88
CA TYR C 195 28.48 7.33 -14.46
C TYR C 195 27.32 7.17 -15.43
N LEU C 196 26.16 7.75 -15.10
CA LEU C 196 24.95 7.53 -15.88
C LEU C 196 25.21 7.99 -17.32
N ASP C 197 26.07 9.01 -17.45
CA ASP C 197 26.40 9.63 -18.72
C ASP C 197 27.07 8.65 -19.69
N TYR C 198 27.88 7.72 -19.19
CA TYR C 198 28.49 6.73 -20.07
C TYR C 198 27.40 5.93 -20.78
N TYR C 199 26.33 5.59 -20.06
CA TYR C 199 25.27 4.73 -20.57
C TYR C 199 24.29 5.52 -21.44
N THR C 200 24.20 6.84 -21.28
CA THR C 200 23.00 7.53 -21.78
C THR C 200 23.28 8.85 -22.49
N LYS C 201 24.53 9.32 -22.52
CA LYS C 201 24.85 10.54 -23.24
C LYS C 201 26.22 10.36 -23.91
N GLN C 202 26.24 9.74 -25.10
CA GLN C 202 27.46 9.50 -25.85
C GLN C 202 27.68 10.48 -27.00
N SER C 203 26.76 11.44 -27.17
CA SER C 203 26.75 12.36 -28.31
C SER C 203 25.80 13.49 -27.97
N GLU C 204 25.93 14.62 -28.68
CA GLU C 204 25.00 15.71 -28.49
C GLU C 204 23.63 15.34 -29.07
N SER C 205 23.58 14.28 -29.89
CA SER C 205 22.34 13.86 -30.54
C SER C 205 21.33 13.31 -29.54
N GLY C 206 21.82 12.77 -28.41
CA GLY C 206 20.96 12.09 -27.47
C GLY C 206 20.94 10.59 -27.68
N LEU C 207 20.10 9.90 -26.91
CA LEU C 207 20.02 8.45 -26.90
C LEU C 207 18.80 8.02 -27.74
N GLU C 208 18.85 6.77 -28.23
CA GLU C 208 17.74 6.09 -28.87
C GLU C 208 17.46 4.79 -28.11
N VAL C 209 16.29 4.69 -27.45
CA VAL C 209 15.95 3.44 -26.77
C VAL C 209 14.71 2.86 -27.45
N ARG C 210 14.66 1.53 -27.48
CA ARG C 210 13.56 0.80 -28.08
C ARG C 210 13.13 -0.27 -27.11
N GLY C 211 11.87 -0.70 -27.22
CA GLY C 211 11.32 -1.78 -26.43
C GLY C 211 10.06 -1.32 -25.69
N PRO C 212 9.81 -1.77 -24.44
CA PRO C 212 10.56 -2.86 -23.82
C PRO C 212 9.96 -4.24 -24.06
N GLN C 213 10.82 -5.26 -24.03
CA GLN C 213 10.37 -6.62 -23.85
C GLN C 213 9.86 -6.70 -22.43
N ARG C 214 8.72 -7.35 -22.24
CA ARG C 214 8.10 -7.41 -20.92
C ARG C 214 7.70 -8.85 -20.63
N TRP C 215 8.11 -9.34 -19.46
CA TRP C 215 7.76 -10.69 -19.02
C TRP C 215 7.81 -10.73 -17.51
N ARG C 216 7.05 -11.67 -16.92
CA ARG C 216 6.87 -11.79 -15.48
C ARG C 216 7.74 -12.92 -14.95
N VAL C 217 8.44 -12.70 -13.83
CA VAL C 217 9.36 -13.68 -13.25
C VAL C 217 9.01 -13.80 -11.77
N LYS C 218 9.22 -14.99 -11.18
CA LYS C 218 8.86 -15.21 -9.79
C LYS C 218 10.05 -14.94 -8.87
N ALA C 219 10.51 -13.68 -8.88
CA ALA C 219 11.68 -13.27 -8.13
C ALA C 219 11.41 -11.91 -7.51
N ASN C 220 11.94 -11.67 -6.29
CA ASN C 220 11.76 -10.40 -5.63
C ASN C 220 12.52 -9.33 -6.41
N TRP C 221 11.89 -8.16 -6.53
CA TRP C 221 12.42 -7.04 -7.30
C TRP C 221 13.85 -6.66 -6.90
N LYS C 222 14.16 -6.80 -5.60
CA LYS C 222 15.42 -6.38 -5.02
C LYS C 222 16.61 -7.20 -5.54
N ILE C 223 16.42 -8.51 -5.78
CA ILE C 223 17.56 -9.41 -6.02
C ILE C 223 18.31 -8.99 -7.29
N GLY C 224 17.54 -8.70 -8.36
CA GLY C 224 18.09 -8.16 -9.61
C GLY C 224 18.79 -6.81 -9.42
N ALA C 225 18.12 -5.89 -8.70
CA ALA C 225 18.74 -4.61 -8.40
C ALA C 225 20.13 -4.81 -7.81
N GLU C 226 20.25 -5.76 -6.86
CA GLU C 226 21.50 -5.99 -6.15
C GLU C 226 22.56 -6.55 -7.09
N ASN C 227 22.18 -7.61 -7.79
CA ASN C 227 23.01 -8.26 -8.78
C ASN C 227 23.74 -7.21 -9.64
N PHE C 228 22.95 -6.39 -10.35
CA PHE C 228 23.50 -5.41 -11.26
C PHE C 228 24.26 -4.30 -10.55
N ALA C 229 23.94 -4.07 -9.28
CA ALA C 229 24.60 -3.05 -8.50
C ALA C 229 26.09 -3.33 -8.40
N GLY C 230 26.46 -4.56 -8.01
CA GLY C 230 27.88 -4.87 -7.88
C GLY C 230 28.22 -6.35 -7.77
N ASP C 231 27.54 -7.21 -8.52
CA ASP C 231 27.87 -8.64 -8.52
C ASP C 231 28.72 -9.02 -9.73
N MET C 232 30.04 -8.91 -9.56
CA MET C 232 31.01 -9.44 -10.50
C MET C 232 31.23 -10.93 -10.26
N TYR C 233 31.27 -11.26 -8.96
CA TYR C 233 31.52 -12.61 -8.46
C TYR C 233 30.78 -13.69 -9.27
N HIS C 234 29.49 -13.45 -9.58
CA HIS C 234 28.65 -14.49 -10.17
C HIS C 234 29.09 -14.84 -11.59
N THR C 235 29.74 -13.91 -12.28
CA THR C 235 29.81 -13.93 -13.73
C THR C 235 30.47 -15.24 -14.20
N PRO C 236 31.73 -15.53 -13.80
CA PRO C 236 32.36 -16.81 -14.12
C PRO C 236 31.47 -18.06 -14.06
N GLN C 237 30.73 -18.23 -12.96
CA GLN C 237 29.97 -19.46 -12.77
C GLN C 237 28.64 -19.44 -13.51
N THR C 238 27.91 -18.35 -13.41
CA THR C 238 26.56 -18.31 -13.95
C THR C 238 26.60 -18.36 -15.47
N HIS C 239 27.64 -17.72 -16.04
CA HIS C 239 27.70 -17.45 -17.47
C HIS C 239 28.84 -18.20 -18.17
N THR C 240 29.30 -19.36 -17.65
CA THR C 240 30.25 -20.17 -18.40
C THR C 240 29.69 -20.54 -19.77
N SER C 241 28.44 -21.01 -19.80
CA SER C 241 27.84 -21.49 -21.03
C SER C 241 28.11 -20.54 -22.19
N VAL C 242 28.23 -19.23 -21.87
CA VAL C 242 28.31 -18.17 -22.86
C VAL C 242 29.75 -17.90 -23.29
N VAL C 243 30.72 -18.14 -22.40
CA VAL C 243 32.12 -18.08 -22.80
C VAL C 243 32.41 -19.30 -23.66
N GLU C 244 31.99 -20.47 -23.18
CA GLU C 244 32.27 -21.76 -23.81
C GLU C 244 31.89 -21.73 -25.29
N ILE C 245 30.73 -21.14 -25.63
CA ILE C 245 30.24 -21.12 -27.00
C ILE C 245 30.98 -20.06 -27.82
N GLY C 246 32.04 -19.47 -27.23
CA GLY C 246 32.95 -18.62 -27.99
C GLY C 246 32.34 -17.26 -28.35
N LEU C 247 31.39 -16.78 -27.56
CA LEU C 247 30.70 -15.54 -27.87
C LEU C 247 31.53 -14.33 -27.43
N PHE C 248 32.62 -14.57 -26.68
CA PHE C 248 33.47 -13.51 -26.12
C PHE C 248 34.96 -13.77 -26.44
N ARG C 249 35.81 -12.73 -26.37
CA ARG C 249 37.09 -12.70 -27.09
C ARG C 249 38.19 -13.57 -26.42
N LYS C 255 40.98 -11.71 -15.05
CA LYS C 255 40.90 -10.25 -15.33
C LYS C 255 39.54 -9.69 -14.90
N ARG C 256 38.59 -10.57 -14.51
CA ARG C 256 37.28 -10.16 -14.05
C ARG C 256 37.37 -9.44 -12.70
N LYS C 257 38.14 -10.04 -11.77
CA LYS C 257 38.44 -9.48 -10.44
C LYS C 257 39.16 -8.13 -10.53
N ASP C 258 39.86 -7.88 -11.66
CA ASP C 258 40.65 -6.67 -11.87
C ASP C 258 39.75 -5.45 -12.07
N GLY C 259 38.47 -5.71 -12.37
CA GLY C 259 37.50 -4.64 -12.55
C GLY C 259 37.22 -3.85 -11.26
N ALA C 260 36.91 -2.57 -11.44
CA ALA C 260 36.53 -1.68 -10.35
C ALA C 260 35.03 -1.76 -10.16
N THR C 261 34.60 -1.73 -8.89
CA THR C 261 33.20 -1.47 -8.54
C THR C 261 33.17 -0.11 -7.84
N TYR C 262 32.24 0.75 -8.28
CA TYR C 262 32.10 2.11 -7.77
C TYR C 262 30.69 2.34 -7.21
N TRP C 263 30.59 3.27 -6.25
CA TRP C 263 29.30 3.74 -5.74
C TRP C 263 29.31 5.25 -5.57
N ALA C 264 28.27 5.90 -6.03
CA ALA C 264 28.20 7.35 -5.92
C ALA C 264 26.73 7.74 -5.81
N GLY C 265 26.43 8.64 -4.88
CA GLY C 265 25.06 9.01 -4.60
C GLY C 265 24.18 7.78 -4.37
N PRO C 266 23.00 7.69 -4.99
CA PRO C 266 22.07 6.59 -4.79
C PRO C 266 22.23 5.38 -5.70
N GLY C 267 23.32 5.31 -6.47
CA GLY C 267 23.56 4.20 -7.39
C GLY C 267 25.01 3.68 -7.34
N GLY C 268 25.21 2.50 -7.93
CA GLY C 268 26.54 1.97 -8.07
C GLY C 268 26.61 0.91 -9.16
N GLY C 269 27.85 0.47 -9.46
CA GLY C 269 28.08 -0.31 -10.66
C GLY C 269 29.40 -1.07 -10.68
N THR C 270 29.54 -1.79 -11.79
CA THR C 270 30.62 -2.71 -12.07
C THR C 270 31.39 -2.16 -13.27
N THR C 271 32.63 -2.56 -13.47
CA THR C 271 33.39 -2.17 -14.65
C THR C 271 34.40 -3.22 -15.02
N TYR C 272 34.89 -3.14 -16.26
CA TYR C 272 35.93 -4.03 -16.73
C TYR C 272 37.23 -3.23 -16.83
N LYS C 273 38.33 -3.87 -16.43
CA LYS C 273 39.65 -3.32 -16.67
C LYS C 273 40.02 -3.60 -18.12
N LEU C 274 40.47 -2.57 -18.84
CA LEU C 274 40.90 -2.72 -20.22
C LEU C 274 42.43 -2.70 -20.23
N PRO C 275 43.07 -3.34 -21.24
CA PRO C 275 44.50 -3.20 -21.51
C PRO C 275 44.98 -1.76 -21.61
N ASP C 276 46.30 -1.54 -21.47
CA ASP C 276 46.87 -0.21 -21.53
C ASP C 276 46.58 0.39 -22.91
N GLY C 277 46.57 1.71 -22.94
CA GLY C 277 46.05 2.41 -24.09
C GLY C 277 45.50 3.78 -23.71
N THR C 278 45.26 4.57 -24.77
CA THR C 278 44.70 5.90 -24.63
C THR C 278 43.17 5.78 -24.60
N PHE C 279 42.52 6.94 -24.44
CA PHE C 279 41.07 6.98 -24.53
C PHE C 279 40.62 6.29 -25.81
N ASP C 280 41.16 6.70 -26.98
CA ASP C 280 40.63 6.26 -28.27
C ASP C 280 40.91 4.77 -28.48
N GLU C 281 42.11 4.33 -28.13
CA GLU C 281 42.46 2.92 -28.29
C GLU C 281 41.47 2.06 -27.49
N ARG C 282 41.19 2.50 -26.25
CA ARG C 282 40.41 1.70 -25.31
C ARG C 282 38.95 1.71 -25.73
N MET C 283 38.44 2.89 -26.11
CA MET C 283 37.09 2.99 -26.65
C MET C 283 36.98 2.07 -27.86
N GLN C 284 37.99 2.08 -28.73
CA GLN C 284 37.97 1.28 -29.95
C GLN C 284 38.12 -0.19 -29.61
N TYR C 285 38.92 -0.51 -28.59
CA TYR C 285 39.16 -1.91 -28.24
C TYR C 285 37.85 -2.59 -27.86
N VAL C 286 36.85 -1.77 -27.50
CA VAL C 286 35.59 -2.23 -26.95
C VAL C 286 34.50 -2.22 -28.01
N GLY C 287 34.73 -1.56 -29.16
CA GLY C 287 33.87 -1.70 -30.33
C GLY C 287 33.35 -0.37 -30.88
N TYR C 288 33.59 0.72 -30.15
CA TYR C 288 33.21 2.04 -30.63
C TYR C 288 34.04 2.37 -31.88
N THR C 289 33.38 2.87 -32.94
CA THR C 289 34.10 3.41 -34.08
C THR C 289 34.79 4.71 -33.66
N ALA C 290 35.59 5.26 -34.59
CA ALA C 290 36.41 6.43 -34.30
C ALA C 290 35.54 7.66 -34.20
N GLU C 291 34.53 7.78 -35.07
CA GLU C 291 33.74 9.00 -35.07
C GLU C 291 32.80 8.99 -33.87
N MET C 292 32.42 7.80 -33.38
CA MET C 292 31.64 7.66 -32.15
C MET C 292 32.46 8.07 -30.90
N THR C 293 33.71 7.59 -30.84
CA THR C 293 34.70 7.95 -29.85
C THR C 293 34.88 9.47 -29.83
N ASP C 294 34.88 10.09 -31.02
CA ASP C 294 35.14 11.51 -31.14
C ASP C 294 33.94 12.29 -30.60
N ARG C 295 32.73 11.82 -30.94
CA ARG C 295 31.48 12.41 -30.47
C ARG C 295 31.35 12.26 -28.94
N ALA C 296 31.80 11.13 -28.40
CA ALA C 296 31.80 10.97 -26.95
C ALA C 296 32.58 12.08 -26.25
N LYS C 297 33.80 12.41 -26.74
CA LYS C 297 34.66 13.42 -26.12
C LYS C 297 34.04 14.82 -26.14
N GLU C 298 33.11 15.08 -27.07
CA GLU C 298 32.40 16.35 -27.10
C GLU C 298 31.54 16.53 -25.83
N VAL C 299 30.96 15.44 -25.31
CA VAL C 299 29.97 15.55 -24.24
C VAL C 299 30.53 15.05 -22.92
N TRP C 300 31.62 14.26 -22.90
CA TRP C 300 32.22 13.81 -21.65
C TRP C 300 33.30 14.79 -21.22
N SER C 301 33.35 15.04 -19.90
CA SER C 301 34.38 15.85 -19.26
C SER C 301 35.74 15.15 -19.35
N ASP C 302 36.81 15.91 -19.13
CA ASP C 302 38.14 15.36 -18.91
C ASP C 302 38.12 14.27 -17.84
N GLU C 303 37.34 14.51 -16.78
CA GLU C 303 37.26 13.63 -15.62
C GLU C 303 36.58 12.33 -16.04
N GLN C 304 35.51 12.45 -16.83
CA GLN C 304 34.79 11.28 -17.29
C GLN C 304 35.60 10.48 -18.30
N GLN C 305 36.50 11.17 -19.02
CA GLN C 305 37.37 10.52 -19.98
C GLN C 305 38.49 9.75 -19.29
N ARG C 306 39.02 10.33 -18.21
CA ARG C 306 40.18 9.77 -17.53
C ARG C 306 39.84 8.39 -16.95
N VAL C 307 38.59 8.18 -16.55
CA VAL C 307 38.23 6.90 -15.96
C VAL C 307 38.43 5.79 -16.99
N ILE C 308 38.15 6.08 -18.26
CA ILE C 308 38.37 5.12 -19.33
C ILE C 308 39.81 5.23 -19.83
N GLY C 309 40.31 6.47 -19.94
CA GLY C 309 41.56 6.74 -20.62
C GLY C 309 42.80 6.37 -19.79
N ALA C 310 42.80 6.73 -18.51
CA ALA C 310 43.97 6.57 -17.65
C ALA C 310 43.80 5.39 -16.71
N ASP C 311 42.66 5.37 -16.00
CA ASP C 311 42.35 4.37 -14.99
C ASP C 311 42.04 3.01 -15.62
N GLY C 312 41.42 3.07 -16.80
CA GLY C 312 41.16 1.91 -17.62
C GLY C 312 39.96 1.10 -17.13
N PHE C 313 38.90 1.81 -16.68
CA PHE C 313 37.68 1.18 -16.20
C PHE C 313 36.50 1.56 -17.11
N MET C 314 35.90 0.54 -17.74
CA MET C 314 34.77 0.69 -18.67
C MET C 314 33.52 0.09 -18.04
N ILE C 315 32.45 0.88 -18.04
CA ILE C 315 31.20 0.51 -17.39
C ILE C 315 30.81 -0.90 -17.84
N SER C 316 30.26 -1.66 -16.89
CA SER C 316 29.64 -2.93 -17.18
C SER C 316 28.17 -2.86 -16.77
N ALA C 317 27.84 -3.33 -15.56
CA ALA C 317 26.49 -3.18 -15.02
C ALA C 317 26.46 -2.08 -13.95
N ALA C 318 25.23 -1.63 -13.65
CA ALA C 318 24.95 -0.63 -12.62
C ALA C 318 23.48 -0.72 -12.18
N SER C 319 23.22 -0.25 -10.96
CA SER C 319 21.85 -0.08 -10.50
C SER C 319 21.69 1.34 -9.99
N VAL C 320 20.50 1.89 -10.11
CA VAL C 320 20.13 3.08 -9.36
C VAL C 320 18.98 2.71 -8.43
N PHE C 321 19.08 3.11 -7.17
CA PHE C 321 18.07 2.78 -6.20
C PHE C 321 16.75 3.40 -6.63
N PRO C 322 15.61 2.68 -6.52
CA PRO C 322 15.59 1.27 -6.17
C PRO C 322 15.62 0.22 -7.29
N ASN C 323 14.99 0.47 -8.43
CA ASN C 323 14.67 -0.63 -9.34
C ASN C 323 15.03 -0.35 -10.80
N LEU C 324 16.08 0.46 -11.02
CA LEU C 324 16.55 0.76 -12.36
C LEU C 324 17.93 0.15 -12.51
N SER C 325 18.22 -0.42 -13.69
CA SER C 325 19.48 -1.13 -13.89
C SER C 325 19.95 -1.03 -15.33
N PHE C 326 21.27 -1.15 -15.49
CA PHE C 326 21.96 -0.94 -16.74
C PHE C 326 22.96 -2.06 -16.98
N VAL C 327 23.17 -2.44 -18.23
CA VAL C 327 24.29 -3.32 -18.53
C VAL C 327 24.84 -2.91 -19.86
N HIS C 328 26.17 -2.97 -19.92
CA HIS C 328 26.94 -2.61 -21.09
C HIS C 328 27.97 -3.71 -21.32
N ASN C 329 27.95 -4.32 -22.51
CA ASN C 329 28.86 -5.41 -22.79
C ASN C 329 29.25 -5.36 -24.27
N TRP C 330 30.32 -6.05 -24.63
CA TRP C 330 30.77 -6.05 -26.01
C TRP C 330 31.15 -7.46 -26.44
N PRO C 331 30.17 -8.32 -26.82
CA PRO C 331 30.50 -9.64 -27.37
C PRO C 331 31.17 -9.57 -28.74
N LYS C 332 31.68 -10.75 -29.15
CA LYS C 332 32.18 -10.94 -30.49
C LYS C 332 31.01 -10.83 -31.47
N VAL C 333 31.36 -10.32 -32.67
CA VAL C 333 30.41 -10.13 -33.76
C VAL C 333 30.31 -11.45 -34.53
N GLU C 334 29.17 -11.64 -35.20
CA GLU C 334 29.00 -12.77 -36.09
C GLU C 334 30.14 -12.83 -37.10
N ASP C 338 36.39 -9.33 -34.15
CA ASP C 338 35.87 -7.99 -33.75
C ASP C 338 34.79 -8.14 -32.69
N VAL C 339 34.63 -7.09 -31.87
CA VAL C 339 33.60 -7.02 -30.84
C VAL C 339 32.77 -5.74 -31.04
N LEU C 340 31.52 -5.76 -30.59
CA LEU C 340 30.71 -4.56 -30.66
C LEU C 340 29.85 -4.46 -29.39
N PRO C 341 29.79 -3.26 -28.76
CA PRO C 341 28.97 -3.05 -27.57
C PRO C 341 27.47 -2.94 -27.78
N PHE C 342 26.69 -3.28 -26.75
CA PHE C 342 25.27 -2.98 -26.68
C PHE C 342 24.98 -2.37 -25.30
N ILE C 343 23.85 -1.66 -25.17
CA ILE C 343 23.45 -1.16 -23.87
C ILE C 343 22.06 -1.67 -23.56
N SER C 344 21.75 -1.90 -22.28
CA SER C 344 20.37 -2.21 -21.93
C SER C 344 19.94 -1.44 -20.68
N ILE C 345 18.74 -0.89 -20.75
CA ILE C 345 18.11 -0.26 -19.61
C ILE C 345 16.92 -1.14 -19.24
N ARG C 346 16.71 -1.31 -17.95
CA ARG C 346 15.67 -2.21 -17.49
C ARG C 346 15.09 -1.70 -16.18
N LEU C 347 13.78 -1.91 -16.04
CA LEU C 347 13.03 -1.59 -14.83
C LEU C 347 12.65 -2.92 -14.17
N TRP C 348 12.80 -2.98 -12.85
CA TRP C 348 12.34 -4.09 -12.03
C TRP C 348 11.01 -3.67 -11.41
N GLN C 349 9.93 -3.84 -12.17
CA GLN C 349 8.62 -3.42 -11.69
C GLN C 349 8.08 -4.49 -10.74
N PRO C 350 7.84 -4.19 -9.46
CA PRO C 350 7.39 -5.21 -8.51
C PRO C 350 5.88 -5.47 -8.60
N ILE C 351 5.50 -6.75 -8.74
CA ILE C 351 4.09 -7.15 -8.77
C ILE C 351 3.61 -7.61 -7.39
N SER C 352 4.43 -8.41 -6.71
CA SER C 352 4.16 -8.87 -5.36
C SER C 352 5.48 -9.10 -4.64
N GLU C 353 5.39 -9.64 -3.41
CA GLU C 353 6.57 -9.96 -2.62
C GLU C 353 7.45 -10.98 -3.34
N ASN C 354 6.89 -11.66 -4.35
CA ASN C 354 7.58 -12.74 -5.03
C ASN C 354 7.29 -12.73 -6.53
N GLU C 355 7.12 -11.54 -7.13
CA GLU C 355 6.90 -11.47 -8.55
C GLU C 355 7.37 -10.08 -9.01
N THR C 356 8.07 -10.08 -10.15
CA THR C 356 8.56 -8.89 -10.80
C THR C 356 8.19 -8.98 -12.28
N GLU C 357 7.91 -7.82 -12.88
CA GLU C 357 7.87 -7.67 -14.33
C GLU C 357 9.19 -7.03 -14.74
N VAL C 358 9.93 -7.74 -15.59
CA VAL C 358 11.12 -7.17 -16.18
C VAL C 358 10.69 -6.38 -17.41
N LEU C 359 11.06 -5.09 -17.45
CA LEU C 359 10.92 -4.30 -18.67
C LEU C 359 12.33 -4.05 -19.22
N SER C 360 12.72 -4.79 -20.27
CA SER C 360 14.06 -4.66 -20.81
C SER C 360 14.06 -3.82 -22.09
N PHE C 361 14.93 -2.80 -22.08
CA PHE C 361 15.11 -1.88 -23.19
C PHE C 361 16.48 -2.11 -23.83
N PHE C 362 16.54 -1.89 -25.15
CA PHE C 362 17.79 -1.74 -25.88
C PHE C 362 18.05 -0.25 -26.03
N ALA C 363 19.29 0.19 -25.88
CA ALA C 363 19.62 1.57 -26.20
C ALA C 363 20.90 1.62 -27.00
N VAL C 364 20.97 2.64 -27.85
CA VAL C 364 22.18 2.92 -28.60
C VAL C 364 22.22 4.40 -28.93
N ASP C 365 23.42 4.97 -29.10
CA ASP C 365 23.53 6.37 -29.47
C ASP C 365 22.87 6.57 -30.83
N ARG C 366 22.21 7.73 -30.98
CA ARG C 366 21.44 8.04 -32.18
C ARG C 366 22.35 8.23 -33.39
N SER C 367 23.54 8.79 -33.21
CA SER C 367 24.40 9.06 -34.34
C SER C 367 25.23 7.85 -34.75
N ALA C 368 25.06 6.71 -34.07
CA ALA C 368 25.81 5.52 -34.43
C ALA C 368 25.46 5.09 -35.86
N PRO C 369 26.41 4.50 -36.63
CA PRO C 369 26.10 3.98 -37.96
C PRO C 369 24.95 2.96 -37.93
N GLU C 370 24.16 2.95 -39.01
CA GLU C 370 22.98 2.11 -39.10
C GLU C 370 23.38 0.65 -38.95
N GLU C 371 24.53 0.28 -39.52
CA GLU C 371 25.04 -1.08 -39.41
C GLU C 371 25.40 -1.36 -37.95
N PHE C 372 25.96 -0.35 -37.26
CA PHE C 372 26.37 -0.49 -35.86
C PHE C 372 25.15 -0.78 -34.99
N LYS C 373 24.08 -0.03 -35.23
CA LYS C 373 22.81 -0.23 -34.55
C LYS C 373 22.31 -1.66 -34.69
N LYS C 374 22.40 -2.26 -35.88
CA LYS C 374 21.83 -3.58 -36.12
C LYS C 374 22.64 -4.64 -35.37
N LYS C 375 23.98 -4.52 -35.44
CA LYS C 375 24.86 -5.47 -34.77
C LYS C 375 24.70 -5.35 -33.26
N SER C 376 24.68 -4.11 -32.77
CA SER C 376 24.50 -3.84 -31.35
C SER C 376 23.23 -4.52 -30.82
N TYR C 377 22.09 -4.33 -31.51
CA TYR C 377 20.81 -4.92 -31.13
C TYR C 377 20.87 -6.45 -31.20
N LYS C 378 21.59 -6.99 -32.17
CA LYS C 378 21.69 -8.44 -32.31
C LYS C 378 22.38 -9.03 -31.09
N ALA C 379 23.47 -8.39 -30.66
CA ALA C 379 24.14 -8.81 -29.44
C ALA C 379 23.20 -8.65 -28.24
N TYR C 380 22.42 -7.57 -28.23
CA TYR C 380 21.48 -7.34 -27.16
C TYR C 380 20.54 -8.53 -27.04
N LEU C 381 19.87 -8.87 -28.14
CA LEU C 381 18.88 -9.93 -28.15
C LEU C 381 19.44 -11.26 -27.63
N MET C 382 20.72 -11.49 -27.92
CA MET C 382 21.40 -12.74 -27.66
C MET C 382 21.90 -12.81 -26.22
N CYS C 383 22.09 -11.66 -25.59
CA CYS C 383 22.70 -11.62 -24.26
C CYS C 383 21.68 -11.32 -23.17
N PHE C 384 20.97 -10.18 -23.25
CA PHE C 384 19.98 -9.84 -22.25
C PHE C 384 18.57 -9.73 -22.84
N GLY C 385 17.58 -9.55 -21.94
CA GLY C 385 16.20 -9.35 -22.33
C GLY C 385 15.39 -10.64 -22.24
N SER C 386 14.26 -10.68 -22.94
CA SER C 386 13.29 -11.77 -22.83
C SER C 386 13.83 -13.08 -23.42
N THR C 387 14.85 -12.98 -24.28
CA THR C 387 15.51 -14.14 -24.89
C THR C 387 17.01 -14.17 -24.60
N GLY C 388 17.51 -13.28 -23.72
CA GLY C 388 18.93 -13.15 -23.42
C GLY C 388 19.50 -14.39 -22.73
N MET C 389 20.70 -14.83 -23.14
CA MET C 389 21.21 -16.10 -22.65
C MET C 389 21.94 -15.88 -21.34
N PHE C 390 22.23 -14.61 -21.03
CA PHE C 390 22.72 -14.27 -19.71
C PHE C 390 21.52 -14.30 -18.75
N GLU C 391 20.58 -13.36 -19.01
CA GLU C 391 19.40 -13.14 -18.20
C GLU C 391 18.76 -14.47 -17.79
N GLN C 392 18.66 -15.42 -18.74
CA GLN C 392 18.12 -16.75 -18.53
C GLN C 392 18.61 -17.36 -17.22
N ASP C 393 19.92 -17.27 -17.01
CA ASP C 393 20.57 -17.97 -15.90
C ASP C 393 20.54 -17.12 -14.64
N ASP C 394 20.66 -15.78 -14.83
CA ASP C 394 20.57 -14.80 -13.76
C ASP C 394 19.22 -14.90 -13.06
N VAL C 395 18.16 -15.12 -13.85
CA VAL C 395 16.80 -15.13 -13.33
C VAL C 395 16.54 -16.47 -12.64
N GLU C 396 17.26 -17.51 -13.06
CA GLU C 396 17.23 -18.79 -12.36
C GLU C 396 17.79 -18.62 -10.95
N ASN C 397 18.92 -17.92 -10.83
CA ASN C 397 19.52 -17.66 -9.53
C ASN C 397 18.51 -16.93 -8.64
N TRP C 398 17.97 -15.81 -9.13
CA TRP C 398 17.10 -14.94 -8.36
C TRP C 398 15.83 -15.69 -7.99
N VAL C 399 15.27 -16.41 -8.97
CA VAL C 399 14.03 -17.11 -8.74
C VAL C 399 14.22 -18.13 -7.63
N SER C 400 15.37 -18.79 -7.61
CA SER C 400 15.66 -19.83 -6.64
C SER C 400 15.86 -19.24 -5.25
N LEU C 401 16.46 -18.05 -5.17
CA LEU C 401 16.59 -17.37 -3.90
C LEU C 401 15.21 -17.05 -3.32
N THR C 402 14.33 -16.56 -4.20
CA THR C 402 13.00 -16.16 -3.79
C THR C 402 12.28 -17.37 -3.18
N ASN C 403 12.50 -18.56 -3.76
CA ASN C 403 11.93 -19.78 -3.23
C ASN C 403 12.33 -20.03 -1.79
N THR C 404 13.64 -19.90 -1.44
CA THR C 404 14.03 -20.19 -0.06
C THR C 404 13.45 -19.13 0.86
N SER C 405 13.34 -17.88 0.36
CA SER C 405 12.81 -16.81 1.19
C SER C 405 11.37 -17.08 1.61
N ALA C 406 10.68 -18.03 0.95
CA ALA C 406 9.27 -18.27 1.18
C ALA C 406 8.99 -18.93 2.53
N GLY C 407 9.90 -19.76 3.03
CA GLY C 407 9.60 -20.65 4.15
C GLY C 407 9.85 -20.01 5.52
N SER C 408 9.59 -20.78 6.58
CA SER C 408 9.80 -20.28 7.94
C SER C 408 11.27 -20.36 8.36
N MET C 409 12.07 -21.17 7.64
CA MET C 409 13.50 -21.18 7.88
C MET C 409 14.09 -19.81 7.55
N ALA C 410 13.51 -19.16 6.52
CA ALA C 410 14.00 -17.88 6.04
C ALA C 410 13.88 -16.84 7.13
N ARG C 411 12.89 -17.01 8.01
CA ARG C 411 12.61 -16.05 9.06
C ARG C 411 13.51 -16.30 10.26
N ARG C 412 14.53 -17.15 10.03
CA ARG C 412 15.48 -17.50 11.08
C ARG C 412 16.94 -17.36 10.64
N LEU C 413 17.16 -17.06 9.36
CA LEU C 413 18.50 -16.91 8.79
C LEU C 413 18.74 -15.43 8.50
N LEU C 414 19.99 -15.04 8.77
CA LEU C 414 20.64 -13.88 8.20
C LEU C 414 21.69 -14.42 7.24
N LEU C 415 21.56 -14.06 5.96
CA LEU C 415 22.55 -14.42 4.98
C LEU C 415 23.73 -13.48 5.13
N ASN C 416 24.90 -13.98 4.70
CA ASN C 416 26.13 -13.20 4.78
C ASN C 416 26.32 -12.43 3.48
N SER C 417 26.39 -11.09 3.60
CA SER C 417 26.76 -10.20 2.50
C SER C 417 27.96 -9.33 2.88
N ARG C 418 28.85 -9.86 3.72
CA ARG C 418 29.94 -9.06 4.29
C ARG C 418 31.26 -9.24 3.54
N MET C 419 31.27 -9.86 2.36
CA MET C 419 32.49 -10.00 1.58
C MET C 419 33.14 -8.63 1.40
N GLY C 420 34.41 -8.51 1.76
CA GLY C 420 35.11 -7.24 1.73
C GLY C 420 35.38 -6.72 3.13
N LEU C 421 34.68 -7.28 4.13
CA LEU C 421 34.81 -6.87 5.51
C LEU C 421 35.27 -8.08 6.34
N LEU C 422 36.21 -7.84 7.26
CA LEU C 422 36.64 -8.84 8.23
C LEU C 422 35.67 -8.81 9.41
N GLU C 423 35.85 -9.72 10.38
CA GLU C 423 34.92 -9.85 11.50
C GLU C 423 34.98 -8.59 12.36
N ASP C 424 36.16 -7.99 12.52
CA ASP C 424 36.36 -6.83 13.39
C ASP C 424 35.92 -5.55 12.69
N GLY C 425 35.54 -5.62 11.41
CA GLY C 425 35.01 -4.44 10.72
C GLY C 425 36.04 -3.76 9.80
N THR C 426 37.31 -4.18 9.88
CA THR C 426 38.35 -3.70 9.00
C THR C 426 38.14 -4.22 7.59
N ARG C 427 38.48 -3.34 6.63
CA ARG C 427 38.43 -3.60 5.19
C ARG C 427 39.38 -4.72 4.80
N VAL C 428 38.95 -5.59 3.86
CA VAL C 428 39.83 -6.56 3.26
C VAL C 428 40.87 -5.84 2.41
N SER C 429 40.40 -5.07 1.41
CA SER C 429 41.30 -4.29 0.56
C SER C 429 41.00 -2.79 0.70
N ASP C 430 41.82 -1.96 0.05
CA ASP C 430 41.79 -0.52 0.24
C ASP C 430 40.94 0.14 -0.84
N GLU C 431 40.48 1.35 -0.54
CA GLU C 431 39.84 2.23 -1.48
C GLU C 431 40.84 2.53 -2.60
N LEU C 432 40.39 2.69 -3.85
CA LEU C 432 41.27 3.17 -4.91
C LEU C 432 41.59 4.63 -4.61
N THR C 433 42.84 5.06 -4.84
CA THR C 433 43.22 6.45 -4.59
C THR C 433 42.69 7.33 -5.72
N ALA C 434 42.85 8.65 -5.57
CA ALA C 434 42.42 9.56 -6.63
C ALA C 434 43.32 9.41 -7.86
N ASP C 435 44.56 8.92 -7.69
CA ASP C 435 45.44 8.68 -8.82
C ASP C 435 45.01 7.45 -9.60
N GLU C 436 44.53 6.43 -8.89
CA GLU C 436 44.07 5.19 -9.52
C GLU C 436 42.65 5.32 -10.09
N PHE C 437 41.83 6.26 -9.59
CA PHE C 437 40.43 6.34 -9.97
C PHE C 437 39.94 7.78 -9.93
N HIS C 438 39.46 8.31 -11.06
CA HIS C 438 39.26 9.74 -11.23
C HIS C 438 37.80 10.15 -11.18
N GLY C 439 36.92 9.19 -10.92
CA GLY C 439 35.48 9.43 -10.86
C GLY C 439 35.00 9.60 -9.43
N PRO C 440 33.82 10.22 -9.21
CA PRO C 440 33.40 10.59 -7.86
C PRO C 440 32.83 9.38 -7.13
N GLY C 441 32.75 9.51 -5.80
CA GLY C 441 32.28 8.44 -4.93
C GLY C 441 33.46 7.57 -4.46
N THR C 442 33.22 6.29 -4.21
CA THR C 442 34.26 5.42 -3.71
C THR C 442 34.31 4.17 -4.58
N ALA C 443 35.53 3.65 -4.75
CA ALA C 443 35.78 2.56 -5.69
C ALA C 443 36.75 1.55 -5.08
N GLN C 444 36.64 0.32 -5.54
CA GLN C 444 37.65 -0.68 -5.21
C GLN C 444 37.81 -1.66 -6.37
N VAL C 445 38.86 -2.46 -6.29
CA VAL C 445 39.00 -3.58 -7.19
C VAL C 445 38.86 -4.85 -6.38
N GLY C 446 38.57 -5.92 -7.11
CA GLY C 446 38.40 -7.23 -6.54
C GLY C 446 36.92 -7.53 -6.38
N TYR C 447 36.63 -8.81 -6.24
CA TYR C 447 35.31 -9.27 -5.89
C TYR C 447 34.97 -8.71 -4.50
N ASN C 448 33.78 -8.14 -4.37
CA ASN C 448 33.33 -7.64 -3.07
C ASN C 448 31.81 -7.55 -3.07
N GLU C 449 31.25 -7.20 -1.91
CA GLU C 449 29.80 -7.08 -1.74
C GLU C 449 29.48 -5.68 -1.16
N ALA C 450 30.31 -4.69 -1.52
CA ALA C 450 30.10 -3.36 -0.99
C ALA C 450 28.78 -2.82 -1.52
N ASN C 451 28.52 -3.03 -2.81
CA ASN C 451 27.44 -2.30 -3.45
C ASN C 451 26.09 -2.82 -2.96
N GLN C 452 26.00 -4.14 -2.84
CA GLN C 452 24.83 -4.79 -2.30
C GLN C 452 24.53 -4.28 -0.89
N ARG C 453 25.59 -4.07 -0.11
CA ARG C 453 25.46 -3.66 1.26
C ARG C 453 24.88 -2.24 1.31
N LYS C 454 25.29 -1.39 0.36
CA LYS C 454 24.85 0.00 0.33
C LYS C 454 23.42 0.10 -0.21
N LEU C 455 23.08 -0.73 -1.20
CA LEU C 455 21.73 -0.77 -1.73
C LEU C 455 20.75 -1.19 -0.64
N LEU C 456 21.13 -2.18 0.16
CA LEU C 456 20.26 -2.61 1.24
C LEU C 456 20.22 -1.57 2.35
N GLU C 457 21.32 -0.82 2.51
CA GLU C 457 21.34 0.24 3.50
C GLU C 457 20.34 1.32 3.12
N MET C 458 20.31 1.71 1.85
CA MET C 458 19.32 2.64 1.32
C MET C 458 17.91 2.05 1.50
N TRP C 459 17.73 0.80 1.10
CA TRP C 459 16.47 0.12 1.32
C TRP C 459 16.00 0.25 2.77
N ALA C 460 16.89 0.08 3.76
CA ALA C 460 16.51 0.19 5.16
C ALA C 460 16.28 1.63 5.61
N ASP C 461 17.04 2.60 5.09
CA ASP C 461 16.79 3.98 5.45
C ASP C 461 15.40 4.40 4.98
N TYR C 462 14.98 3.87 3.83
CA TYR C 462 13.71 4.23 3.23
C TYR C 462 12.56 3.54 3.95
N LEU C 463 12.79 2.29 4.41
CA LEU C 463 11.76 1.46 5.03
C LEU C 463 11.34 1.98 6.40
N GLU C 464 12.20 2.84 7.00
CA GLU C 464 11.99 3.45 8.31
C GLU C 464 11.42 4.85 8.20
N LYS C 465 11.36 5.42 7.00
CA LYS C 465 10.69 6.69 6.79
C LYS C 465 9.22 6.52 7.20
N PRO C 466 8.56 7.62 7.61
CA PRO C 466 7.13 7.59 7.91
C PRO C 466 6.33 7.54 6.62
N ALA C 467 5.13 6.98 6.73
CA ALA C 467 4.23 6.86 5.61
C ALA C 467 4.00 8.23 4.97
N LEU C 468 4.11 8.27 3.65
CA LEU C 468 3.87 9.49 2.89
C LEU C 468 2.42 9.85 3.10
N GLU C 469 2.12 11.11 3.43
CA GLU C 469 0.73 11.50 3.51
C GLU C 469 0.51 12.67 2.56
N VAL C 470 -0.61 12.61 1.83
CA VAL C 470 -0.91 13.58 0.79
C VAL C 470 -2.37 13.92 0.91
N GLY C 471 -2.69 15.22 1.02
CA GLY C 471 -4.08 15.63 1.03
C GLY C 471 -4.82 15.11 -0.21
N PRO C 472 -6.12 14.72 -0.13
CA PRO C 472 -6.80 14.17 -1.29
C PRO C 472 -7.05 15.36 -2.21
N THR C 473 -6.98 15.12 -3.52
CA THR C 473 -7.51 16.03 -4.51
C THR C 473 -9.01 15.80 -4.67
N SER C 474 -9.80 16.89 -4.57
CA SER C 474 -11.20 16.90 -4.99
C SER C 474 -11.29 17.28 -6.47
N VAL C 475 -11.45 16.31 -7.38
CA VAL C 475 -11.48 16.64 -8.81
C VAL C 475 -12.76 17.44 -9.09
N GLY C 476 -12.61 18.60 -9.75
CA GLY C 476 -13.74 19.43 -10.14
C GLY C 476 -13.90 20.67 -9.24
N THR C 477 -12.96 20.85 -8.32
CA THR C 477 -12.83 22.07 -7.52
C THR C 477 -11.47 22.71 -7.83
N TYR D 21 6.29 -8.22 -41.54
CA TYR D 21 6.94 -8.35 -40.21
C TYR D 21 8.41 -8.69 -40.40
N SER D 22 8.69 -9.67 -41.25
CA SER D 22 10.06 -10.05 -41.56
C SER D 22 10.80 -8.87 -42.18
N GLU D 23 10.05 -8.03 -42.93
CA GLU D 23 10.61 -6.88 -43.63
C GLU D 23 10.84 -5.72 -42.68
N GLN D 24 10.07 -5.67 -41.58
CA GLN D 24 10.15 -4.58 -40.61
C GLN D 24 11.17 -4.88 -39.51
N ALA D 25 11.40 -6.17 -39.25
CA ALA D 25 12.44 -6.61 -38.34
C ALA D 25 13.78 -5.93 -38.63
N VAL D 26 14.44 -5.51 -37.56
CA VAL D 26 15.71 -4.81 -37.64
C VAL D 26 16.75 -5.66 -38.38
N LEU D 27 16.75 -6.98 -38.14
CA LEU D 27 17.76 -7.88 -38.67
C LEU D 27 17.18 -8.78 -39.76
N GLY D 28 16.36 -8.20 -40.65
CA GLY D 28 15.60 -8.98 -41.61
C GLY D 28 16.08 -8.70 -43.03
N ASP D 29 17.16 -7.93 -43.13
CA ASP D 29 17.66 -7.49 -44.42
C ASP D 29 17.94 -8.69 -45.32
N HIS D 30 18.52 -9.74 -44.74
CA HIS D 30 18.98 -10.85 -45.56
C HIS D 30 17.89 -11.90 -45.73
N ALA D 31 16.65 -11.61 -45.33
CA ALA D 31 15.63 -12.63 -45.26
C ALA D 31 14.90 -12.82 -46.59
N SER D 32 14.52 -14.08 -46.85
CA SER D 32 13.80 -14.47 -48.05
C SER D 32 12.47 -13.71 -48.13
N ARG D 33 12.12 -13.26 -49.35
CA ARG D 33 10.99 -12.36 -49.55
C ARG D 33 9.84 -13.08 -50.26
N VAL D 34 9.99 -14.39 -50.45
CA VAL D 34 8.94 -15.19 -51.07
C VAL D 34 7.64 -15.03 -50.27
N THR D 35 6.51 -14.95 -50.97
CA THR D 35 5.23 -14.89 -50.29
C THR D 35 4.24 -15.82 -50.98
N ARG D 36 3.12 -16.02 -50.29
CA ARG D 36 2.09 -16.94 -50.72
C ARG D 36 1.52 -16.47 -52.05
N THR D 37 0.78 -17.39 -52.70
CA THR D 37 -0.17 -17.06 -53.74
C THR D 37 -1.38 -18.01 -53.70
N GLY D 38 -2.47 -17.55 -54.32
CA GLY D 38 -3.66 -18.36 -54.52
C GLY D 38 -4.35 -18.61 -53.20
N THR D 39 -5.24 -19.59 -53.18
CA THR D 39 -5.95 -19.97 -51.97
C THR D 39 -5.29 -21.25 -51.41
N PRO D 40 -5.56 -21.62 -50.13
CA PRO D 40 -4.92 -22.78 -49.51
C PRO D 40 -5.09 -24.06 -50.32
N LEU D 41 -4.06 -24.93 -50.30
CA LEU D 41 -4.15 -26.22 -50.94
C LEU D 41 -5.17 -27.09 -50.21
N ARG D 42 -5.76 -28.06 -50.92
CA ARG D 42 -6.61 -29.06 -50.30
C ARG D 42 -5.75 -29.88 -49.33
N PHE D 43 -6.40 -30.69 -48.49
CA PHE D 43 -5.69 -31.31 -47.38
C PHE D 43 -5.15 -32.68 -47.76
N ASP D 44 -5.44 -33.08 -49.01
CA ASP D 44 -4.87 -34.28 -49.59
C ASP D 44 -3.79 -33.94 -50.62
N ASP D 45 -3.59 -32.64 -50.89
CA ASP D 45 -2.49 -32.19 -51.75
C ASP D 45 -1.16 -32.65 -51.15
N ARG D 46 -0.34 -33.32 -51.96
CA ARG D 46 0.94 -33.87 -51.51
C ARG D 46 1.77 -32.81 -50.78
N ARG D 47 1.86 -31.61 -51.39
CA ARG D 47 2.67 -30.52 -50.87
C ARG D 47 2.17 -30.03 -49.51
N HIS D 48 0.86 -30.14 -49.25
CA HIS D 48 0.30 -29.85 -47.94
C HIS D 48 0.67 -30.97 -46.96
N LEU D 49 0.53 -32.21 -47.41
CA LEU D 49 0.82 -33.35 -46.56
C LEU D 49 2.28 -33.32 -46.13
N ASP D 50 3.16 -32.82 -46.99
CA ASP D 50 4.56 -32.76 -46.62
C ASP D 50 4.75 -31.68 -45.54
N ALA D 51 4.17 -30.51 -45.79
CA ALA D 51 4.28 -29.37 -44.89
C ALA D 51 3.78 -29.73 -43.49
N HIS D 52 2.65 -30.43 -43.42
CA HIS D 52 2.06 -30.88 -42.16
C HIS D 52 3.02 -31.83 -41.49
N GLN D 53 3.41 -32.89 -42.22
CA GLN D 53 4.35 -33.90 -41.72
C GLN D 53 5.59 -33.23 -41.13
N PHE D 54 6.08 -32.18 -41.78
CA PHE D 54 7.26 -31.49 -41.30
C PHE D 54 7.03 -30.90 -39.91
N LEU D 55 5.84 -30.29 -39.71
CA LEU D 55 5.58 -29.43 -38.54
C LEU D 55 5.35 -30.29 -37.29
N ILE D 56 4.77 -31.47 -37.49
CA ILE D 56 4.53 -32.44 -36.44
C ILE D 56 5.84 -33.11 -36.03
N ASP D 57 6.79 -33.21 -36.96
CA ASP D 57 8.04 -33.88 -36.68
C ASP D 57 8.94 -32.91 -35.92
N GLU D 58 8.83 -31.63 -36.26
CA GLU D 58 9.49 -30.56 -35.53
C GLU D 58 9.02 -30.57 -34.07
N ALA D 59 7.69 -30.61 -33.89
CA ALA D 59 7.13 -30.65 -32.56
C ALA D 59 7.78 -31.76 -31.73
N TYR D 60 7.90 -32.97 -32.31
CA TYR D 60 8.46 -34.09 -31.56
C TYR D 60 9.90 -33.74 -31.22
N LEU D 61 10.59 -33.04 -32.14
CA LEU D 61 11.97 -32.66 -31.90
C LEU D 61 12.06 -31.64 -30.76
N LEU D 62 11.19 -30.63 -30.78
CA LEU D 62 11.23 -29.54 -29.82
C LEU D 62 10.78 -30.00 -28.44
N ASP D 63 9.90 -31.00 -28.38
CA ASP D 63 9.49 -31.60 -27.11
C ASP D 63 10.70 -32.26 -26.45
N ALA D 64 11.43 -33.08 -27.22
CA ALA D 64 12.55 -33.86 -26.71
C ALA D 64 13.81 -33.00 -26.57
N GLN D 65 13.72 -31.72 -26.95
CA GLN D 65 14.84 -30.79 -26.89
C GLN D 65 16.02 -31.30 -27.71
N GLU D 66 15.72 -31.93 -28.85
CA GLU D 66 16.70 -32.41 -29.83
C GLU D 66 17.13 -31.24 -30.71
N TYR D 67 17.77 -30.26 -30.11
CA TYR D 67 17.93 -28.98 -30.78
C TYR D 67 18.87 -29.15 -31.97
N GLN D 68 19.79 -30.13 -31.91
CA GLN D 68 20.76 -30.31 -32.99
C GLN D 68 20.09 -30.87 -34.26
N THR D 69 19.36 -31.97 -34.11
CA THR D 69 18.51 -32.47 -35.18
C THR D 69 17.64 -31.36 -35.78
N TRP D 70 16.93 -30.63 -34.91
CA TRP D 70 16.08 -29.51 -35.29
C TRP D 70 16.83 -28.51 -36.16
N LEU D 71 18.08 -28.22 -35.78
CA LEU D 71 18.86 -27.16 -36.39
C LEU D 71 19.30 -27.53 -37.81
N ASP D 72 19.37 -28.84 -38.08
CA ASP D 72 19.71 -29.35 -39.40
C ASP D 72 18.53 -29.29 -40.35
N ASN D 73 17.34 -28.95 -39.85
CA ASN D 73 16.15 -28.82 -40.68
C ASN D 73 15.92 -27.34 -41.04
N ILE D 74 16.93 -26.48 -40.80
CA ILE D 74 16.76 -25.05 -40.93
C ILE D 74 17.80 -24.52 -41.92
N THR D 75 17.34 -23.83 -42.98
CA THR D 75 18.20 -23.36 -44.04
C THR D 75 19.25 -22.41 -43.49
N ASP D 76 20.33 -22.19 -44.27
CA ASP D 76 21.48 -21.43 -43.80
C ASP D 76 21.20 -19.93 -43.83
N ASP D 77 20.09 -19.54 -44.46
CA ASP D 77 19.71 -18.14 -44.57
C ASP D 77 18.43 -17.87 -43.80
N ILE D 78 18.13 -18.72 -42.80
CA ILE D 78 16.93 -18.60 -41.99
C ILE D 78 16.78 -17.18 -41.44
N HIS D 79 15.54 -16.70 -41.45
CA HIS D 79 15.09 -15.64 -40.56
C HIS D 79 14.04 -16.22 -39.61
N TYR D 80 14.38 -16.25 -38.31
CA TYR D 80 13.50 -16.76 -37.26
C TYR D 80 13.13 -15.61 -36.33
N LEU D 81 11.88 -15.15 -36.40
CA LEU D 81 11.48 -13.89 -35.79
C LEU D 81 10.15 -13.99 -35.04
N MET D 82 10.11 -13.39 -33.85
CA MET D 82 8.92 -13.33 -33.03
C MET D 82 8.90 -11.95 -32.40
N PRO D 83 8.23 -10.93 -33.00
CA PRO D 83 8.25 -9.58 -32.45
C PRO D 83 7.50 -9.52 -31.12
N VAL D 84 7.81 -8.47 -30.36
CA VAL D 84 7.06 -8.10 -29.18
C VAL D 84 5.76 -7.46 -29.66
N ARG D 85 4.62 -8.01 -29.21
CA ARG D 85 3.30 -7.50 -29.53
C ARG D 85 2.95 -6.46 -28.48
N VAL D 86 2.29 -5.39 -28.92
CA VAL D 86 1.80 -4.32 -28.03
C VAL D 86 0.33 -4.05 -28.36
N THR D 87 -0.50 -3.90 -27.33
CA THR D 87 -1.90 -3.57 -27.49
C THR D 87 -2.05 -2.12 -27.98
N THR D 88 -2.68 -1.92 -29.16
CA THR D 88 -2.86 -0.61 -29.75
C THR D 88 -4.27 -0.39 -30.28
N ALA D 89 -4.56 0.89 -30.59
CA ALA D 89 -5.86 1.31 -31.06
C ALA D 89 -6.10 0.78 -32.46
N LEU D 90 -7.36 0.80 -32.90
CA LEU D 90 -7.77 0.07 -34.08
C LEU D 90 -7.13 0.60 -35.36
N ASN D 91 -6.97 1.93 -35.53
CA ASN D 91 -6.45 2.41 -36.81
C ASN D 91 -5.03 2.95 -36.64
N SER D 92 -4.21 2.23 -35.86
CA SER D 92 -2.87 2.65 -35.53
C SER D 92 -1.89 2.07 -36.53
N GLY D 93 -2.28 1.00 -37.22
CA GLY D 93 -1.50 0.45 -38.32
C GLY D 93 -0.23 -0.27 -37.86
N PHE D 94 -0.21 -0.74 -36.62
CA PHE D 94 0.89 -1.57 -36.14
C PHE D 94 0.46 -2.16 -34.81
N ASP D 95 0.95 -3.37 -34.50
CA ASP D 95 0.70 -3.99 -33.21
C ASP D 95 1.94 -4.69 -32.67
N THR D 96 3.13 -4.15 -32.96
CA THR D 96 4.38 -4.69 -32.44
C THR D 96 5.27 -3.53 -31.98
N SER D 97 6.14 -3.81 -31.00
CA SER D 97 7.05 -2.79 -30.51
C SER D 97 8.01 -2.42 -31.61
N PRO D 98 7.97 -1.14 -32.08
CA PRO D 98 8.84 -0.69 -33.15
C PRO D 98 10.34 -0.88 -32.85
N GLY D 99 10.94 -1.83 -33.59
CA GLY D 99 12.35 -2.13 -33.57
C GLY D 99 12.73 -3.00 -32.39
N MET D 100 11.82 -3.89 -31.94
CA MET D 100 12.11 -4.75 -30.80
C MET D 100 11.32 -6.05 -30.85
N ALA D 101 12.06 -7.15 -30.87
CA ALA D 101 11.50 -8.48 -30.96
C ALA D 101 11.92 -9.28 -29.75
N HIS D 102 11.25 -10.40 -29.55
CA HIS D 102 11.74 -11.39 -28.61
C HIS D 102 12.92 -12.09 -29.27
N PHE D 103 12.60 -12.80 -30.37
CA PHE D 103 13.58 -13.47 -31.22
C PHE D 103 13.75 -12.70 -32.53
N ASP D 104 14.99 -12.39 -32.92
CA ASP D 104 15.33 -11.99 -34.28
C ASP D 104 16.67 -12.64 -34.63
N GLU D 105 16.59 -13.83 -35.26
CA GLU D 105 17.71 -14.73 -35.37
C GLU D 105 17.98 -15.14 -36.82
N ASN D 106 19.28 -15.31 -37.12
CA ASN D 106 19.76 -15.96 -38.33
C ASN D 106 20.26 -17.36 -37.94
N LYS D 107 20.97 -18.05 -38.85
CA LYS D 107 21.43 -19.40 -38.57
C LYS D 107 22.55 -19.38 -37.53
N TYR D 108 23.36 -18.32 -37.56
CA TYR D 108 24.48 -18.21 -36.63
C TYR D 108 23.95 -18.18 -35.21
N SER D 109 23.11 -17.17 -34.90
CA SER D 109 22.58 -16.98 -33.56
C SER D 109 21.78 -18.18 -33.08
N LEU D 110 20.89 -18.75 -33.91
CA LEU D 110 20.15 -19.96 -33.54
C LEU D 110 21.09 -21.09 -33.17
N SER D 111 22.20 -21.25 -33.88
CA SER D 111 23.09 -22.36 -33.55
C SER D 111 23.85 -22.09 -32.25
N ARG D 112 24.29 -20.83 -32.02
CA ARG D 112 25.01 -20.47 -30.80
C ARG D 112 24.10 -20.59 -29.58
N ARG D 113 22.78 -20.39 -29.79
CA ARG D 113 21.77 -20.61 -28.76
C ARG D 113 21.68 -22.10 -28.44
N VAL D 114 21.67 -22.93 -29.47
CA VAL D 114 21.60 -24.37 -29.27
C VAL D 114 22.93 -24.88 -28.70
N ALA D 115 24.04 -24.31 -29.17
CA ALA D 115 25.35 -24.71 -28.68
C ALA D 115 25.40 -24.63 -27.14
N ARG D 116 24.72 -23.61 -26.62
CA ARG D 116 24.65 -23.28 -25.20
C ARG D 116 23.97 -24.38 -24.40
N PHE D 117 22.84 -24.90 -24.90
CA PHE D 117 22.17 -26.03 -24.27
C PHE D 117 23.08 -27.26 -24.37
N VAL D 118 23.87 -27.34 -25.45
CA VAL D 118 24.74 -28.48 -25.67
C VAL D 118 25.84 -28.54 -24.61
N THR D 119 26.31 -27.39 -24.06
CA THR D 119 27.34 -27.39 -23.03
C THR D 119 26.85 -28.11 -21.75
N GLU D 120 25.54 -28.14 -21.52
CA GLU D 120 24.97 -28.65 -20.27
C GLU D 120 25.33 -27.74 -19.09
N HIS D 121 25.66 -26.47 -19.37
CA HIS D 121 25.98 -25.46 -18.37
C HIS D 121 24.98 -24.30 -18.45
N ALA D 122 23.84 -24.56 -19.11
CA ALA D 122 22.72 -23.64 -19.17
C ALA D 122 21.80 -23.91 -18.01
N TRP D 123 22.06 -23.23 -16.89
CA TRP D 123 21.59 -23.64 -15.58
C TRP D 123 20.06 -23.61 -15.49
N THR D 124 19.44 -22.71 -16.25
CA THR D 124 18.01 -22.49 -16.14
C THR D 124 17.22 -23.65 -16.72
N GLU D 125 17.91 -24.57 -17.41
CA GLU D 125 17.26 -25.71 -18.05
C GLU D 125 17.94 -27.03 -17.65
N ASP D 126 18.67 -26.98 -16.53
CA ASP D 126 19.05 -28.20 -15.82
C ASP D 126 18.66 -28.09 -14.35
N PRO D 127 17.62 -28.80 -13.85
CA PRO D 127 16.82 -29.74 -14.65
C PRO D 127 16.03 -29.16 -15.82
N PRO D 128 15.70 -30.00 -16.84
CA PRO D 128 14.92 -29.56 -17.99
C PRO D 128 13.44 -29.32 -17.70
N SER D 129 12.87 -28.30 -18.34
CA SER D 129 11.43 -28.21 -18.49
C SER D 129 10.87 -29.53 -19.04
N ARG D 130 9.55 -29.66 -18.93
CA ARG D 130 8.74 -30.65 -19.60
C ARG D 130 7.87 -29.95 -20.64
N LEU D 131 8.04 -30.27 -21.92
CA LEU D 131 7.49 -29.41 -22.97
C LEU D 131 6.49 -30.18 -23.84
N ARG D 132 5.50 -29.42 -24.32
CA ARG D 132 4.47 -29.98 -25.19
C ARG D 132 4.07 -28.90 -26.18
N HIS D 133 4.72 -28.93 -27.35
CA HIS D 133 4.28 -28.09 -28.45
C HIS D 133 3.09 -28.76 -29.14
N TYR D 134 1.89 -28.24 -28.86
CA TYR D 134 0.69 -28.61 -29.59
C TYR D 134 0.60 -27.79 -30.87
N ILE D 135 0.41 -28.47 -32.01
CA ILE D 135 0.30 -27.80 -33.29
C ILE D 135 -1.06 -28.10 -33.91
N THR D 136 -1.75 -27.06 -34.37
CA THR D 136 -3.09 -27.22 -34.92
C THR D 136 -3.28 -26.21 -36.05
N ASN D 137 -4.43 -26.33 -36.76
CA ASN D 137 -4.88 -25.35 -37.74
C ASN D 137 -3.87 -25.19 -38.88
N ILE D 138 -3.36 -26.30 -39.40
CA ILE D 138 -2.33 -26.22 -40.43
C ILE D 138 -2.97 -26.05 -41.81
N ARG D 139 -2.36 -25.19 -42.64
CA ARG D 139 -2.84 -24.94 -43.99
C ARG D 139 -1.68 -24.43 -44.86
N THR D 140 -1.69 -24.75 -46.17
CA THR D 140 -0.53 -24.59 -47.02
C THR D 140 -0.83 -23.79 -48.28
N PHE D 141 0.15 -22.97 -48.70
CA PHE D 141 0.01 -22.07 -49.84
C PHE D 141 1.16 -22.26 -50.81
N LEU D 142 0.83 -22.27 -52.10
CA LEU D 142 1.82 -22.10 -53.15
C LEU D 142 2.38 -20.68 -53.08
N THR D 143 3.65 -20.54 -53.46
CA THR D 143 4.37 -19.28 -53.34
C THR D 143 4.69 -18.76 -54.73
N ASP D 144 5.40 -17.63 -54.79
CA ASP D 144 5.79 -17.01 -56.04
C ASP D 144 7.23 -17.39 -56.39
N ALA D 145 7.64 -18.60 -55.97
CA ALA D 145 8.96 -19.14 -56.28
C ALA D 145 8.91 -20.67 -56.24
N GLU D 146 9.86 -21.28 -56.92
CA GLU D 146 9.74 -22.65 -57.40
C GLU D 146 9.49 -23.63 -56.27
N ASP D 147 10.43 -23.72 -55.31
CA ASP D 147 10.52 -24.89 -54.45
C ASP D 147 10.16 -24.52 -53.01
N HIS D 148 9.08 -23.75 -52.89
CA HIS D 148 8.79 -22.98 -51.69
C HIS D 148 7.30 -23.10 -51.38
N LEU D 149 7.00 -23.44 -50.12
CA LEU D 149 5.64 -23.34 -49.62
C LEU D 149 5.62 -22.33 -48.49
N VAL D 150 4.43 -21.78 -48.25
CA VAL D 150 4.14 -20.98 -47.07
C VAL D 150 3.20 -21.83 -46.21
N VAL D 151 3.50 -21.95 -44.91
CA VAL D 151 2.68 -22.76 -44.03
C VAL D 151 2.27 -21.98 -42.79
N GLU D 152 0.94 -21.85 -42.61
CA GLU D 152 0.37 -21.29 -41.41
C GLU D 152 0.05 -22.42 -40.42
N SER D 153 0.35 -22.17 -39.14
CA SER D 153 -0.01 -23.05 -38.05
C SER D 153 -0.31 -22.20 -36.81
N ALA D 154 -1.10 -22.80 -35.89
CA ALA D 154 -1.22 -22.30 -34.52
C ALA D 154 -0.50 -23.26 -33.60
N GLU D 155 0.24 -22.69 -32.64
CA GLU D 155 1.06 -23.43 -31.71
C GLU D 155 0.72 -23.00 -30.28
N LEU D 156 0.35 -23.96 -29.44
CA LEU D 156 0.15 -23.76 -28.02
C LEU D 156 1.20 -24.54 -27.26
N LEU D 157 2.15 -23.83 -26.64
CA LEU D 157 3.18 -24.48 -25.84
C LEU D 157 2.71 -24.56 -24.39
N PHE D 158 2.66 -25.79 -23.85
CA PHE D 158 2.51 -26.03 -22.42
C PHE D 158 3.88 -26.35 -21.83
N ARG D 159 4.17 -25.79 -20.64
CA ARG D 159 5.48 -25.96 -20.01
C ARG D 159 5.35 -26.11 -18.50
N SER D 160 5.97 -27.14 -17.94
CA SER D 160 6.03 -27.34 -16.50
C SER D 160 7.48 -27.64 -16.11
N ARG D 161 7.91 -27.12 -14.96
CA ARG D 161 9.26 -27.36 -14.45
C ARG D 161 9.21 -27.43 -12.92
N GLY D 162 9.82 -28.47 -12.33
CA GLY D 162 9.87 -28.62 -10.88
C GLY D 162 8.53 -29.08 -10.28
N ASP D 163 8.33 -28.81 -8.97
CA ASP D 163 7.22 -29.38 -8.22
C ASP D 163 6.48 -28.36 -7.35
N VAL D 164 6.50 -27.07 -7.71
CA VAL D 164 5.79 -26.04 -6.96
C VAL D 164 4.92 -25.22 -7.92
N ASN D 165 5.57 -24.58 -8.92
CA ASN D 165 4.91 -23.59 -9.76
C ASN D 165 3.90 -24.27 -10.68
N GLU D 166 2.82 -23.54 -11.00
CA GLU D 166 1.88 -23.90 -12.04
C GLU D 166 2.55 -23.78 -13.40
N SER D 167 1.96 -24.47 -14.37
CA SER D 167 2.50 -24.56 -15.70
C SER D 167 2.16 -23.28 -16.46
N ALA D 168 2.93 -22.98 -17.51
CA ALA D 168 2.64 -21.83 -18.35
C ALA D 168 2.10 -22.30 -19.69
N LEU D 169 1.22 -21.50 -20.27
CA LEU D 169 0.86 -21.61 -21.68
C LEU D 169 1.59 -20.55 -22.47
N VAL D 170 2.02 -20.87 -23.70
CA VAL D 170 2.28 -19.81 -24.67
C VAL D 170 1.44 -20.08 -25.91
N SER D 171 0.68 -19.07 -26.32
CA SER D 171 -0.14 -19.13 -27.51
C SER D 171 0.45 -18.22 -28.59
N CYS D 172 0.43 -18.73 -29.83
CA CYS D 172 0.98 -17.98 -30.95
C CYS D 172 0.46 -18.55 -32.26
N GLY D 173 0.49 -17.71 -33.29
CA GLY D 173 0.38 -18.14 -34.67
C GLY D 173 1.74 -18.08 -35.36
N ARG D 174 1.90 -18.88 -36.44
CA ARG D 174 3.13 -18.92 -37.21
C ARG D 174 2.83 -18.85 -38.71
N GLU D 175 3.67 -18.10 -39.44
CA GLU D 175 3.82 -18.28 -40.88
C GLU D 175 5.24 -18.77 -41.15
N ASP D 176 5.34 -19.88 -41.87
CA ASP D 176 6.63 -20.46 -42.20
C ASP D 176 6.82 -20.48 -43.72
N LEU D 177 8.07 -20.31 -44.13
CA LEU D 177 8.49 -20.58 -45.49
C LEU D 177 9.34 -21.85 -45.50
N LEU D 178 8.77 -22.93 -46.04
CA LEU D 178 9.51 -24.16 -46.29
C LEU D 178 10.14 -24.10 -47.68
N ARG D 179 11.33 -24.69 -47.82
CA ARG D 179 12.07 -24.73 -49.07
C ARG D 179 12.59 -26.15 -49.35
N ARG D 180 12.48 -26.59 -50.61
CA ARG D 180 12.85 -27.94 -51.03
C ARG D 180 14.36 -27.97 -51.31
N VAL D 181 15.05 -28.93 -50.69
CA VAL D 181 16.51 -29.05 -50.79
C VAL D 181 16.86 -30.54 -50.80
N GLY D 182 16.94 -31.12 -52.01
CA GLY D 182 17.05 -32.56 -52.16
C GLY D 182 15.69 -33.24 -52.00
N ASP D 183 15.64 -34.39 -51.32
CA ASP D 183 14.39 -35.08 -51.04
C ASP D 183 13.78 -34.60 -49.73
N GLU D 184 14.07 -33.36 -49.32
CA GLU D 184 13.76 -32.87 -47.98
C GLU D 184 13.35 -31.40 -47.96
N TRP D 185 12.28 -31.11 -47.19
CA TRP D 185 11.82 -29.76 -46.88
C TRP D 185 12.60 -29.19 -45.70
N LYS D 186 12.77 -27.86 -45.73
CA LYS D 186 13.53 -27.16 -44.72
C LYS D 186 12.90 -25.80 -44.46
N LEU D 187 13.20 -25.25 -43.28
CA LEU D 187 12.56 -24.02 -42.82
C LEU D 187 13.44 -22.84 -43.20
N ALA D 188 12.87 -21.92 -43.98
CA ALA D 188 13.62 -20.79 -44.51
C ALA D 188 13.22 -19.49 -43.83
N ARG D 189 11.96 -19.37 -43.43
CA ARG D 189 11.54 -18.21 -42.67
C ARG D 189 10.52 -18.65 -41.61
N ARG D 190 10.57 -18.04 -40.41
CA ARG D 190 9.51 -18.24 -39.43
C ARG D 190 9.13 -16.89 -38.81
N THR D 191 7.87 -16.50 -38.95
CA THR D 191 7.37 -15.36 -38.21
C THR D 191 6.37 -15.86 -37.17
N ILE D 192 6.66 -15.55 -35.89
CA ILE D 192 5.84 -15.97 -34.77
C ILE D 192 5.07 -14.76 -34.25
N PHE D 193 3.75 -14.87 -34.32
CA PHE D 193 2.85 -13.92 -33.74
C PHE D 193 2.48 -14.42 -32.34
N VAL D 194 3.04 -13.84 -31.28
CA VAL D 194 2.75 -14.31 -29.93
C VAL D 194 1.48 -13.62 -29.47
N ASP D 195 0.66 -14.32 -28.69
CA ASP D 195 -0.70 -13.87 -28.40
C ASP D 195 -0.79 -13.10 -27.08
N GLU D 196 0.36 -12.70 -26.53
CA GLU D 196 0.44 -11.96 -25.28
C GLU D 196 1.38 -10.78 -25.46
N SER D 197 1.05 -9.68 -24.79
CA SER D 197 1.90 -8.50 -24.74
C SER D 197 3.05 -8.72 -23.78
N VAL D 198 2.68 -9.09 -22.55
CA VAL D 198 3.58 -9.42 -21.46
C VAL D 198 3.62 -10.93 -21.35
N MET D 199 4.81 -11.51 -21.36
CA MET D 199 4.98 -12.94 -21.30
C MET D 199 4.86 -13.42 -19.85
N ARG D 200 4.26 -14.59 -19.64
CA ARG D 200 4.02 -15.12 -18.31
C ARG D 200 4.92 -16.32 -18.04
N MET D 201 6.03 -16.41 -18.76
CA MET D 201 6.93 -17.54 -18.62
C MET D 201 8.23 -17.02 -18.05
N GLN D 202 8.93 -17.86 -17.26
CA GLN D 202 10.16 -17.45 -16.63
C GLN D 202 11.17 -16.92 -17.67
N ASN D 203 11.32 -17.67 -18.77
CA ASN D 203 12.25 -17.35 -19.83
C ASN D 203 11.73 -17.92 -21.16
N LEU D 204 12.50 -17.65 -22.22
CA LEU D 204 12.26 -18.24 -23.53
C LEU D 204 13.45 -19.13 -23.90
N ALA D 205 13.91 -19.94 -22.93
CA ALA D 205 14.97 -20.91 -23.16
C ALA D 205 14.34 -22.16 -23.77
N VAL D 206 13.54 -21.91 -24.80
CA VAL D 206 12.87 -22.93 -25.57
C VAL D 206 12.80 -22.40 -27.01
N PHE D 207 12.12 -23.17 -27.88
CA PHE D 207 11.90 -22.73 -29.26
C PHE D 207 10.47 -23.04 -29.68
N LEU D 208 10.03 -22.23 -30.66
CA LEU D 208 8.67 -22.23 -31.15
C LEU D 208 8.69 -22.32 -32.67
N MET E 32 -13.53 -22.93 21.06
CA MET E 32 -12.27 -23.44 21.70
C MET E 32 -12.60 -24.34 22.90
N GLU E 33 -13.48 -23.85 23.77
CA GLU E 33 -14.11 -24.66 24.79
C GLU E 33 -15.08 -25.62 24.12
N ASP E 34 -15.56 -25.20 22.94
CA ASP E 34 -16.53 -25.95 22.17
C ASP E 34 -15.92 -27.25 21.68
N ILE E 35 -14.63 -27.21 21.29
CA ILE E 35 -13.95 -28.39 20.76
C ILE E 35 -13.88 -29.41 21.86
N ARG E 36 -13.62 -28.91 23.07
CA ARG E 36 -13.47 -29.74 24.25
C ARG E 36 -14.78 -30.44 24.58
N ARG E 37 -15.93 -29.96 24.08
CA ARG E 37 -17.22 -30.65 24.23
C ARG E 37 -17.63 -31.39 22.95
N GLY E 38 -16.70 -31.54 22.00
CA GLY E 38 -17.00 -32.25 20.77
C GLY E 38 -17.98 -31.52 19.85
N MET E 39 -18.01 -30.19 19.94
CA MET E 39 -18.77 -29.36 19.01
C MET E 39 -17.77 -28.51 18.25
N ILE E 40 -17.84 -28.53 16.90
CA ILE E 40 -16.72 -28.06 16.10
C ILE E 40 -17.15 -26.82 15.33
N PRO E 41 -16.47 -25.68 15.53
CA PRO E 41 -16.82 -24.47 14.81
C PRO E 41 -16.48 -24.72 13.34
N ALA E 42 -17.51 -24.69 12.49
CA ALA E 42 -17.39 -25.17 11.12
C ALA E 42 -16.37 -24.35 10.30
N HIS E 43 -15.96 -23.18 10.84
CA HIS E 43 -15.15 -22.26 10.05
C HIS E 43 -13.67 -22.65 10.09
N ILE E 44 -13.32 -23.67 10.90
CA ILE E 44 -11.92 -24.03 11.12
C ILE E 44 -11.35 -24.75 9.91
N TYR E 45 -12.17 -25.11 8.94
CA TYR E 45 -11.64 -25.81 7.79
C TYR E 45 -11.46 -24.88 6.60
N ASN E 46 -11.72 -23.57 6.75
CA ASN E 46 -11.51 -22.63 5.64
C ASN E 46 -11.36 -21.22 6.19
N ASP E 47 -10.37 -21.04 7.08
CA ASP E 47 -10.19 -19.76 7.71
C ASP E 47 -8.70 -19.38 7.65
N LYS E 48 -8.43 -18.25 7.01
CA LYS E 48 -7.06 -17.82 6.77
C LYS E 48 -6.37 -17.64 8.12
N GLU E 49 -7.07 -17.08 9.10
CA GLU E 49 -6.38 -16.71 10.32
C GLU E 49 -5.97 -17.97 11.07
N ILE E 50 -6.87 -18.95 11.11
CA ILE E 50 -6.58 -20.21 11.77
C ILE E 50 -5.40 -20.91 11.09
N PHE E 51 -5.29 -20.81 9.76
CA PHE E 51 -4.12 -21.34 9.07
C PHE E 51 -2.86 -20.60 9.53
N GLU E 52 -2.85 -19.27 9.51
CA GLU E 52 -1.63 -18.58 9.87
C GLU E 52 -1.20 -19.01 11.26
N ARG E 53 -2.19 -19.32 12.09
CA ARG E 53 -1.94 -19.69 13.46
C ARG E 53 -1.39 -21.10 13.53
N GLU E 54 -2.04 -22.03 12.80
CA GLU E 54 -1.63 -23.41 12.70
C GLU E 54 -0.16 -23.51 12.32
N LYS E 55 0.27 -22.65 11.39
CA LYS E 55 1.64 -22.64 10.90
C LYS E 55 2.67 -22.31 11.98
N ALA E 56 2.33 -21.40 12.90
CA ALA E 56 3.23 -20.95 13.98
C ALA E 56 3.12 -21.84 15.21
N THR E 57 2.22 -22.83 15.16
CA THR E 57 1.99 -23.73 16.29
C THR E 57 2.17 -25.18 15.87
N VAL E 58 1.08 -25.82 15.42
CA VAL E 58 1.07 -27.19 14.88
C VAL E 58 2.33 -27.48 14.06
N PHE E 59 2.64 -26.66 13.03
CA PHE E 59 3.65 -27.02 12.03
C PHE E 59 5.04 -26.50 12.40
N SER E 60 5.13 -25.70 13.46
CA SER E 60 6.39 -25.26 14.04
C SER E 60 6.83 -26.13 15.23
N ARG E 61 5.95 -27.01 15.75
CA ARG E 61 6.26 -27.74 16.98
C ARG E 61 5.99 -29.24 16.88
N SER E 62 5.44 -29.72 15.74
CA SER E 62 5.17 -31.15 15.54
C SER E 62 6.32 -31.84 14.82
N TRP E 63 6.47 -33.15 15.11
CA TRP E 63 7.23 -34.03 14.24
C TRP E 63 6.40 -34.28 12.99
N LEU E 64 7.00 -33.95 11.83
CA LEU E 64 6.35 -34.01 10.52
C LEU E 64 7.16 -34.91 9.60
N PHE E 65 6.47 -35.86 8.95
CA PHE E 65 7.06 -36.88 8.11
C PHE E 65 7.54 -36.27 6.79
N VAL E 66 8.71 -36.70 6.32
CA VAL E 66 9.28 -36.24 5.05
C VAL E 66 9.62 -37.40 4.11
N ALA E 67 10.03 -38.57 4.64
CA ALA E 67 10.57 -39.65 3.81
C ALA E 67 10.81 -40.95 4.59
N HIS E 68 11.01 -42.04 3.84
CA HIS E 68 11.50 -43.30 4.40
C HIS E 68 12.97 -43.51 4.01
N GLU E 69 13.69 -44.33 4.80
CA GLU E 69 15.08 -44.67 4.54
C GLU E 69 15.22 -45.40 3.21
N SER E 70 14.27 -46.30 2.99
CA SER E 70 14.27 -47.23 1.88
C SER E 70 14.16 -46.49 0.56
N GLU E 71 13.83 -45.19 0.60
CA GLU E 71 13.78 -44.37 -0.60
C GLU E 71 15.14 -43.86 -1.01
N VAL E 72 16.16 -43.98 -0.16
CA VAL E 72 17.52 -43.59 -0.52
C VAL E 72 18.51 -44.65 -0.02
N PRO E 73 18.49 -45.86 -0.63
CA PRO E 73 19.27 -47.01 -0.16
C PRO E 73 20.78 -46.90 -0.41
N GLN E 74 21.18 -46.35 -1.57
CA GLN E 74 22.58 -46.28 -1.95
C GLN E 74 23.21 -45.01 -1.39
N ALA E 75 24.55 -44.99 -1.32
CA ALA E 75 25.28 -43.76 -1.06
C ALA E 75 25.01 -42.77 -2.18
N GLY E 76 24.74 -41.53 -1.79
CA GLY E 76 24.58 -40.46 -2.76
C GLY E 76 23.14 -40.25 -3.18
N ASP E 77 22.27 -41.24 -2.89
CA ASP E 77 20.84 -41.15 -3.15
C ASP E 77 20.25 -39.99 -2.33
N TYR E 78 19.27 -39.30 -2.92
CA TYR E 78 18.63 -38.19 -2.24
C TYR E 78 17.21 -37.99 -2.76
N VAL E 79 16.32 -37.60 -1.85
CA VAL E 79 15.09 -36.92 -2.21
C VAL E 79 15.15 -35.51 -1.64
N VAL E 80 14.42 -34.58 -2.31
CA VAL E 80 14.08 -33.26 -1.78
C VAL E 80 12.61 -33.28 -1.34
N ARG E 81 12.38 -33.11 -0.03
CA ARG E 81 11.03 -33.05 0.51
C ARG E 81 10.85 -31.76 1.32
N ARG E 82 9.59 -31.40 1.52
CA ARG E 82 9.23 -30.12 2.10
C ARG E 82 8.49 -30.32 3.43
N VAL E 83 8.85 -29.47 4.41
CA VAL E 83 7.99 -29.18 5.56
C VAL E 83 7.30 -27.84 5.28
N LEU E 84 6.06 -27.91 4.79
CA LEU E 84 5.32 -26.76 4.27
C LEU E 84 6.11 -26.17 3.12
N GLU E 85 6.75 -25.04 3.34
CA GLU E 85 7.39 -24.33 2.25
C GLU E 85 8.88 -24.39 2.48
N ASP E 86 9.34 -25.25 3.37
CA ASP E 86 10.76 -25.35 3.63
C ASP E 86 11.28 -26.61 2.94
N SER E 87 12.34 -26.44 2.16
CA SER E 87 12.83 -27.49 1.30
C SER E 87 14.06 -28.13 1.95
N PHE E 88 14.03 -29.46 2.01
CA PHE E 88 15.09 -30.23 2.67
C PHE E 88 15.55 -31.35 1.75
N ILE E 89 16.90 -31.46 1.63
CA ILE E 89 17.55 -32.60 0.99
C ILE E 89 17.68 -33.70 2.03
N ILE E 90 17.05 -34.84 1.77
CA ILE E 90 17.31 -36.04 2.54
C ILE E 90 18.19 -36.95 1.68
N SER E 91 19.39 -37.25 2.19
CA SER E 91 20.36 -38.01 1.44
C SER E 91 21.07 -39.05 2.31
N ARG E 92 21.55 -40.10 1.62
CA ARG E 92 22.35 -41.12 2.28
C ARG E 92 23.83 -40.88 1.98
N ASP E 93 24.63 -40.82 3.06
CA ASP E 93 26.09 -40.62 2.98
C ASP E 93 26.77 -41.94 2.61
N SER E 94 28.10 -41.90 2.50
CA SER E 94 28.84 -43.05 2.00
C SER E 94 29.31 -43.93 3.16
N LYS E 95 28.64 -43.83 4.31
CA LYS E 95 28.80 -44.77 5.40
C LYS E 95 27.48 -45.46 5.76
N GLY E 96 26.41 -45.18 5.00
CA GLY E 96 25.11 -45.77 5.25
C GLY E 96 24.20 -44.91 6.12
N GLY E 97 24.71 -43.77 6.62
CA GLY E 97 23.93 -42.87 7.45
C GLY E 97 23.08 -41.89 6.63
N ILE E 98 22.12 -41.24 7.29
CA ILE E 98 21.15 -40.41 6.64
C ILE E 98 21.17 -39.01 7.27
N ARG E 99 21.04 -38.00 6.41
CA ARG E 99 21.07 -36.61 6.84
C ARG E 99 19.97 -35.81 6.15
N ALA E 100 19.53 -34.76 6.84
CA ALA E 100 18.62 -33.81 6.26
C ALA E 100 19.35 -32.47 6.26
N MET E 101 19.30 -31.81 5.11
CA MET E 101 19.96 -30.54 4.93
C MET E 101 18.98 -29.55 4.33
N PHE E 102 18.83 -28.40 5.00
CA PHE E 102 18.13 -27.29 4.40
C PHE E 102 18.74 -27.02 3.04
N ASN E 103 17.84 -26.92 2.06
CA ASN E 103 18.18 -26.86 0.66
C ASN E 103 18.58 -25.44 0.30
N MET E 104 19.75 -25.01 0.75
CA MET E 104 20.11 -23.62 0.60
C MET E 104 21.62 -23.49 0.70
N CYS E 105 22.20 -22.80 -0.29
CA CYS E 105 23.62 -22.53 -0.32
C CYS E 105 23.90 -21.47 0.73
N LEU E 106 25.02 -21.61 1.45
CA LEU E 106 25.36 -20.73 2.60
C LEU E 106 25.82 -19.35 2.20
N HIS E 107 25.73 -18.98 0.93
CA HIS E 107 26.24 -17.66 0.55
C HIS E 107 25.08 -16.66 0.38
N ARG E 108 24.26 -16.81 -0.66
CA ARG E 108 23.21 -15.79 -0.89
C ARG E 108 21.83 -16.42 -1.04
N GLY E 109 21.65 -17.71 -0.76
CA GLY E 109 20.29 -18.27 -0.67
C GLY E 109 19.88 -19.28 -1.72
N MET E 110 20.61 -19.39 -2.81
CA MET E 110 20.16 -20.27 -3.91
C MET E 110 20.04 -21.70 -3.45
N GLN E 111 18.96 -22.35 -3.88
CA GLN E 111 18.78 -23.77 -3.64
C GLN E 111 19.90 -24.51 -4.36
N VAL E 112 20.42 -25.50 -3.66
CA VAL E 112 21.68 -26.11 -4.02
C VAL E 112 21.38 -27.42 -4.73
N CYS E 113 20.09 -27.79 -4.73
CA CYS E 113 19.65 -28.97 -5.46
C CYS E 113 18.22 -28.75 -5.94
N ARG E 114 18.05 -28.51 -7.26
CA ARG E 114 16.75 -28.14 -7.80
C ARG E 114 16.01 -29.33 -8.41
N ALA E 115 16.41 -30.58 -8.16
CA ALA E 115 15.64 -31.72 -8.65
C ALA E 115 14.84 -32.34 -7.50
N GLU E 116 13.92 -33.27 -7.80
CA GLU E 116 13.09 -33.87 -6.75
C GLU E 116 13.80 -35.04 -6.09
N MET E 117 14.56 -35.80 -6.88
CA MET E 117 15.41 -36.88 -6.39
C MET E 117 16.53 -37.10 -7.38
N GLY E 118 17.52 -37.91 -6.98
CA GLY E 118 18.62 -38.31 -7.85
C GLY E 118 19.74 -38.97 -7.07
N ASN E 119 20.93 -38.97 -7.65
CA ASN E 119 22.12 -39.46 -6.96
C ASN E 119 23.29 -38.56 -7.29
N ALA E 120 23.84 -37.93 -6.27
CA ALA E 120 25.04 -37.12 -6.43
C ALA E 120 25.91 -37.24 -5.18
N SER E 121 27.21 -37.07 -5.37
CA SER E 121 28.17 -37.10 -4.28
C SER E 121 28.50 -35.68 -3.80
N ASN E 122 27.91 -34.68 -4.48
CA ASN E 122 28.09 -33.26 -4.16
C ASN E 122 27.09 -32.38 -4.92
N PHE E 123 26.98 -31.14 -4.48
CA PHE E 123 25.99 -30.22 -5.01
C PHE E 123 26.68 -28.89 -5.29
N ARG E 124 26.78 -28.51 -6.58
CA ARG E 124 27.36 -27.25 -6.97
C ARG E 124 26.24 -26.19 -6.99
N CYS E 125 26.51 -25.02 -6.38
CA CYS E 125 25.63 -23.87 -6.51
C CYS E 125 26.01 -23.09 -7.77
N PRO E 126 25.08 -22.92 -8.72
CA PRO E 126 25.40 -22.25 -9.98
C PRO E 126 25.53 -20.72 -9.93
N TYR E 127 25.18 -20.10 -8.80
CA TYR E 127 25.27 -18.65 -8.69
C TYR E 127 26.75 -18.24 -8.66
N HIS E 128 27.49 -18.75 -7.68
CA HIS E 128 28.88 -18.35 -7.49
C HIS E 128 29.80 -19.56 -7.28
N GLY E 129 29.27 -20.78 -7.49
CA GLY E 129 30.08 -21.99 -7.61
C GLY E 129 30.61 -22.56 -6.29
N TRP E 130 29.94 -22.29 -5.16
CA TRP E 130 30.22 -22.99 -3.93
C TRP E 130 29.70 -24.41 -4.11
N SER E 131 30.41 -25.38 -3.50
CA SER E 131 30.06 -26.78 -3.67
C SER E 131 30.14 -27.54 -2.35
N TYR E 132 29.33 -28.59 -2.26
CA TYR E 132 29.03 -29.27 -1.01
C TYR E 132 29.09 -30.77 -1.23
N ARG E 133 29.77 -31.48 -0.32
CA ARG E 133 29.70 -32.94 -0.24
C ARG E 133 28.30 -33.30 0.24
N ASN E 134 27.81 -34.49 -0.11
CA ASN E 134 26.41 -34.83 0.03
C ASN E 134 26.06 -35.11 1.49
N ASP E 135 27.09 -35.17 2.35
CA ASP E 135 26.91 -35.17 3.80
C ASP E 135 26.81 -33.73 4.34
N GLY E 136 26.92 -32.71 3.48
CA GLY E 136 26.71 -31.31 3.87
C GLY E 136 28.00 -30.48 3.97
N ARG E 137 29.16 -31.11 4.00
CA ARG E 137 30.40 -30.39 4.27
C ARG E 137 30.77 -29.56 3.03
N ILE E 138 30.99 -28.26 3.22
CA ILE E 138 31.42 -27.38 2.15
C ILE E 138 32.76 -27.88 1.62
N ILE E 139 32.98 -27.74 0.30
CA ILE E 139 34.25 -28.05 -0.33
C ILE E 139 34.79 -26.77 -0.96
N GLY E 140 34.34 -26.50 -2.18
CA GLY E 140 34.77 -25.31 -2.91
C GLY E 140 34.07 -24.05 -2.42
N LEU E 141 34.89 -23.04 -2.09
CA LEU E 141 34.44 -21.69 -1.80
C LEU E 141 35.43 -20.77 -2.53
N PRO E 142 35.16 -20.47 -3.81
CA PRO E 142 36.08 -19.69 -4.63
C PRO E 142 36.52 -18.36 -4.03
N PHE E 143 37.83 -18.11 -4.06
CA PHE E 143 38.45 -16.84 -3.69
C PHE E 143 38.19 -16.55 -2.22
N HIS E 144 38.06 -17.60 -1.41
CA HIS E 144 37.91 -17.45 0.02
C HIS E 144 39.05 -16.58 0.53
N GLU E 145 40.28 -16.89 0.12
CA GLU E 145 41.43 -16.19 0.66
C GLU E 145 41.45 -14.76 0.11
N GLU E 146 41.32 -14.61 -1.20
CA GLU E 146 41.63 -13.33 -1.85
C GLU E 146 40.50 -12.32 -1.62
N ALA E 147 39.26 -12.79 -1.55
CA ALA E 147 38.12 -11.90 -1.63
C ALA E 147 37.43 -11.72 -0.27
N TYR E 148 37.31 -12.79 0.53
CA TYR E 148 36.70 -12.71 1.86
C TYR E 148 37.74 -12.35 2.94
N GLY E 149 39.02 -12.66 2.67
CA GLY E 149 40.10 -12.50 3.63
C GLY E 149 40.22 -13.70 4.56
N GLY E 150 39.89 -14.89 4.05
CA GLY E 150 40.06 -16.13 4.81
C GLY E 150 38.99 -16.32 5.89
N GLU E 151 39.36 -17.02 6.96
CA GLU E 151 38.43 -17.40 8.02
C GLU E 151 37.92 -16.19 8.79
N GLU E 152 38.70 -15.10 8.85
CA GLU E 152 38.30 -13.94 9.63
C GLU E 152 37.15 -13.22 8.91
N GLY E 153 37.08 -13.35 7.58
CA GLY E 153 36.00 -12.79 6.81
C GLY E 153 34.79 -13.72 6.74
N PHE E 154 35.02 -15.01 6.52
CA PHE E 154 33.93 -15.96 6.47
C PHE E 154 34.41 -17.32 6.97
N LYS E 155 33.60 -17.92 7.86
CA LYS E 155 33.94 -19.20 8.45
C LYS E 155 33.61 -20.31 7.45
N LYS E 156 34.65 -21.00 6.98
CA LYS E 156 34.54 -22.13 6.07
C LYS E 156 34.88 -23.45 6.75
N LYS E 157 35.91 -23.42 7.59
CA LYS E 157 36.42 -24.59 8.28
C LYS E 157 35.26 -25.34 8.93
N GLY E 158 34.99 -26.56 8.48
CA GLY E 158 33.96 -27.40 9.06
C GLY E 158 32.58 -26.75 9.05
N GLN E 159 32.26 -25.97 8.02
CA GLN E 159 30.90 -25.53 7.75
C GLN E 159 30.15 -26.61 6.99
N THR E 160 28.82 -26.63 7.15
CA THR E 160 27.93 -27.49 6.37
C THR E 160 26.66 -26.74 5.98
N LEU E 161 26.03 -27.19 4.90
CA LEU E 161 24.62 -26.95 4.71
C LEU E 161 23.90 -27.07 6.06
N LEU E 162 22.93 -26.19 6.32
CA LEU E 162 22.32 -26.12 7.64
C LEU E 162 21.54 -27.40 7.86
N PRO E 163 21.66 -28.05 9.04
CA PRO E 163 20.85 -29.22 9.39
C PRO E 163 19.44 -28.78 9.67
N ALA E 164 18.48 -29.69 9.45
CA ALA E 164 17.12 -29.45 9.87
C ALA E 164 17.14 -29.06 11.36
N PRO E 165 16.20 -28.21 11.87
CA PRO E 165 16.16 -27.85 13.30
C PRO E 165 16.15 -29.06 14.23
N ASN E 166 15.53 -30.14 13.77
CA ASN E 166 15.50 -31.36 14.54
C ASN E 166 15.20 -32.50 13.60
N LEU E 167 15.97 -33.59 13.70
CA LEU E 167 15.74 -34.74 12.85
C LEU E 167 15.72 -36.01 13.70
N ASP E 168 14.86 -36.94 13.34
CA ASP E 168 14.84 -38.20 14.05
C ASP E 168 14.18 -39.22 13.11
N SER E 169 14.08 -40.47 13.57
CA SER E 169 13.39 -41.48 12.80
C SER E 169 12.91 -42.63 13.66
N TYR E 170 11.98 -43.41 13.11
CA TYR E 170 11.49 -44.60 13.77
C TYR E 170 10.97 -45.54 12.70
N ASN E 171 11.43 -46.79 12.74
CA ASN E 171 11.15 -47.82 11.72
C ASN E 171 11.54 -47.30 10.34
N GLY E 172 12.59 -46.49 10.28
CA GLY E 172 13.04 -45.97 9.00
C GLY E 172 12.22 -44.79 8.50
N MET E 173 11.19 -44.40 9.26
CA MET E 173 10.37 -43.28 8.88
C MET E 173 10.93 -41.97 9.46
N ILE E 174 11.34 -41.06 8.57
CA ILE E 174 12.19 -39.95 8.96
C ILE E 174 11.32 -38.71 9.13
N PHE E 175 11.42 -38.09 10.32
CA PHE E 175 10.63 -36.91 10.62
C PHE E 175 11.53 -35.71 10.87
N ILE E 176 10.95 -34.53 10.58
CA ILE E 176 11.56 -33.26 10.93
C ILE E 176 10.62 -32.51 11.87
N ASN E 177 11.21 -31.82 12.85
CA ASN E 177 10.49 -30.92 13.73
C ASN E 177 11.14 -29.55 13.66
N MET E 178 10.34 -28.47 13.52
CA MET E 178 10.91 -27.14 13.33
C MET E 178 11.38 -26.52 14.65
N ASP E 179 10.93 -27.10 15.79
CA ASP E 179 11.32 -26.66 17.13
C ASP E 179 12.66 -27.27 17.48
N PRO E 180 13.74 -26.48 17.65
CA PRO E 180 15.05 -27.02 18.07
C PRO E 180 15.04 -27.70 19.44
N ASN E 181 14.03 -27.38 20.28
CA ASN E 181 13.94 -27.95 21.62
C ASN E 181 12.76 -28.91 21.76
N ALA E 182 12.33 -29.56 20.68
CA ALA E 182 11.29 -30.55 20.78
C ALA E 182 11.79 -31.71 21.64
N GLU E 183 10.84 -32.47 22.19
CA GLU E 183 11.12 -33.81 22.68
C GLU E 183 11.49 -34.70 21.48
N SER E 184 12.06 -35.86 21.78
CA SER E 184 12.43 -36.84 20.77
C SER E 184 11.20 -37.40 20.07
N LEU E 185 11.41 -37.95 18.88
CA LEU E 185 10.31 -38.57 18.14
C LEU E 185 9.67 -39.72 18.91
N SER E 186 10.46 -40.40 19.76
CA SER E 186 9.97 -41.59 20.45
C SER E 186 9.13 -41.18 21.66
N ASP E 187 9.56 -40.12 22.33
CA ASP E 187 8.80 -39.61 23.45
C ASP E 187 7.45 -39.15 22.91
N TYR E 188 7.48 -38.44 21.79
CA TYR E 188 6.30 -37.89 21.14
C TYR E 188 5.33 -39.02 20.82
N LEU E 189 5.77 -40.01 20.03
CA LEU E 189 4.91 -41.05 19.48
C LEU E 189 4.37 -41.91 20.62
N GLY E 190 5.16 -42.07 21.68
CA GLY E 190 4.76 -42.79 22.88
C GLY E 190 4.22 -44.20 22.60
N ASP E 191 3.09 -44.52 23.22
CA ASP E 191 2.54 -45.85 23.08
C ASP E 191 2.11 -46.13 21.64
N PHE E 192 2.05 -45.10 20.78
CA PHE E 192 1.53 -45.29 19.44
C PHE E 192 2.49 -46.13 18.59
N LYS E 193 3.76 -46.22 19.00
CA LYS E 193 4.71 -47.03 18.27
C LYS E 193 4.24 -48.47 18.16
N PHE E 194 3.53 -48.96 19.18
CA PHE E 194 2.90 -50.26 19.22
C PHE E 194 2.03 -50.51 17.99
N TYR E 195 1.17 -49.55 17.61
CA TYR E 195 0.34 -49.72 16.41
C TYR E 195 1.17 -49.44 15.15
N LEU E 196 2.06 -48.46 15.26
CA LEU E 196 2.78 -48.00 14.10
C LEU E 196 3.49 -49.19 13.49
N ASP E 197 3.97 -50.10 14.38
CA ASP E 197 4.79 -51.23 14.01
C ASP E 197 4.05 -52.11 13.00
N TYR E 198 2.77 -52.40 13.23
CA TYR E 198 2.03 -53.23 12.28
C TYR E 198 2.18 -52.72 10.85
N TYR E 199 2.18 -51.41 10.67
CA TYR E 199 2.26 -50.84 9.33
C TYR E 199 3.70 -50.90 8.79
N THR E 200 4.72 -50.80 9.66
CA THR E 200 6.05 -50.31 9.25
C THR E 200 7.22 -51.20 9.69
N LYS E 201 6.95 -52.28 10.44
CA LYS E 201 7.99 -53.22 10.85
C LYS E 201 7.36 -54.62 10.93
N GLN E 202 7.38 -55.31 9.80
CA GLN E 202 6.83 -56.65 9.65
C GLN E 202 7.94 -57.69 9.50
N SER E 203 9.20 -57.25 9.62
CA SER E 203 10.38 -58.09 9.45
C SER E 203 11.60 -57.34 9.96
N GLU E 204 12.64 -58.09 10.34
CA GLU E 204 13.94 -57.51 10.64
C GLU E 204 14.54 -56.84 9.40
N SER E 205 14.06 -57.20 8.20
CA SER E 205 14.55 -56.66 6.93
C SER E 205 14.24 -55.18 6.76
N GLY E 206 13.08 -54.73 7.30
CA GLY E 206 12.64 -53.35 7.20
C GLY E 206 11.48 -53.16 6.20
N LEU E 207 11.14 -51.89 5.95
CA LEU E 207 10.05 -51.55 5.06
C LEU E 207 10.60 -51.06 3.73
N GLU E 208 9.84 -51.31 2.65
CA GLU E 208 10.10 -50.74 1.34
C GLU E 208 8.95 -49.78 0.99
N VAL E 209 9.27 -48.50 0.75
CA VAL E 209 8.26 -47.54 0.37
C VAL E 209 8.66 -46.90 -0.95
N ARG E 210 7.65 -46.70 -1.80
CA ARG E 210 7.82 -46.13 -3.12
C ARG E 210 6.80 -45.01 -3.26
N GLY E 211 7.18 -44.04 -4.09
CA GLY E 211 6.33 -42.92 -4.48
C GLY E 211 7.05 -41.59 -4.23
N PRO E 212 6.33 -40.53 -3.83
CA PRO E 212 4.87 -40.52 -3.76
C PRO E 212 4.24 -40.08 -5.07
N GLN E 213 2.96 -40.41 -5.22
CA GLN E 213 2.09 -39.69 -6.12
C GLN E 213 1.72 -38.38 -5.43
N ARG E 214 1.71 -37.28 -6.19
CA ARG E 214 1.46 -35.98 -5.61
C ARG E 214 0.41 -35.22 -6.40
N TRP E 215 -0.61 -34.72 -5.70
CA TRP E 215 -1.67 -33.97 -6.35
C TRP E 215 -2.42 -33.10 -5.34
N ARG E 216 -2.81 -31.92 -5.81
CA ARG E 216 -3.44 -30.89 -5.01
C ARG E 216 -4.94 -31.14 -4.99
N VAL E 217 -5.53 -31.07 -3.79
CA VAL E 217 -6.97 -31.12 -3.57
C VAL E 217 -7.38 -29.86 -2.83
N LYS E 218 -8.63 -29.39 -3.03
CA LYS E 218 -9.11 -28.18 -2.38
C LYS E 218 -9.91 -28.62 -1.16
N ALA E 219 -9.18 -29.18 -0.20
CA ALA E 219 -9.73 -29.53 1.10
C ALA E 219 -8.70 -29.22 2.18
N ASN E 220 -9.22 -28.90 3.38
CA ASN E 220 -8.38 -28.54 4.50
C ASN E 220 -7.67 -29.80 5.01
N TRP E 221 -6.37 -29.65 5.31
CA TRP E 221 -5.49 -30.74 5.68
C TRP E 221 -6.14 -31.56 6.80
N LYS E 222 -6.85 -30.87 7.69
CA LYS E 222 -7.40 -31.48 8.88
C LYS E 222 -8.44 -32.58 8.58
N ILE E 223 -9.28 -32.40 7.55
CA ILE E 223 -10.41 -33.29 7.35
C ILE E 223 -9.92 -34.72 7.07
N GLY E 224 -8.91 -34.84 6.18
CA GLY E 224 -8.32 -36.12 5.81
C GLY E 224 -7.78 -36.87 7.03
N ALA E 225 -7.04 -36.15 7.89
CA ALA E 225 -6.41 -36.75 9.06
C ALA E 225 -7.49 -37.31 10.00
N GLU E 226 -8.57 -36.56 10.18
CA GLU E 226 -9.68 -37.00 11.04
C GLU E 226 -10.28 -38.28 10.47
N ASN E 227 -10.60 -38.27 9.18
CA ASN E 227 -11.20 -39.42 8.51
C ASN E 227 -10.43 -40.69 8.87
N PHE E 228 -9.10 -40.70 8.60
CA PHE E 228 -8.28 -41.88 8.74
C PHE E 228 -8.12 -42.26 10.21
N ALA E 229 -8.16 -41.24 11.09
CA ALA E 229 -7.99 -41.38 12.52
C ALA E 229 -9.08 -42.26 13.12
N GLY E 230 -10.34 -41.99 12.81
CA GLY E 230 -11.37 -42.81 13.41
C GLY E 230 -12.68 -42.82 12.66
N ASP E 231 -12.69 -42.72 11.32
CA ASP E 231 -13.97 -42.75 10.61
C ASP E 231 -14.21 -44.10 9.95
N MET E 232 -14.91 -44.99 10.67
CA MET E 232 -15.47 -46.20 10.09
C MET E 232 -16.86 -45.92 9.50
N TYR E 233 -17.61 -45.03 10.15
CA TYR E 233 -19.00 -44.71 9.82
C TYR E 233 -19.18 -44.44 8.33
N HIS E 234 -18.18 -43.81 7.70
CA HIS E 234 -18.29 -43.40 6.30
C HIS E 234 -18.33 -44.60 5.35
N THR E 235 -17.65 -45.70 5.71
CA THR E 235 -17.19 -46.68 4.73
C THR E 235 -18.36 -47.24 3.91
N PRO E 236 -19.37 -47.90 4.50
CA PRO E 236 -20.50 -48.41 3.71
C PRO E 236 -21.08 -47.46 2.66
N GLN E 237 -21.23 -46.18 2.99
CA GLN E 237 -21.93 -45.25 2.14
C GLN E 237 -21.03 -44.74 1.02
N THR E 238 -19.83 -44.30 1.39
CA THR E 238 -18.95 -43.62 0.47
C THR E 238 -18.47 -44.62 -0.58
N HIS E 239 -18.09 -45.81 -0.11
CA HIS E 239 -17.41 -46.78 -0.96
C HIS E 239 -18.32 -47.94 -1.41
N THR E 240 -19.66 -47.79 -1.44
CA THR E 240 -20.51 -48.89 -1.92
C THR E 240 -20.04 -49.34 -3.29
N SER E 241 -19.82 -48.36 -4.19
CA SER E 241 -19.35 -48.62 -5.54
C SER E 241 -18.28 -49.71 -5.56
N VAL E 242 -17.43 -49.77 -4.54
CA VAL E 242 -16.25 -50.61 -4.58
C VAL E 242 -16.60 -52.00 -4.04
N VAL E 243 -17.63 -52.10 -3.20
CA VAL E 243 -18.20 -53.38 -2.82
C VAL E 243 -18.97 -53.96 -4.01
N GLU E 244 -19.89 -53.16 -4.59
CA GLU E 244 -20.73 -53.55 -5.71
C GLU E 244 -19.97 -54.09 -6.92
N ILE E 245 -18.81 -53.53 -7.26
CA ILE E 245 -18.03 -54.07 -8.37
C ILE E 245 -17.23 -55.30 -7.94
N GLY E 246 -17.52 -55.85 -6.75
CA GLY E 246 -17.07 -57.19 -6.40
C GLY E 246 -15.60 -57.25 -6.02
N LEU E 247 -15.04 -56.13 -5.60
CA LEU E 247 -13.61 -56.02 -5.34
C LEU E 247 -13.30 -56.50 -3.92
N PHE E 248 -14.32 -56.84 -3.11
CA PHE E 248 -14.13 -57.33 -1.74
C PHE E 248 -14.95 -58.59 -1.45
N ARG E 249 -14.48 -59.41 -0.50
CA ARG E 249 -14.86 -60.82 -0.38
C ARG E 249 -16.33 -60.96 0.06
N LYS E 255 -20.82 -56.16 10.24
CA LYS E 255 -19.45 -56.56 10.72
C LYS E 255 -18.45 -55.39 10.63
N ARG E 256 -18.81 -54.27 10.01
CA ARG E 256 -17.94 -53.08 9.99
C ARG E 256 -17.93 -52.43 11.38
N LYS E 257 -19.11 -52.31 11.98
CA LYS E 257 -19.28 -51.80 13.33
C LYS E 257 -18.50 -52.61 14.37
N ASP E 258 -18.18 -53.89 14.08
CA ASP E 258 -17.56 -54.78 15.06
C ASP E 258 -16.08 -54.49 15.26
N GLY E 259 -15.50 -53.75 14.31
CA GLY E 259 -14.14 -53.28 14.39
C GLY E 259 -13.90 -52.40 15.62
N ALA E 260 -12.64 -52.38 16.04
CA ALA E 260 -12.24 -51.62 17.20
C ALA E 260 -11.63 -50.34 16.68
N THR E 261 -11.85 -49.24 17.41
CA THR E 261 -11.09 -48.02 17.18
C THR E 261 -10.33 -47.71 18.46
N TYR E 262 -9.06 -47.34 18.27
CA TYR E 262 -8.13 -47.24 19.37
C TYR E 262 -7.44 -45.87 19.32
N TRP E 263 -6.92 -45.47 20.48
CA TRP E 263 -6.15 -44.23 20.57
C TRP E 263 -5.07 -44.41 21.62
N ALA E 264 -3.87 -43.93 21.27
CA ALA E 264 -2.73 -44.06 22.13
C ALA E 264 -1.72 -42.97 21.77
N GLY E 265 -1.23 -42.26 22.78
CA GLY E 265 -0.36 -41.14 22.56
C GLY E 265 -0.98 -40.16 21.57
N PRO E 266 -0.20 -39.70 20.56
CA PRO E 266 -0.67 -38.69 19.60
C PRO E 266 -1.43 -39.22 18.37
N GLY E 267 -1.74 -40.51 18.39
CA GLY E 267 -2.29 -41.16 17.22
C GLY E 267 -3.46 -42.04 17.60
N GLY E 268 -4.19 -42.44 16.55
CA GLY E 268 -5.27 -43.41 16.69
C GLY E 268 -5.68 -43.97 15.35
N GLY E 269 -6.55 -44.96 15.43
CA GLY E 269 -6.81 -45.79 14.27
C GLY E 269 -8.08 -46.61 14.38
N THR E 270 -8.30 -47.31 13.27
CA THR E 270 -9.46 -48.10 12.97
C THR E 270 -8.98 -49.54 12.77
N THR E 271 -9.88 -50.51 12.92
CA THR E 271 -9.55 -51.94 12.72
C THR E 271 -10.74 -52.75 12.22
N TYR E 272 -10.44 -53.90 11.62
CA TYR E 272 -11.46 -54.88 11.24
C TYR E 272 -11.41 -56.06 12.21
N LYS E 273 -12.61 -56.51 12.60
CA LYS E 273 -12.74 -57.73 13.39
C LYS E 273 -12.64 -58.91 12.43
N LEU E 274 -11.73 -59.85 12.73
CA LEU E 274 -11.59 -61.05 11.92
C LEU E 274 -12.38 -62.20 12.55
N PRO E 275 -12.69 -63.25 11.77
CA PRO E 275 -13.24 -64.50 12.32
C PRO E 275 -12.33 -65.21 13.32
N ASP E 276 -12.91 -66.14 14.07
CA ASP E 276 -12.20 -66.88 15.08
C ASP E 276 -11.05 -67.64 14.43
N GLY E 277 -9.95 -67.76 15.18
CA GLY E 277 -8.71 -68.34 14.67
C GLY E 277 -7.50 -67.94 15.50
N THR E 278 -6.37 -68.56 15.16
CA THR E 278 -5.10 -68.22 15.78
C THR E 278 -4.45 -67.06 15.02
N PHE E 279 -3.33 -66.57 15.58
CA PHE E 279 -2.52 -65.58 14.90
C PHE E 279 -2.20 -65.99 13.46
N ASP E 280 -1.90 -67.28 13.19
CA ASP E 280 -1.46 -67.63 11.84
C ASP E 280 -2.65 -67.73 10.91
N GLU E 281 -3.77 -68.22 11.46
CA GLU E 281 -4.99 -68.33 10.69
C GLU E 281 -5.49 -66.94 10.27
N ARG E 282 -5.38 -65.97 11.19
CA ARG E 282 -5.93 -64.64 10.98
C ARG E 282 -5.02 -63.81 10.06
N MET E 283 -3.71 -63.88 10.28
CA MET E 283 -2.78 -63.24 9.36
C MET E 283 -3.00 -63.74 7.94
N GLN E 284 -3.25 -65.05 7.80
CA GLN E 284 -3.38 -65.68 6.48
C GLN E 284 -4.73 -65.36 5.87
N TYR E 285 -5.77 -65.27 6.71
CA TYR E 285 -7.11 -64.96 6.24
C TYR E 285 -7.12 -63.59 5.55
N VAL E 286 -6.06 -62.82 5.78
CA VAL E 286 -6.00 -61.43 5.37
C VAL E 286 -5.02 -61.29 4.20
N GLY E 287 -4.35 -62.40 3.85
CA GLY E 287 -3.56 -62.49 2.63
C GLY E 287 -2.05 -62.60 2.87
N TYR E 288 -1.62 -62.60 4.15
CA TYR E 288 -0.20 -62.75 4.45
C TYR E 288 0.19 -64.21 4.21
N THR E 289 1.38 -64.45 3.63
CA THR E 289 1.90 -65.81 3.49
C THR E 289 2.41 -66.31 4.85
N ALA E 290 2.45 -67.63 5.01
CA ALA E 290 2.98 -68.27 6.21
C ALA E 290 4.35 -67.72 6.59
N GLU E 291 5.24 -67.50 5.61
CA GLU E 291 6.63 -67.17 5.94
C GLU E 291 6.69 -65.70 6.32
N MET E 292 5.73 -64.90 5.82
CA MET E 292 5.60 -63.50 6.19
C MET E 292 5.01 -63.39 7.59
N THR E 293 3.97 -64.20 7.86
CA THR E 293 3.43 -64.42 9.19
C THR E 293 4.51 -64.84 10.19
N ASP E 294 5.46 -65.68 9.77
CA ASP E 294 6.51 -66.12 10.68
C ASP E 294 7.50 -64.98 10.96
N ARG E 295 7.90 -64.25 9.91
CA ARG E 295 8.82 -63.14 10.05
C ARG E 295 8.22 -62.03 10.92
N ALA E 296 6.89 -61.86 10.86
CA ALA E 296 6.18 -60.92 11.72
C ALA E 296 6.38 -61.22 13.20
N LYS E 297 6.32 -62.52 13.56
CA LYS E 297 6.43 -62.95 14.95
C LYS E 297 7.83 -62.72 15.52
N GLU E 298 8.84 -62.58 14.65
CA GLU E 298 10.19 -62.29 15.10
C GLU E 298 10.31 -60.85 15.61
N VAL E 299 9.51 -59.92 15.07
CA VAL E 299 9.63 -58.51 15.44
C VAL E 299 8.42 -57.98 16.18
N TRP E 300 7.30 -58.71 16.27
CA TRP E 300 6.19 -58.25 17.11
C TRP E 300 6.26 -58.93 18.47
N SER E 301 5.86 -58.16 19.49
CA SER E 301 5.80 -58.60 20.87
C SER E 301 4.65 -59.59 21.07
N ASP E 302 4.65 -60.25 22.22
CA ASP E 302 3.57 -61.16 22.55
C ASP E 302 2.27 -60.34 22.54
N GLU E 303 2.32 -59.12 23.07
CA GLU E 303 1.13 -58.27 23.19
C GLU E 303 0.66 -57.89 21.80
N GLN E 304 1.61 -57.51 20.95
CA GLN E 304 1.29 -57.01 19.61
C GLN E 304 0.60 -58.12 18.84
N GLN E 305 1.09 -59.34 19.06
CA GLN E 305 0.50 -60.53 18.47
C GLN E 305 -0.90 -60.76 19.00
N ARG E 306 -1.11 -60.54 20.31
CA ARG E 306 -2.36 -60.93 20.92
C ARG E 306 -3.52 -60.10 20.36
N VAL E 307 -3.26 -58.88 19.89
CA VAL E 307 -4.33 -58.02 19.36
C VAL E 307 -4.90 -58.62 18.08
N ILE E 308 -4.03 -59.22 17.27
CA ILE E 308 -4.48 -59.91 16.07
C ILE E 308 -4.96 -61.32 16.43
N GLY E 309 -4.20 -62.04 17.27
CA GLY E 309 -4.41 -63.46 17.48
C GLY E 309 -5.61 -63.79 18.36
N ALA E 310 -5.76 -63.07 19.47
CA ALA E 310 -6.76 -63.37 20.48
C ALA E 310 -7.92 -62.38 20.35
N ASP E 311 -7.62 -61.08 20.35
CA ASP E 311 -8.65 -60.05 20.26
C ASP E 311 -9.24 -60.08 18.84
N GLY E 312 -8.40 -60.40 17.86
CA GLY E 312 -8.85 -60.43 16.47
C GLY E 312 -9.19 -59.05 15.91
N PHE E 313 -8.30 -58.09 16.14
CA PHE E 313 -8.38 -56.78 15.51
C PHE E 313 -7.18 -56.58 14.57
N MET E 314 -7.45 -56.26 13.31
CA MET E 314 -6.41 -56.09 12.31
C MET E 314 -6.48 -54.66 11.82
N ILE E 315 -5.30 -54.03 11.71
CA ILE E 315 -5.23 -52.60 11.45
C ILE E 315 -5.92 -52.29 10.12
N SER E 316 -6.66 -51.17 10.11
CA SER E 316 -7.25 -50.61 8.91
C SER E 316 -6.58 -49.26 8.65
N ALA E 317 -7.23 -48.16 9.07
CA ALA E 317 -6.71 -46.81 8.89
C ALA E 317 -6.24 -46.24 10.22
N ALA E 318 -5.30 -45.29 10.15
CA ALA E 318 -4.82 -44.61 11.34
C ALA E 318 -4.30 -43.21 10.98
N SER E 319 -4.23 -42.35 12.00
CA SER E 319 -3.58 -41.05 11.81
C SER E 319 -2.61 -40.80 12.97
N VAL E 320 -1.50 -40.13 12.65
CA VAL E 320 -0.65 -39.55 13.67
C VAL E 320 -0.74 -38.04 13.55
N PHE E 321 -0.88 -37.37 14.69
CA PHE E 321 -1.02 -35.93 14.68
C PHE E 321 0.27 -35.29 14.17
N PRO E 322 0.18 -34.25 13.32
CA PRO E 322 -1.08 -33.75 12.77
C PRO E 322 -1.54 -34.21 11.38
N ASN E 323 -0.63 -34.69 10.53
CA ASN E 323 -0.91 -34.78 9.10
C ASN E 323 -0.36 -36.03 8.45
N LEU E 324 -0.15 -37.09 9.26
CA LEU E 324 0.33 -38.38 8.77
C LEU E 324 -0.78 -39.43 8.94
N SER E 325 -1.00 -40.22 7.87
CA SER E 325 -2.07 -41.20 7.87
C SER E 325 -1.65 -42.49 7.17
N PHE E 326 -2.32 -43.58 7.57
CA PHE E 326 -2.02 -44.92 7.11
C PHE E 326 -3.31 -45.61 6.70
N VAL E 327 -3.21 -46.56 5.76
CA VAL E 327 -4.34 -47.42 5.52
C VAL E 327 -3.83 -48.78 5.11
N HIS E 328 -4.56 -49.79 5.54
CA HIS E 328 -4.19 -51.15 5.30
C HIS E 328 -5.46 -51.89 4.94
N ASN E 329 -5.51 -52.40 3.71
CA ASN E 329 -6.69 -53.13 3.27
C ASN E 329 -6.27 -54.29 2.40
N TRP E 330 -7.18 -55.28 2.28
CA TRP E 330 -6.92 -56.53 1.61
C TRP E 330 -8.06 -56.85 0.65
N PRO E 331 -8.06 -56.24 -0.55
CA PRO E 331 -9.07 -56.55 -1.55
C PRO E 331 -8.82 -57.94 -2.13
N LYS E 332 -9.83 -58.46 -2.81
CA LYS E 332 -9.68 -59.68 -3.58
C LYS E 332 -8.66 -59.46 -4.70
N VAL E 333 -8.00 -60.56 -5.09
CA VAL E 333 -6.98 -60.55 -6.12
C VAL E 333 -7.65 -60.74 -7.47
N GLU E 334 -6.90 -60.46 -8.53
CA GLU E 334 -7.45 -60.48 -9.87
C GLU E 334 -7.95 -61.88 -10.21
N ASP E 335 -7.03 -62.84 -10.30
CA ASP E 335 -7.40 -64.16 -10.82
C ASP E 335 -7.86 -65.08 -9.70
N GLY E 336 -9.04 -64.77 -9.11
CA GLY E 336 -9.72 -65.70 -8.22
C GLY E 336 -10.28 -65.02 -6.98
N ASP E 337 -10.35 -65.79 -5.88
CA ASP E 337 -11.10 -65.46 -4.68
C ASP E 337 -10.23 -65.44 -3.42
N ASP E 338 -8.90 -65.30 -3.61
CA ASP E 338 -7.99 -64.98 -2.53
C ASP E 338 -7.94 -63.47 -2.33
N VAL E 339 -7.39 -63.05 -1.19
CA VAL E 339 -7.22 -61.64 -0.88
C VAL E 339 -5.76 -61.38 -0.59
N LEU E 340 -5.33 -60.15 -0.81
CA LEU E 340 -3.94 -59.77 -0.59
C LEU E 340 -3.88 -58.31 -0.14
N PRO E 341 -3.16 -58.04 0.97
CA PRO E 341 -3.08 -56.70 1.56
C PRO E 341 -2.11 -55.73 0.90
N PHE E 342 -2.45 -54.43 1.05
CA PHE E 342 -1.58 -53.31 0.68
C PHE E 342 -1.50 -52.33 1.86
N ILE E 343 -0.37 -51.60 1.92
CA ILE E 343 -0.17 -50.52 2.89
C ILE E 343 0.10 -49.20 2.15
N SER E 344 -0.56 -48.13 2.63
CA SER E 344 -0.31 -46.78 2.17
C SER E 344 0.06 -45.86 3.33
N ILE E 345 1.18 -45.15 3.16
CA ILE E 345 1.57 -44.04 4.01
C ILE E 345 1.26 -42.76 3.23
N ARG E 346 0.70 -41.74 3.89
CA ARG E 346 0.42 -40.51 3.18
C ARG E 346 0.65 -39.30 4.07
N LEU E 347 1.07 -38.21 3.44
CA LEU E 347 1.25 -36.95 4.14
C LEU E 347 0.23 -35.96 3.61
N TRP E 348 -0.56 -35.37 4.51
CA TRP E 348 -1.39 -34.23 4.16
C TRP E 348 -0.57 -32.95 4.30
N GLN E 349 0.07 -32.52 3.22
CA GLN E 349 0.87 -31.30 3.24
C GLN E 349 -0.05 -30.10 3.00
N PRO E 350 -0.08 -29.11 3.92
CA PRO E 350 -0.97 -27.96 3.77
C PRO E 350 -0.38 -26.88 2.86
N ILE E 351 -1.22 -26.35 1.96
CA ILE E 351 -0.83 -25.24 1.12
C ILE E 351 -1.52 -23.96 1.60
N SER E 352 -2.80 -24.06 1.94
CA SER E 352 -3.55 -22.93 2.45
C SER E 352 -4.66 -23.47 3.32
N GLU E 353 -5.51 -22.55 3.80
CA GLU E 353 -6.69 -22.90 4.60
C GLU E 353 -7.63 -23.83 3.82
N ASN E 354 -7.48 -23.89 2.50
CA ASN E 354 -8.42 -24.59 1.66
C ASN E 354 -7.71 -25.37 0.55
N GLU E 355 -6.45 -25.76 0.77
CA GLU E 355 -5.73 -26.56 -0.23
C GLU E 355 -4.71 -27.46 0.49
N THR E 356 -4.64 -28.71 0.03
CA THR E 356 -3.71 -29.70 0.54
C THR E 356 -3.04 -30.37 -0.64
N GLU E 357 -1.76 -30.74 -0.52
CA GLU E 357 -1.09 -31.59 -1.49
C GLU E 357 -1.00 -32.99 -0.90
N VAL E 358 -1.68 -33.97 -1.48
CA VAL E 358 -1.59 -35.32 -0.98
C VAL E 358 -0.31 -35.93 -1.52
N LEU E 359 0.55 -36.45 -0.63
CA LEU E 359 1.68 -37.31 -1.02
C LEU E 359 1.36 -38.75 -0.59
N SER E 360 0.96 -39.60 -1.56
CA SER E 360 0.58 -40.98 -1.27
C SER E 360 1.72 -41.92 -1.67
N PHE E 361 2.11 -42.76 -0.71
CA PHE E 361 3.15 -43.76 -0.88
C PHE E 361 2.56 -45.15 -0.75
N PHE E 362 3.15 -46.09 -1.49
CA PHE E 362 2.88 -47.50 -1.33
C PHE E 362 4.01 -48.11 -0.52
N ALA E 363 3.68 -49.04 0.39
CA ALA E 363 4.67 -49.67 1.24
C ALA E 363 4.33 -51.16 1.48
N VAL E 364 5.41 -51.95 1.53
CA VAL E 364 5.33 -53.40 1.58
C VAL E 364 6.66 -53.88 2.17
N ASP E 365 6.60 -55.00 2.91
CA ASP E 365 7.78 -55.52 3.56
C ASP E 365 8.82 -55.91 2.51
N ARG E 366 10.11 -55.66 2.84
CA ARG E 366 11.19 -55.88 1.89
C ARG E 366 11.32 -57.36 1.56
N SER E 367 10.86 -58.24 2.44
CA SER E 367 11.12 -59.66 2.25
C SER E 367 9.92 -60.40 1.66
N ALA E 368 8.85 -59.67 1.35
CA ALA E 368 7.70 -60.32 0.74
C ALA E 368 8.10 -60.80 -0.64
N PRO E 369 7.55 -61.96 -1.06
CA PRO E 369 7.70 -62.43 -2.44
C PRO E 369 7.54 -61.35 -3.50
N GLU E 370 8.36 -61.42 -4.56
CA GLU E 370 8.29 -60.47 -5.65
C GLU E 370 6.92 -60.49 -6.31
N GLU E 371 6.23 -61.63 -6.30
CA GLU E 371 4.90 -61.70 -6.89
C GLU E 371 3.92 -60.97 -5.98
N PHE E 372 4.14 -61.11 -4.66
CA PHE E 372 3.30 -60.49 -3.64
C PHE E 372 3.41 -58.97 -3.77
N LYS E 373 4.64 -58.44 -3.84
CA LYS E 373 4.81 -57.00 -3.98
C LYS E 373 4.06 -56.45 -5.18
N LYS E 374 3.96 -57.21 -6.28
CA LYS E 374 3.36 -56.69 -7.49
C LYS E 374 1.86 -56.60 -7.30
N LYS E 375 1.28 -57.65 -6.69
CA LYS E 375 -0.16 -57.71 -6.46
C LYS E 375 -0.58 -56.63 -5.46
N SER E 376 0.18 -56.54 -4.36
CA SER E 376 -0.06 -55.55 -3.31
C SER E 376 -0.08 -54.14 -3.89
N TYR E 377 0.90 -53.81 -4.75
CA TYR E 377 0.95 -52.52 -5.44
C TYR E 377 -0.26 -52.32 -6.34
N LYS E 378 -0.64 -53.36 -7.09
CA LYS E 378 -1.81 -53.33 -7.96
C LYS E 378 -3.06 -52.96 -7.15
N ALA E 379 -3.28 -53.65 -6.04
CA ALA E 379 -4.41 -53.32 -5.21
C ALA E 379 -4.31 -51.87 -4.75
N TYR E 380 -3.08 -51.45 -4.44
CA TYR E 380 -2.84 -50.09 -3.96
C TYR E 380 -3.37 -49.11 -4.98
N LEU E 381 -2.86 -49.19 -6.21
CA LEU E 381 -3.20 -48.27 -7.28
C LEU E 381 -4.70 -48.19 -7.51
N MET E 382 -5.41 -49.31 -7.33
CA MET E 382 -6.83 -49.38 -7.62
C MET E 382 -7.62 -48.76 -6.48
N CYS E 383 -7.02 -48.68 -5.29
CA CYS E 383 -7.79 -48.39 -4.09
C CYS E 383 -7.49 -46.98 -3.55
N PHE E 384 -6.20 -46.64 -3.36
CA PHE E 384 -5.86 -45.34 -2.83
C PHE E 384 -4.84 -44.69 -3.75
N GLY E 385 -4.57 -43.41 -3.50
CA GLY E 385 -3.56 -42.68 -4.26
C GLY E 385 -4.16 -41.87 -5.40
N SER E 386 -3.32 -41.41 -6.34
CA SER E 386 -3.74 -40.45 -7.37
C SER E 386 -4.84 -41.04 -8.27
N THR E 387 -4.94 -42.37 -8.33
CA THR E 387 -5.99 -43.04 -9.09
C THR E 387 -6.82 -44.00 -8.22
N GLY E 388 -6.71 -43.90 -6.90
CA GLY E 388 -7.49 -44.75 -6.00
C GLY E 388 -8.99 -44.54 -6.18
N MET E 389 -9.77 -45.63 -6.12
CA MET E 389 -11.21 -45.56 -6.30
C MET E 389 -11.91 -45.35 -4.95
N PHE E 390 -11.23 -45.65 -3.84
CA PHE E 390 -11.67 -45.17 -2.55
C PHE E 390 -11.42 -43.65 -2.45
N GLU E 391 -10.18 -43.22 -2.74
CA GLU E 391 -9.72 -41.87 -2.45
C GLU E 391 -10.56 -40.82 -3.20
N GLN E 392 -10.87 -41.13 -4.46
CA GLN E 392 -11.79 -40.34 -5.29
C GLN E 392 -13.00 -39.79 -4.53
N ASP E 393 -13.65 -40.67 -3.76
CA ASP E 393 -14.93 -40.38 -3.14
C ASP E 393 -14.75 -39.77 -1.76
N ASP E 394 -13.61 -40.11 -1.11
CA ASP E 394 -13.22 -39.57 0.18
C ASP E 394 -12.95 -38.06 0.03
N VAL E 395 -12.14 -37.74 -1.00
CA VAL E 395 -11.69 -36.37 -1.30
C VAL E 395 -12.88 -35.50 -1.71
N GLU E 396 -13.86 -36.08 -2.41
CA GLU E 396 -15.11 -35.42 -2.73
C GLU E 396 -15.77 -34.97 -1.43
N ASN E 397 -15.85 -35.87 -0.44
CA ASN E 397 -16.47 -35.55 0.83
C ASN E 397 -15.76 -34.36 1.47
N TRP E 398 -14.43 -34.40 1.46
CA TRP E 398 -13.62 -33.45 2.20
C TRP E 398 -13.65 -32.09 1.53
N VAL E 399 -13.61 -32.10 0.18
CA VAL E 399 -13.64 -30.89 -0.61
C VAL E 399 -14.97 -30.17 -0.43
N SER E 400 -16.07 -30.95 -0.44
CA SER E 400 -17.41 -30.42 -0.18
C SER E 400 -17.48 -29.76 1.18
N LEU E 401 -16.88 -30.39 2.19
CA LEU E 401 -16.95 -29.86 3.53
C LEU E 401 -16.13 -28.58 3.60
N THR E 402 -14.97 -28.57 2.94
CA THR E 402 -14.18 -27.35 2.79
C THR E 402 -15.00 -26.22 2.15
N ASN E 403 -15.84 -26.53 1.17
CA ASN E 403 -16.75 -25.57 0.54
C ASN E 403 -17.67 -24.91 1.55
N THR E 404 -18.35 -25.66 2.43
CA THR E 404 -19.29 -25.00 3.33
C THR E 404 -18.53 -24.19 4.37
N SER E 405 -17.32 -24.61 4.74
CA SER E 405 -16.54 -23.89 5.72
C SER E 405 -16.13 -22.50 5.23
N ALA E 406 -16.28 -22.24 3.93
CA ALA E 406 -15.89 -20.95 3.37
C ALA E 406 -16.82 -19.80 3.77
N GLY E 407 -18.13 -20.04 3.87
CA GLY E 407 -19.11 -18.96 3.97
C GLY E 407 -19.20 -18.34 5.36
N SER E 408 -20.11 -17.37 5.50
CA SER E 408 -20.32 -16.70 6.78
C SER E 408 -21.26 -17.51 7.71
N MET E 409 -21.97 -18.47 7.13
CA MET E 409 -22.81 -19.38 7.89
C MET E 409 -21.94 -20.26 8.78
N ALA E 410 -20.73 -20.56 8.26
CA ALA E 410 -19.81 -21.48 8.89
C ALA E 410 -19.21 -20.87 10.16
N ARG E 411 -19.19 -19.53 10.23
CA ARG E 411 -18.74 -18.89 11.47
C ARG E 411 -19.91 -18.75 12.44
N ARG E 412 -21.06 -19.40 12.17
CA ARG E 412 -22.19 -19.44 13.09
C ARG E 412 -22.64 -20.84 13.46
N LEU E 413 -21.89 -21.85 12.99
CA LEU E 413 -22.27 -23.25 13.14
C LEU E 413 -21.23 -23.98 13.96
N LEU E 414 -21.71 -24.73 14.95
CA LEU E 414 -20.97 -25.79 15.58
C LEU E 414 -21.50 -27.13 15.04
N LEU E 415 -20.70 -27.77 14.21
CA LEU E 415 -21.01 -29.12 13.79
C LEU E 415 -20.88 -30.07 14.96
N ASN E 416 -21.55 -31.23 14.87
CA ASN E 416 -21.65 -32.16 15.99
C ASN E 416 -20.75 -33.37 15.76
N SER E 417 -19.78 -33.54 16.68
CA SER E 417 -18.79 -34.61 16.60
C SER E 417 -18.83 -35.45 17.88
N ARG E 418 -20.03 -35.62 18.47
CA ARG E 418 -20.16 -36.12 19.82
C ARG E 418 -20.65 -37.57 19.87
N MET E 419 -20.60 -38.28 18.71
CA MET E 419 -21.15 -39.62 18.61
C MET E 419 -20.37 -40.54 19.53
N GLY E 420 -21.07 -41.24 20.42
CA GLY E 420 -20.46 -41.99 21.51
C GLY E 420 -20.62 -41.30 22.88
N LEU E 421 -21.08 -40.04 22.87
CA LEU E 421 -21.40 -39.31 24.07
C LEU E 421 -22.88 -38.95 24.04
N LEU E 422 -23.56 -39.10 25.20
CA LEU E 422 -24.92 -38.61 25.39
C LEU E 422 -24.86 -37.12 25.75
N GLU E 423 -26.02 -36.54 26.08
CA GLU E 423 -26.13 -35.11 26.37
C GLU E 423 -25.56 -34.78 27.76
N ASP E 424 -25.69 -35.69 28.73
CA ASP E 424 -25.13 -35.45 30.06
C ASP E 424 -23.65 -35.87 30.16
N GLY E 425 -23.02 -36.28 29.06
CA GLY E 425 -21.58 -36.52 29.07
C GLY E 425 -21.22 -37.98 29.33
N THR E 426 -22.23 -38.82 29.61
CA THR E 426 -22.01 -40.24 29.81
C THR E 426 -21.75 -40.90 28.45
N ARG E 427 -20.97 -41.98 28.51
CA ARG E 427 -20.59 -42.81 27.37
C ARG E 427 -21.81 -43.59 26.84
N VAL E 428 -21.89 -43.73 25.52
CA VAL E 428 -22.90 -44.58 24.94
C VAL E 428 -22.56 -46.03 25.26
N SER E 429 -21.38 -46.48 24.82
CA SER E 429 -20.88 -47.83 25.10
C SER E 429 -19.62 -47.77 25.96
N ASP E 430 -19.13 -48.95 26.39
CA ASP E 430 -18.04 -49.07 27.34
C ASP E 430 -16.70 -49.27 26.62
N GLU E 431 -15.63 -48.88 27.31
CA GLU E 431 -14.24 -49.20 26.96
C GLU E 431 -14.10 -50.73 26.87
N LEU E 432 -13.23 -51.19 25.98
CA LEU E 432 -12.87 -52.60 25.92
C LEU E 432 -11.96 -52.94 27.09
N THR E 433 -12.14 -54.13 27.69
CA THR E 433 -11.36 -54.47 28.87
C THR E 433 -9.99 -54.98 28.44
N ALA E 434 -9.07 -55.16 29.40
CA ALA E 434 -7.74 -55.65 29.07
C ALA E 434 -7.85 -57.08 28.53
N ASP E 435 -8.94 -57.77 28.85
CA ASP E 435 -9.21 -59.13 28.38
C ASP E 435 -9.63 -59.11 26.91
N GLU E 436 -10.44 -58.12 26.54
CA GLU E 436 -10.94 -57.98 25.17
C GLU E 436 -9.95 -57.26 24.26
N PHE E 437 -8.93 -56.57 24.82
CA PHE E 437 -8.04 -55.75 23.99
C PHE E 437 -6.70 -55.57 24.70
N HIS E 438 -5.61 -55.97 24.04
CA HIS E 438 -4.31 -56.17 24.69
C HIS E 438 -3.31 -55.08 24.29
N GLY E 439 -3.76 -54.12 23.47
CA GLY E 439 -2.90 -53.05 23.02
C GLY E 439 -3.04 -51.83 23.93
N PRO E 440 -2.07 -50.90 23.93
CA PRO E 440 -2.02 -49.83 24.91
C PRO E 440 -3.03 -48.75 24.51
N GLY E 441 -3.36 -47.88 25.47
CA GLY E 441 -4.28 -46.79 25.22
C GLY E 441 -5.72 -47.22 25.52
N THR E 442 -6.69 -46.65 24.79
CA THR E 442 -8.08 -47.01 25.00
C THR E 442 -8.69 -47.44 23.68
N ALA E 443 -9.65 -48.37 23.77
CA ALA E 443 -10.34 -48.92 22.60
C ALA E 443 -11.84 -49.09 22.87
N GLN E 444 -12.63 -49.06 21.81
CA GLN E 444 -14.02 -49.48 21.88
C GLN E 444 -14.39 -50.22 20.60
N VAL E 445 -15.61 -50.72 20.58
CA VAL E 445 -16.18 -51.23 19.33
C VAL E 445 -17.42 -50.42 18.99
N GLY E 446 -17.79 -50.46 17.71
CA GLY E 446 -18.94 -49.74 17.25
C GLY E 446 -18.53 -48.44 16.55
N TYR E 447 -19.46 -47.90 15.78
CA TYR E 447 -19.25 -46.60 15.18
C TYR E 447 -19.18 -45.58 16.30
N ASN E 448 -18.21 -44.66 16.22
CA ASN E 448 -18.06 -43.60 17.20
C ASN E 448 -17.23 -42.47 16.59
N GLU E 449 -17.12 -41.36 17.32
CA GLU E 449 -16.38 -40.19 16.87
C GLU E 449 -15.31 -39.82 17.92
N ALA E 450 -14.85 -40.81 18.72
CA ALA E 450 -13.92 -40.61 19.81
C ALA E 450 -12.56 -40.10 19.31
N ASN E 451 -12.09 -40.63 18.17
CA ASN E 451 -10.74 -40.33 17.71
C ASN E 451 -10.66 -38.94 17.04
N GLN E 452 -11.76 -38.55 16.38
CA GLN E 452 -11.87 -37.21 15.81
C GLN E 452 -11.79 -36.17 16.92
N ARG E 453 -12.51 -36.45 18.01
CA ARG E 453 -12.54 -35.60 19.18
C ARG E 453 -11.15 -35.39 19.77
N LYS E 454 -10.40 -36.50 19.86
CA LYS E 454 -9.09 -36.43 20.47
C LYS E 454 -8.12 -35.71 19.53
N LEU E 455 -8.30 -35.87 18.22
CA LEU E 455 -7.41 -35.23 17.27
C LEU E 455 -7.56 -33.72 17.38
N LEU E 456 -8.83 -33.29 17.45
CA LEU E 456 -9.16 -31.89 17.48
C LEU E 456 -8.83 -31.32 18.86
N GLU E 457 -8.93 -32.15 19.90
CA GLU E 457 -8.43 -31.76 21.21
C GLU E 457 -6.93 -31.42 21.14
N MET E 458 -6.16 -32.32 20.52
CA MET E 458 -4.74 -32.06 20.30
C MET E 458 -4.53 -30.76 19.52
N TRP E 459 -5.27 -30.56 18.43
CA TRP E 459 -5.20 -29.37 17.61
C TRP E 459 -5.39 -28.09 18.44
N ALA E 460 -6.41 -28.08 19.28
CA ALA E 460 -6.66 -26.96 20.17
C ALA E 460 -5.53 -26.76 21.16
N ASP E 461 -4.93 -27.85 21.68
CA ASP E 461 -3.87 -27.74 22.67
C ASP E 461 -2.69 -27.04 22.01
N TYR E 462 -2.40 -27.41 20.76
CA TYR E 462 -1.31 -26.83 20.01
C TYR E 462 -1.58 -25.38 19.60
N LEU E 463 -2.84 -25.02 19.32
CA LEU E 463 -3.16 -23.68 18.86
C LEU E 463 -2.93 -22.65 19.95
N GLU E 464 -2.96 -23.10 21.22
CA GLU E 464 -2.87 -22.23 22.38
C GLU E 464 -1.45 -22.09 22.90
N LYS E 465 -0.57 -22.99 22.47
CA LYS E 465 0.84 -22.82 22.71
C LYS E 465 1.25 -21.44 22.24
N PRO E 466 2.26 -20.82 22.88
CA PRO E 466 2.85 -19.59 22.37
C PRO E 466 3.61 -19.84 21.08
N ALA E 467 3.78 -18.78 20.29
CA ALA E 467 4.61 -18.82 19.10
C ALA E 467 6.01 -19.27 19.48
N LEU E 468 6.50 -20.28 18.76
CA LEU E 468 7.89 -20.70 18.81
C LEU E 468 8.77 -19.52 18.47
N GLU E 469 9.75 -19.23 19.33
CA GLU E 469 10.72 -18.22 18.98
C GLU E 469 12.11 -18.85 18.97
N VAL E 470 12.92 -18.48 17.96
CA VAL E 470 14.20 -19.08 17.68
C VAL E 470 15.18 -17.98 17.29
N GLY E 471 16.34 -17.95 17.94
CA GLY E 471 17.32 -16.92 17.65
C GLY E 471 17.75 -17.04 16.20
N PRO E 472 18.08 -15.94 15.48
CA PRO E 472 18.47 -16.06 14.08
C PRO E 472 19.90 -16.60 14.03
N THR E 473 20.15 -17.53 13.11
CA THR E 473 21.49 -17.94 12.73
C THR E 473 22.12 -16.92 11.77
N SER E 474 23.34 -16.45 12.09
CA SER E 474 24.15 -15.61 11.22
C SER E 474 25.08 -16.50 10.43
N VAL E 475 24.73 -16.88 9.18
CA VAL E 475 25.53 -17.84 8.42
C VAL E 475 26.88 -17.17 8.13
N GLY E 476 27.96 -17.91 8.41
CA GLY E 476 29.33 -17.44 8.22
C GLY E 476 30.02 -17.04 9.52
N THR E 477 29.39 -17.39 10.67
CA THR E 477 29.89 -17.09 12.00
C THR E 477 29.85 -18.39 12.81
N GLU F 17 13.38 -51.66 -14.68
CA GLU F 17 14.28 -52.76 -15.13
C GLU F 17 14.52 -52.69 -16.65
N GLY F 18 13.46 -52.63 -17.47
CA GLY F 18 13.59 -52.64 -18.92
C GLY F 18 14.04 -51.28 -19.48
N SER F 19 13.49 -50.84 -20.62
CA SER F 19 13.89 -49.54 -21.15
C SER F 19 12.84 -48.82 -22.00
N THR F 20 11.67 -49.46 -22.24
CA THR F 20 10.42 -48.71 -22.34
C THR F 20 10.11 -48.31 -20.92
N TYR F 21 9.19 -47.36 -20.77
CA TYR F 21 8.47 -47.21 -19.52
C TYR F 21 7.63 -48.46 -19.21
N SER F 22 7.04 -49.07 -20.25
CA SER F 22 6.19 -50.27 -20.13
C SER F 22 6.97 -51.42 -19.48
N GLU F 23 8.26 -51.54 -19.84
CA GLU F 23 9.17 -52.58 -19.36
C GLU F 23 9.63 -52.31 -17.92
N GLN F 24 9.70 -51.02 -17.54
CA GLN F 24 10.07 -50.59 -16.20
C GLN F 24 8.87 -50.66 -15.25
N ALA F 25 7.65 -50.49 -15.79
CA ALA F 25 6.44 -50.59 -15.00
C ALA F 25 6.40 -51.91 -14.22
N VAL F 26 6.15 -51.79 -12.92
CA VAL F 26 6.02 -52.89 -11.97
C VAL F 26 5.12 -54.00 -12.52
N LEU F 27 3.99 -53.63 -13.14
CA LEU F 27 2.98 -54.58 -13.58
C LEU F 27 2.95 -54.69 -15.11
N GLY F 28 4.15 -54.59 -15.73
CA GLY F 28 4.31 -54.58 -17.17
C GLY F 28 4.88 -55.88 -17.75
N ASP F 29 4.91 -56.95 -16.94
CA ASP F 29 5.52 -58.23 -17.31
C ASP F 29 4.81 -58.85 -18.50
N HIS F 30 3.47 -58.80 -18.54
CA HIS F 30 2.70 -59.48 -19.56
C HIS F 30 2.46 -58.59 -20.78
N ALA F 31 3.09 -57.42 -20.82
CA ALA F 31 2.78 -56.42 -21.83
C ALA F 31 3.47 -56.73 -23.16
N SER F 32 2.79 -56.41 -24.27
CA SER F 32 3.34 -56.58 -25.61
C SER F 32 4.62 -55.78 -25.72
N ARG F 33 5.62 -56.34 -26.41
CA ARG F 33 6.95 -55.77 -26.50
C ARG F 33 7.23 -55.23 -27.91
N VAL F 34 6.18 -55.08 -28.73
CA VAL F 34 6.32 -54.63 -30.11
C VAL F 34 6.79 -53.19 -30.11
N THR F 35 7.75 -52.85 -30.98
CA THR F 35 8.21 -51.46 -31.09
C THR F 35 8.24 -50.96 -32.54
N ARG F 36 8.48 -49.66 -32.66
CA ARG F 36 8.41 -48.94 -33.92
C ARG F 36 9.59 -49.31 -34.80
N THR F 37 9.41 -49.20 -36.13
CA THR F 37 10.53 -49.19 -37.08
C THR F 37 10.26 -48.17 -38.18
N GLY F 38 11.33 -47.82 -38.91
CA GLY F 38 11.21 -46.88 -40.00
C GLY F 38 11.02 -45.45 -39.49
N THR F 39 10.79 -44.53 -40.43
CA THR F 39 10.38 -43.19 -40.06
C THR F 39 8.85 -43.19 -40.05
N PRO F 40 8.19 -42.07 -39.71
CA PRO F 40 6.72 -42.00 -39.75
C PRO F 40 6.14 -42.16 -41.15
N LEU F 41 4.93 -42.75 -41.22
CA LEU F 41 4.21 -42.85 -42.48
C LEU F 41 3.80 -41.46 -42.93
N ARG F 42 3.54 -41.35 -44.23
CA ARG F 42 2.96 -40.14 -44.79
C ARG F 42 1.55 -40.06 -44.27
N PHE F 43 0.94 -38.86 -44.36
CA PHE F 43 -0.32 -38.58 -43.69
C PHE F 43 -1.51 -38.99 -44.57
N ASP F 44 -1.23 -39.45 -45.80
CA ASP F 44 -2.25 -40.03 -46.67
C ASP F 44 -2.16 -41.55 -46.65
N ASP F 45 -1.17 -42.14 -45.94
CA ASP F 45 -1.02 -43.57 -45.85
C ASP F 45 -2.18 -44.16 -45.05
N ARG F 46 -2.84 -45.17 -45.63
CA ARG F 46 -4.05 -45.78 -45.10
C ARG F 46 -3.94 -46.12 -43.61
N ARG F 47 -2.77 -46.62 -43.21
CA ARG F 47 -2.57 -47.10 -41.85
C ARG F 47 -2.53 -45.92 -40.87
N HIS F 48 -1.83 -44.84 -41.24
CA HIS F 48 -1.88 -43.58 -40.50
C HIS F 48 -3.31 -43.08 -40.35
N LEU F 49 -4.05 -43.01 -41.48
CA LEU F 49 -5.42 -42.50 -41.49
C LEU F 49 -6.29 -43.31 -40.54
N ASP F 50 -6.05 -44.61 -40.46
CA ASP F 50 -6.83 -45.46 -39.57
C ASP F 50 -6.49 -45.05 -38.15
N ALA F 51 -5.20 -44.90 -37.88
CA ALA F 51 -4.76 -44.66 -36.52
C ALA F 51 -5.39 -43.38 -36.00
N HIS F 52 -5.27 -42.34 -36.82
CA HIS F 52 -5.86 -41.04 -36.58
C HIS F 52 -7.36 -41.17 -36.31
N GLN F 53 -8.12 -41.81 -37.22
CA GLN F 53 -9.56 -42.03 -37.05
C GLN F 53 -9.88 -42.71 -35.73
N PHE F 54 -8.94 -43.54 -35.25
CA PHE F 54 -9.14 -44.30 -34.03
C PHE F 54 -9.09 -43.36 -32.82
N LEU F 55 -8.02 -42.57 -32.75
CA LEU F 55 -7.73 -41.72 -31.59
C LEU F 55 -8.77 -40.61 -31.44
N ILE F 56 -9.32 -40.11 -32.55
CA ILE F 56 -10.34 -39.08 -32.55
C ILE F 56 -11.66 -39.69 -32.08
N ASP F 57 -11.93 -40.98 -32.35
CA ASP F 57 -13.22 -41.56 -32.02
C ASP F 57 -13.24 -41.92 -30.53
N GLU F 58 -12.06 -42.32 -30.07
CA GLU F 58 -11.81 -42.51 -28.66
C GLU F 58 -12.15 -41.20 -27.94
N ALA F 59 -11.50 -40.12 -28.38
CA ALA F 59 -11.71 -38.83 -27.77
C ALA F 59 -13.21 -38.53 -27.59
N TYR F 60 -14.04 -38.79 -28.61
CA TYR F 60 -15.48 -38.48 -28.52
C TYR F 60 -16.14 -39.41 -27.50
N LEU F 61 -15.60 -40.62 -27.32
CA LEU F 61 -16.16 -41.56 -26.38
C LEU F 61 -15.86 -41.11 -24.95
N LEU F 62 -14.60 -40.70 -24.74
CA LEU F 62 -14.08 -40.29 -23.44
C LEU F 62 -14.71 -38.97 -23.00
N ASP F 63 -15.01 -38.06 -23.94
CA ASP F 63 -15.76 -36.86 -23.64
C ASP F 63 -17.16 -37.23 -23.10
N ALA F 64 -17.87 -38.08 -23.83
CA ALA F 64 -19.23 -38.44 -23.47
C ALA F 64 -19.24 -39.38 -22.27
N GLN F 65 -18.05 -39.90 -21.92
CA GLN F 65 -17.85 -40.82 -20.80
C GLN F 65 -18.46 -42.17 -21.13
N GLU F 66 -18.32 -42.60 -22.39
CA GLU F 66 -18.91 -43.85 -22.85
C GLU F 66 -17.95 -45.00 -22.55
N TYR F 67 -17.71 -45.23 -21.25
CA TYR F 67 -16.57 -46.03 -20.88
C TYR F 67 -16.76 -47.51 -21.25
N GLN F 68 -18.00 -47.98 -21.47
CA GLN F 68 -18.20 -49.36 -21.87
C GLN F 68 -17.80 -49.54 -23.33
N THR F 69 -18.27 -48.64 -24.19
CA THR F 69 -17.89 -48.66 -25.59
C THR F 69 -16.36 -48.64 -25.69
N TRP F 70 -15.74 -47.69 -24.96
CA TRP F 70 -14.31 -47.40 -25.03
C TRP F 70 -13.49 -48.65 -24.72
N LEU F 71 -13.96 -49.40 -23.75
CA LEU F 71 -13.31 -50.60 -23.24
C LEU F 71 -13.34 -51.72 -24.29
N ASP F 72 -14.42 -51.80 -25.08
CA ASP F 72 -14.50 -52.75 -26.17
C ASP F 72 -13.54 -52.41 -27.30
N ASN F 73 -12.84 -51.28 -27.22
CA ASN F 73 -11.82 -50.99 -28.21
C ASN F 73 -10.44 -51.30 -27.61
N ILE F 74 -10.40 -52.07 -26.51
CA ILE F 74 -9.15 -52.31 -25.80
C ILE F 74 -8.87 -53.81 -25.73
N THR F 75 -7.72 -54.25 -26.26
CA THR F 75 -7.36 -55.67 -26.26
C THR F 75 -7.38 -56.23 -24.84
N ASP F 76 -7.43 -57.56 -24.74
CA ASP F 76 -7.54 -58.24 -23.46
C ASP F 76 -6.17 -58.35 -22.77
N ASP F 77 -5.08 -58.00 -23.49
CA ASP F 77 -3.73 -58.02 -22.93
C ASP F 77 -3.17 -56.59 -22.79
N ILE F 78 -4.07 -55.59 -22.77
CA ILE F 78 -3.72 -54.17 -22.67
C ILE F 78 -2.80 -53.95 -21.48
N HIS F 79 -1.78 -53.13 -21.71
CA HIS F 79 -1.07 -52.44 -20.64
C HIS F 79 -1.30 -50.92 -20.76
N TYR F 80 -2.08 -50.36 -19.81
CA TYR F 80 -2.42 -48.95 -19.74
C TYR F 80 -1.69 -48.29 -18.57
N LEU F 81 -0.72 -47.43 -18.88
CA LEU F 81 0.25 -47.01 -17.89
C LEU F 81 0.59 -45.54 -18.10
N MET F 82 0.60 -44.81 -16.97
CA MET F 82 0.96 -43.41 -16.90
C MET F 82 1.81 -43.23 -15.65
N PRO F 83 3.15 -43.31 -15.72
CA PRO F 83 3.98 -43.20 -14.53
C PRO F 83 3.97 -41.79 -13.95
N VAL F 84 4.26 -41.70 -12.64
CA VAL F 84 4.55 -40.43 -11.99
C VAL F 84 5.81 -39.86 -12.63
N ARG F 85 5.77 -38.58 -13.01
CA ARG F 85 6.97 -37.92 -13.47
C ARG F 85 7.56 -37.18 -12.28
N VAL F 86 8.90 -37.11 -12.29
CA VAL F 86 9.70 -36.39 -11.32
C VAL F 86 10.78 -35.56 -12.06
N THR F 87 11.00 -34.34 -11.56
CA THR F 87 12.01 -33.44 -12.08
C THR F 87 13.38 -33.96 -11.66
N THR F 88 14.28 -34.13 -12.64
CA THR F 88 15.59 -34.71 -12.38
C THR F 88 16.68 -34.00 -13.17
N ALA F 89 17.91 -34.16 -12.67
CA ALA F 89 19.06 -33.52 -13.27
C ALA F 89 19.34 -34.16 -14.63
N LEU F 90 20.16 -33.50 -15.46
CA LEU F 90 20.24 -33.82 -16.87
C LEU F 90 20.80 -35.21 -17.16
N ASN F 91 21.77 -35.69 -16.36
CA ASN F 91 22.38 -36.98 -16.72
C ASN F 91 22.02 -38.03 -15.67
N SER F 92 20.83 -37.93 -15.08
CA SER F 92 20.39 -38.87 -14.06
C SER F 92 19.83 -40.14 -14.66
N GLY F 93 19.55 -40.17 -15.97
CA GLY F 93 19.10 -41.39 -16.61
C GLY F 93 17.68 -41.83 -16.26
N PHE F 94 16.82 -40.94 -15.76
CA PHE F 94 15.43 -41.29 -15.49
C PHE F 94 14.65 -40.04 -15.13
N ASP F 95 13.31 -40.13 -15.17
CA ASP F 95 12.45 -38.99 -14.87
C ASP F 95 11.06 -39.46 -14.45
N THR F 96 10.99 -40.63 -13.82
CA THR F 96 9.76 -41.15 -13.28
C THR F 96 10.06 -41.75 -11.92
N SER F 97 9.05 -41.76 -11.05
CA SER F 97 9.23 -42.30 -9.71
C SER F 97 9.45 -43.80 -9.86
N PRO F 98 10.61 -44.30 -9.35
CA PRO F 98 10.98 -45.69 -9.53
C PRO F 98 9.93 -46.54 -8.84
N GLY F 99 9.22 -47.34 -9.62
CA GLY F 99 8.24 -48.26 -9.08
C GLY F 99 6.98 -47.54 -8.61
N MET F 100 6.64 -46.37 -9.17
CA MET F 100 5.37 -45.76 -8.81
C MET F 100 4.76 -45.04 -10.03
N ALA F 101 3.49 -45.38 -10.31
CA ALA F 101 2.75 -44.85 -11.43
C ALA F 101 1.43 -44.27 -10.95
N HIS F 102 0.85 -43.35 -11.74
CA HIS F 102 -0.52 -42.93 -11.50
C HIS F 102 -1.44 -44.09 -11.86
N PHE F 103 -1.33 -44.52 -13.12
CA PHE F 103 -2.06 -45.66 -13.65
C PHE F 103 -1.07 -46.73 -14.07
N ASP F 104 -1.32 -47.99 -13.66
CA ASP F 104 -0.66 -49.18 -14.18
C ASP F 104 -1.69 -50.30 -14.24
N GLU F 105 -2.36 -50.40 -15.40
CA GLU F 105 -3.58 -51.18 -15.51
C GLU F 105 -3.49 -52.25 -16.61
N ASN F 106 -4.15 -53.37 -16.31
CA ASN F 106 -4.48 -54.41 -17.28
C ASN F 106 -5.97 -54.29 -17.61
N LYS F 107 -6.52 -55.24 -18.38
CA LYS F 107 -7.90 -55.16 -18.82
C LYS F 107 -8.86 -55.31 -17.65
N TYR F 108 -8.47 -56.13 -16.67
CA TYR F 108 -9.31 -56.43 -15.53
C TYR F 108 -9.48 -55.16 -14.69
N SER F 109 -8.36 -54.52 -14.34
CA SER F 109 -8.41 -53.32 -13.54
C SER F 109 -9.18 -52.25 -14.30
N LEU F 110 -8.84 -52.04 -15.58
CA LEU F 110 -9.52 -51.02 -16.38
C LEU F 110 -11.03 -51.27 -16.38
N SER F 111 -11.45 -52.51 -16.55
CA SER F 111 -12.88 -52.78 -16.61
C SER F 111 -13.52 -52.62 -15.23
N ARG F 112 -12.84 -53.03 -14.15
CA ARG F 112 -13.40 -52.83 -12.81
C ARG F 112 -13.51 -51.33 -12.52
N ARG F 113 -12.60 -50.50 -13.04
CA ARG F 113 -12.70 -49.05 -12.85
C ARG F 113 -13.96 -48.51 -13.52
N VAL F 114 -14.21 -48.99 -14.74
CA VAL F 114 -15.36 -48.57 -15.51
C VAL F 114 -16.63 -49.09 -14.83
N ALA F 115 -16.56 -50.32 -14.31
CA ALA F 115 -17.69 -50.93 -13.62
C ALA F 115 -18.20 -49.96 -12.56
N ARG F 116 -17.23 -49.30 -11.92
CA ARG F 116 -17.46 -48.38 -10.83
C ARG F 116 -18.36 -47.23 -11.25
N PHE F 117 -18.00 -46.60 -12.37
CA PHE F 117 -18.81 -45.53 -12.93
C PHE F 117 -20.20 -46.10 -13.19
N VAL F 118 -20.27 -47.33 -13.72
CA VAL F 118 -21.52 -47.90 -14.15
C VAL F 118 -22.47 -48.06 -12.96
N THR F 119 -21.97 -48.19 -11.73
CA THR F 119 -22.88 -48.44 -10.61
C THR F 119 -23.68 -47.19 -10.27
N GLU F 120 -23.18 -46.03 -10.74
CA GLU F 120 -23.72 -44.70 -10.51
C GLU F 120 -23.57 -44.33 -9.05
N HIS F 121 -22.59 -44.94 -8.36
CA HIS F 121 -22.37 -44.70 -6.95
C HIS F 121 -20.95 -44.14 -6.80
N ALA F 122 -20.38 -43.75 -7.95
CA ALA F 122 -19.11 -43.06 -7.96
C ALA F 122 -19.36 -41.58 -7.71
N TRP F 123 -19.50 -41.23 -6.42
CA TRP F 123 -20.02 -39.95 -5.99
C TRP F 123 -19.20 -38.77 -6.53
N THR F 124 -17.88 -38.93 -6.66
CA THR F 124 -17.04 -37.82 -7.06
C THR F 124 -17.31 -37.39 -8.50
N GLU F 125 -18.12 -38.19 -9.22
CA GLU F 125 -18.45 -37.89 -10.61
C GLU F 125 -19.97 -37.94 -10.82
N ASP F 126 -20.73 -37.77 -9.74
CA ASP F 126 -22.13 -37.42 -9.86
C ASP F 126 -22.37 -36.21 -8.98
N PRO F 127 -22.55 -34.98 -9.55
CA PRO F 127 -22.60 -34.73 -10.99
C PRO F 127 -21.32 -34.98 -11.80
N PRO F 128 -21.40 -35.23 -13.12
CA PRO F 128 -20.22 -35.43 -13.95
C PRO F 128 -19.42 -34.17 -14.24
N SER F 129 -18.13 -34.37 -14.45
CA SER F 129 -17.26 -33.35 -15.00
C SER F 129 -17.73 -32.99 -16.40
N ARG F 130 -17.13 -31.96 -16.95
CA ARG F 130 -17.23 -31.63 -18.36
C ARG F 130 -15.86 -31.85 -18.98
N LEU F 131 -15.76 -32.79 -19.93
CA LEU F 131 -14.45 -33.20 -20.42
C LEU F 131 -14.30 -32.82 -21.89
N ARG F 132 -13.09 -32.40 -22.23
CA ARG F 132 -12.74 -32.18 -23.62
C ARG F 132 -11.31 -32.70 -23.80
N HIS F 133 -11.19 -33.92 -24.30
CA HIS F 133 -9.89 -34.45 -24.66
C HIS F 133 -9.47 -33.86 -26.00
N TYR F 134 -8.54 -32.91 -26.01
CA TYR F 134 -8.03 -32.38 -27.26
C TYR F 134 -6.89 -33.28 -27.74
N ILE F 135 -6.98 -33.85 -28.96
CA ILE F 135 -5.93 -34.71 -29.48
C ILE F 135 -5.22 -34.03 -30.65
N THR F 136 -3.89 -33.99 -30.63
CA THR F 136 -3.18 -33.36 -31.73
C THR F 136 -1.86 -34.11 -31.97
N ASN F 137 -1.10 -33.63 -32.95
CA ASN F 137 0.27 -34.04 -33.16
C ASN F 137 0.36 -35.55 -33.41
N ILE F 138 -0.60 -36.08 -34.15
CA ILE F 138 -0.69 -37.51 -34.44
C ILE F 138 0.31 -37.93 -35.54
N ARG F 139 0.98 -39.06 -35.34
CA ARG F 139 1.96 -39.58 -36.28
C ARG F 139 2.16 -41.07 -36.06
N THR F 140 2.38 -41.82 -37.15
CA THR F 140 2.25 -43.27 -37.13
C THR F 140 3.54 -43.96 -37.60
N PHE F 141 3.77 -45.16 -37.06
CA PHE F 141 4.97 -45.94 -37.34
C PHE F 141 4.59 -47.41 -37.59
N LEU F 142 5.26 -48.01 -38.60
CA LEU F 142 5.28 -49.46 -38.76
C LEU F 142 6.08 -50.05 -37.61
N THR F 143 5.73 -51.28 -37.23
CA THR F 143 6.33 -51.96 -36.09
C THR F 143 7.12 -53.17 -36.57
N ASP F 144 7.69 -53.93 -35.61
CA ASP F 144 8.37 -55.17 -35.92
C ASP F 144 7.43 -56.39 -35.77
N ALA F 145 6.12 -56.19 -35.93
CA ALA F 145 5.14 -57.27 -35.94
C ALA F 145 3.99 -56.93 -36.87
N GLU F 146 3.22 -57.95 -37.24
CA GLU F 146 2.44 -57.90 -38.47
C GLU F 146 1.35 -56.85 -38.33
N ASP F 147 0.42 -57.11 -37.41
CA ASP F 147 -0.84 -56.39 -37.45
C ASP F 147 -0.83 -55.33 -36.35
N HIS F 148 0.18 -54.45 -36.41
CA HIS F 148 0.54 -53.60 -35.30
C HIS F 148 1.08 -52.26 -35.80
N LEU F 149 0.57 -51.19 -35.20
CA LEU F 149 1.04 -49.83 -35.40
C LEU F 149 1.39 -49.18 -34.06
N VAL F 150 2.36 -48.26 -34.12
CA VAL F 150 2.74 -47.40 -33.01
C VAL F 150 2.23 -46.01 -33.34
N VAL F 151 1.46 -45.39 -32.44
CA VAL F 151 0.90 -44.07 -32.71
C VAL F 151 1.25 -43.13 -31.56
N GLU F 152 1.97 -42.05 -31.89
CA GLU F 152 2.20 -40.96 -30.95
C GLU F 152 1.15 -39.86 -31.14
N SER F 153 0.73 -39.29 -30.01
CA SER F 153 -0.19 -38.18 -29.99
C SER F 153 0.16 -37.28 -28.83
N ALA F 154 -0.30 -36.03 -28.89
CA ALA F 154 -0.38 -35.16 -27.74
C ALA F 154 -1.86 -35.01 -27.37
N GLU F 155 -2.15 -35.09 -26.08
CA GLU F 155 -3.51 -34.99 -25.58
C GLU F 155 -3.53 -33.96 -24.46
N LEU F 156 -4.38 -32.93 -24.62
CA LEU F 156 -4.59 -31.92 -23.61
C LEU F 156 -6.02 -32.12 -23.11
N LEU F 157 -6.20 -32.42 -21.83
CA LEU F 157 -7.54 -32.57 -21.28
C LEU F 157 -7.97 -31.27 -20.60
N PHE F 158 -9.12 -30.73 -21.02
CA PHE F 158 -9.73 -29.62 -20.29
C PHE F 158 -10.89 -30.15 -19.45
N ARG F 159 -10.98 -29.72 -18.18
CA ARG F 159 -12.00 -30.27 -17.29
C ARG F 159 -12.54 -29.19 -16.38
N SER F 160 -13.86 -29.20 -16.20
CA SER F 160 -14.60 -28.21 -15.45
C SER F 160 -15.71 -28.94 -14.72
N ARG F 161 -15.89 -28.69 -13.42
CA ARG F 161 -16.99 -29.30 -12.69
C ARG F 161 -17.61 -28.31 -11.69
N GLY F 162 -18.94 -28.24 -11.69
CA GLY F 162 -19.63 -27.33 -10.78
C GLY F 162 -19.57 -25.85 -11.21
N ASP F 163 -19.78 -24.95 -10.23
CA ASP F 163 -19.98 -23.54 -10.53
C ASP F 163 -19.12 -22.62 -9.67
N VAL F 164 -18.04 -23.15 -9.07
CA VAL F 164 -17.12 -22.33 -8.29
C VAL F 164 -15.69 -22.43 -8.81
N ASN F 165 -15.15 -23.65 -8.95
CA ASN F 165 -13.72 -23.83 -9.19
C ASN F 165 -13.37 -23.55 -10.64
N GLU F 166 -12.18 -22.94 -10.85
CA GLU F 166 -11.57 -22.85 -12.15
C GLU F 166 -11.41 -24.27 -12.71
N SER F 167 -11.22 -24.30 -14.03
CA SER F 167 -11.08 -25.54 -14.76
C SER F 167 -9.61 -25.95 -14.71
N ALA F 168 -9.32 -27.23 -14.95
CA ALA F 168 -7.97 -27.75 -14.90
C ALA F 168 -7.56 -28.17 -16.29
N LEU F 169 -6.28 -28.00 -16.60
CA LEU F 169 -5.67 -28.62 -17.77
C LEU F 169 -4.88 -29.85 -17.35
N VAL F 170 -4.75 -30.81 -18.25
CA VAL F 170 -3.79 -31.89 -18.09
C VAL F 170 -3.16 -32.07 -19.46
N SER F 171 -1.85 -31.88 -19.50
CA SER F 171 -1.07 -32.03 -20.72
C SER F 171 -0.29 -33.34 -20.64
N CYS F 172 -0.23 -34.07 -21.74
CA CYS F 172 0.53 -35.32 -21.81
C CYS F 172 0.90 -35.61 -23.26
N GLY F 173 1.85 -36.54 -23.40
CA GLY F 173 2.10 -37.29 -24.62
C GLY F 173 1.74 -38.75 -24.43
N ARG F 174 1.46 -39.42 -25.56
CA ARG F 174 1.11 -40.83 -25.60
C ARG F 174 1.96 -41.54 -26.64
N GLU F 175 2.43 -42.75 -26.29
CA GLU F 175 2.75 -43.78 -27.27
C GLU F 175 1.74 -44.91 -27.13
N ASP F 176 1.06 -45.21 -28.25
CA ASP F 176 0.08 -46.28 -28.31
C ASP F 176 0.58 -47.39 -29.24
N LEU F 177 0.15 -48.62 -28.93
CA LEU F 177 0.26 -49.77 -29.83
C LEU F 177 -1.15 -50.17 -30.26
N LEU F 178 -1.44 -50.08 -31.57
CA LEU F 178 -2.71 -50.52 -32.12
C LEU F 178 -2.55 -51.90 -32.75
N ARG F 179 -3.59 -52.72 -32.69
CA ARG F 179 -3.51 -54.07 -33.21
C ARG F 179 -4.79 -54.42 -33.95
N ARG F 180 -4.59 -55.02 -35.14
CA ARG F 180 -5.65 -55.36 -36.08
C ARG F 180 -6.33 -56.64 -35.61
N VAL F 181 -7.65 -56.60 -35.50
CA VAL F 181 -8.45 -57.72 -35.03
C VAL F 181 -9.79 -57.68 -35.78
N GLY F 182 -9.79 -58.17 -37.03
CA GLY F 182 -11.03 -58.14 -37.82
C GLY F 182 -11.11 -56.91 -38.70
N GLU F 184 -11.07 -54.24 -37.70
CA GLU F 184 -11.04 -53.15 -36.67
C GLU F 184 -9.68 -53.07 -35.97
N TRP F 185 -9.32 -51.84 -35.61
CA TRP F 185 -8.14 -51.59 -34.80
C TRP F 185 -8.53 -51.54 -33.33
N LYS F 186 -7.60 -51.94 -32.46
CA LYS F 186 -7.79 -51.88 -31.02
C LYS F 186 -6.49 -51.48 -30.29
N LEU F 187 -6.66 -51.09 -29.03
CA LEU F 187 -5.57 -50.56 -28.24
C LEU F 187 -4.93 -51.68 -27.43
N ALA F 188 -3.63 -51.88 -27.63
CA ALA F 188 -2.90 -52.96 -27.00
C ALA F 188 -1.92 -52.43 -25.97
N ARG F 189 -1.33 -51.26 -26.21
CA ARG F 189 -0.47 -50.63 -25.21
C ARG F 189 -0.70 -49.12 -25.23
N ARG F 190 -0.71 -48.51 -24.04
CA ARG F 190 -0.72 -47.06 -23.88
C ARG F 190 0.26 -46.66 -22.77
N THR F 191 1.20 -45.78 -23.14
CA THR F 191 2.13 -45.18 -22.21
C THR F 191 1.91 -43.67 -22.22
N ILE F 192 1.46 -43.11 -21.10
CA ILE F 192 1.13 -41.70 -21.02
C ILE F 192 2.28 -40.97 -20.34
N PHE F 193 2.78 -39.94 -20.99
CA PHE F 193 3.84 -39.13 -20.43
C PHE F 193 3.22 -37.84 -19.91
N VAL F 194 2.90 -37.80 -18.62
CA VAL F 194 2.21 -36.64 -18.06
C VAL F 194 3.23 -35.51 -17.91
N ASP F 195 2.84 -34.28 -18.22
CA ASP F 195 3.75 -33.16 -18.33
C ASP F 195 3.91 -32.43 -17.00
N GLU F 196 3.26 -32.93 -15.94
CA GLU F 196 3.36 -32.33 -14.62
C GLU F 196 3.91 -33.36 -13.63
N SER F 197 4.71 -32.87 -12.69
CA SER F 197 5.14 -33.67 -11.56
C SER F 197 3.99 -33.83 -10.56
N VAL F 198 3.59 -32.69 -9.98
CA VAL F 198 2.44 -32.59 -9.10
C VAL F 198 1.21 -32.30 -9.95
N MET F 199 0.18 -33.14 -9.81
CA MET F 199 -1.01 -32.99 -10.63
C MET F 199 -1.85 -31.90 -9.99
N ARG F 200 -2.65 -31.17 -10.77
CA ARG F 200 -3.47 -30.07 -10.24
C ARG F 200 -4.95 -30.38 -10.38
N MET F 201 -5.33 -31.64 -10.32
CA MET F 201 -6.70 -32.02 -10.56
C MET F 201 -7.20 -32.71 -9.32
N GLN F 202 -8.50 -32.58 -9.01
CA GLN F 202 -9.04 -33.16 -7.80
C GLN F 202 -8.79 -34.67 -7.73
N ASN F 203 -8.91 -35.37 -8.87
CA ASN F 203 -8.63 -36.79 -8.95
C ASN F 203 -8.27 -37.15 -10.39
N LEU F 204 -8.09 -38.45 -10.64
CA LEU F 204 -8.03 -38.98 -12.00
C LEU F 204 -9.13 -40.01 -12.21
N ALA F 205 -10.36 -39.60 -11.85
CA ALA F 205 -11.59 -40.30 -12.17
C ALA F 205 -12.01 -39.95 -13.60
N VAL F 206 -11.02 -40.04 -14.52
CA VAL F 206 -11.21 -39.89 -15.95
C VAL F 206 -10.27 -40.87 -16.62
N PHE F 207 -10.23 -40.82 -17.96
CA PHE F 207 -9.25 -41.56 -18.72
C PHE F 207 -8.57 -40.67 -19.77
N LEU F 208 -7.28 -40.95 -19.98
CA LEU F 208 -6.40 -40.24 -20.88
C LEU F 208 -5.93 -41.17 -22.01
N MET G 32 2.95 30.49 48.61
CA MET G 32 1.81 31.04 47.82
C MET G 32 0.62 31.32 48.73
N GLU G 33 0.20 30.31 49.49
CA GLU G 33 -0.66 30.48 50.66
C GLU G 33 0.09 31.29 51.72
N ASP G 34 1.42 31.19 51.68
CA ASP G 34 2.26 31.87 52.64
C ASP G 34 2.14 33.38 52.46
N ILE G 35 2.09 33.83 51.19
CA ILE G 35 2.07 35.24 50.85
C ILE G 35 0.78 35.85 51.37
N ARG G 36 -0.29 35.08 51.28
CA ARG G 36 -1.59 35.50 51.77
C ARG G 36 -1.62 35.61 53.30
N ARG G 37 -0.66 35.01 54.01
CA ARG G 37 -0.56 35.20 55.44
C ARG G 37 0.50 36.24 55.81
N GLY G 38 1.10 36.89 54.82
CA GLY G 38 2.06 37.96 55.07
C GLY G 38 3.47 37.42 55.33
N MET G 39 3.69 36.16 54.98
CA MET G 39 5.00 35.52 55.10
C MET G 39 5.56 35.37 53.70
N ILE G 40 6.78 35.91 53.45
CA ILE G 40 7.34 36.04 52.11
C ILE G 40 8.49 35.05 51.87
N PRO G 41 8.35 34.06 50.96
CA PRO G 41 9.44 33.11 50.74
C PRO G 41 10.61 33.95 50.22
N ALA G 42 11.78 33.81 50.88
CA ALA G 42 12.92 34.70 50.68
C ALA G 42 13.46 34.61 49.25
N HIS G 43 13.20 33.49 48.59
CA HIS G 43 13.83 33.21 47.31
C HIS G 43 13.10 33.94 46.16
N ILE G 44 12.01 34.67 46.41
CA ILE G 44 11.24 35.17 45.27
C ILE G 44 11.99 36.33 44.63
N TYR G 45 12.94 36.94 45.37
CA TYR G 45 13.67 38.08 44.85
C TYR G 45 14.93 37.69 44.07
N ASN G 46 15.22 36.41 43.85
CA ASN G 46 16.42 36.00 43.13
C ASN G 46 16.24 34.58 42.65
N ASP G 47 15.26 34.39 41.79
CA ASP G 47 14.90 33.05 41.37
C ASP G 47 14.51 33.09 39.90
N LYS G 48 15.28 32.35 39.11
CA LYS G 48 15.20 32.42 37.66
C LYS G 48 13.84 31.90 37.20
N GLU G 49 13.32 30.84 37.84
CA GLU G 49 12.03 30.32 37.43
C GLU G 49 10.91 31.31 37.77
N ILE G 50 10.94 31.93 38.95
CA ILE G 50 9.95 32.93 39.29
C ILE G 50 10.01 34.15 38.33
N PHE G 51 11.21 34.57 37.93
CA PHE G 51 11.33 35.65 36.96
C PHE G 51 10.68 35.25 35.62
N GLU G 52 10.94 34.03 35.14
CA GLU G 52 10.37 33.56 33.88
C GLU G 52 8.85 33.60 33.98
N ARG G 53 8.33 33.22 35.14
CA ARG G 53 6.92 33.13 35.36
C ARG G 53 6.29 34.53 35.40
N GLU G 54 6.94 35.46 36.12
CA GLU G 54 6.58 36.87 36.16
C GLU G 54 6.40 37.45 34.77
N LYS G 55 7.32 37.07 33.86
CA LYS G 55 7.36 37.61 32.51
C LYS G 55 6.11 37.20 31.73
N ALA G 56 5.65 35.97 31.96
CA ALA G 56 4.51 35.42 31.25
C ALA G 56 3.18 35.80 31.92
N THR G 57 3.25 36.41 33.11
CA THR G 57 2.07 36.80 33.86
C THR G 57 2.08 38.31 34.02
N VAL G 58 2.71 38.77 35.10
CA VAL G 58 2.78 40.18 35.51
C VAL G 58 3.03 41.08 34.30
N PHE G 59 4.09 40.80 33.53
CA PHE G 59 4.58 41.73 32.52
C PHE G 59 3.98 41.45 31.15
N SER G 60 3.07 40.47 31.09
CA SER G 60 2.25 40.15 29.93
C SER G 60 0.82 40.71 30.06
N ARG G 61 0.36 41.13 31.25
CA ARG G 61 -1.04 41.43 31.43
C ARG G 61 -1.29 42.77 32.12
N SER G 62 -0.19 43.43 32.56
CA SER G 62 -0.25 44.64 33.36
C SER G 62 -0.06 45.87 32.47
N TRP G 63 -0.72 46.96 32.83
CA TRP G 63 -0.34 48.26 32.28
C TRP G 63 1.02 48.65 32.86
N LEU G 64 1.96 48.94 31.93
CA LEU G 64 3.37 49.26 32.21
C LEU G 64 3.68 50.61 31.60
N PHE G 65 4.25 51.49 32.42
CA PHE G 65 4.58 52.84 32.02
C PHE G 65 5.78 52.88 31.07
N VAL G 66 5.71 53.73 30.03
CA VAL G 66 6.81 53.90 29.10
C VAL G 66 7.25 55.35 28.99
N ALA G 67 6.32 56.31 29.04
CA ALA G 67 6.68 57.71 28.85
C ALA G 67 5.52 58.68 29.08
N HIS G 68 5.86 59.98 29.19
CA HIS G 68 4.89 61.05 29.34
C HIS G 68 4.80 61.87 28.05
N GLU G 69 3.59 62.38 27.79
CA GLU G 69 3.25 63.16 26.62
C GLU G 69 4.22 64.32 26.50
N SER G 70 4.42 65.02 27.62
CA SER G 70 5.26 66.20 27.72
C SER G 70 6.70 65.96 27.25
N GLU G 71 7.08 64.70 27.00
CA GLU G 71 8.41 64.41 26.53
C GLU G 71 8.47 64.39 25.01
N VAL G 72 7.32 64.52 24.35
CA VAL G 72 7.28 64.60 22.90
C VAL G 72 6.26 65.68 22.53
N PRO G 73 6.56 66.97 22.81
CA PRO G 73 5.57 68.03 22.63
C PRO G 73 5.27 68.34 21.17
N GLN G 74 6.32 68.40 20.32
CA GLN G 74 6.19 68.84 18.93
C GLN G 74 5.87 67.66 18.05
N ALA G 75 5.35 67.93 16.85
CA ALA G 75 5.16 66.91 15.84
C ALA G 75 6.53 66.35 15.50
N GLY G 76 6.56 65.01 15.33
CA GLY G 76 7.76 64.30 14.91
C GLY G 76 8.68 63.95 16.08
N ASP G 77 8.35 64.48 17.27
CA ASP G 77 9.12 64.21 18.47
C ASP G 77 8.88 62.74 18.85
N TYR G 78 9.93 61.99 19.18
CA TYR G 78 9.75 60.60 19.58
C TYR G 78 10.73 60.26 20.69
N VAL G 79 10.34 59.32 21.54
CA VAL G 79 11.28 58.57 22.35
C VAL G 79 11.11 57.10 22.00
N VAL G 80 12.18 56.30 22.24
CA VAL G 80 12.13 54.85 22.12
C VAL G 80 12.23 54.23 23.51
N ARG G 81 11.15 53.58 23.95
CA ARG G 81 11.08 53.02 25.31
C ARG G 81 10.69 51.54 25.26
N ARG G 82 11.12 50.81 26.28
CA ARG G 82 11.02 49.36 26.27
C ARG G 82 10.01 48.89 27.29
N VAL G 83 9.29 47.84 26.91
CA VAL G 83 8.58 47.01 27.84
C VAL G 83 9.33 45.68 27.96
N LEU G 84 10.23 45.63 28.96
CA LEU G 84 11.17 44.54 29.18
C LEU G 84 12.20 44.55 28.05
N GLU G 85 12.02 43.71 27.04
CA GLU G 85 12.97 43.68 25.95
C GLU G 85 12.27 44.01 24.62
N ASP G 86 11.09 44.63 24.72
CA ASP G 86 10.35 44.99 23.54
C ASP G 86 10.57 46.48 23.36
N SER G 87 10.92 46.88 22.13
CA SER G 87 11.23 48.28 21.82
C SER G 87 10.04 48.95 21.15
N PHE G 88 9.60 50.07 21.74
CA PHE G 88 8.49 50.86 21.22
C PHE G 88 8.94 52.30 20.91
N ILE G 89 8.56 52.77 19.72
CA ILE G 89 8.61 54.18 19.40
C ILE G 89 7.35 54.84 19.95
N ILE G 90 7.50 55.75 20.93
CA ILE G 90 6.41 56.63 21.26
C ILE G 90 6.69 57.99 20.63
N SER G 91 5.80 58.39 19.71
CA SER G 91 5.99 59.60 18.92
C SER G 91 4.71 60.42 18.93
N ARG G 92 4.88 61.73 18.66
CA ARG G 92 3.78 62.62 18.38
C ARG G 92 3.61 62.82 16.87
N ASP G 93 2.37 62.54 16.39
CA ASP G 93 2.00 62.77 14.99
C ASP G 93 1.74 64.25 14.75
N SER G 94 1.40 64.56 13.50
CA SER G 94 1.33 65.94 13.05
C SER G 94 -0.10 66.47 13.13
N LYS G 95 -0.93 65.87 14.00
CA LYS G 95 -2.21 66.43 14.41
C LYS G 95 -2.28 66.60 15.92
N GLY G 96 -1.13 66.43 16.58
CA GLY G 96 -1.03 66.55 18.04
C GLY G 96 -1.22 65.21 18.74
N GLY G 97 -1.65 64.17 17.99
CA GLY G 97 -1.93 62.85 18.54
C GLY G 97 -0.66 62.13 19.01
N ILE G 98 -0.86 61.04 19.74
CA ILE G 98 0.23 60.24 20.28
C ILE G 98 0.08 58.77 19.91
N ARG G 99 1.22 58.17 19.52
CA ARG G 99 1.29 56.85 18.92
C ARG G 99 2.39 56.01 19.56
N ALA G 100 2.15 54.71 19.69
CA ALA G 100 3.20 53.80 20.06
C ALA G 100 3.25 52.67 19.03
N MET G 101 4.48 52.38 18.60
CA MET G 101 4.73 51.49 17.49
C MET G 101 5.87 50.57 17.89
N PHE G 102 5.64 49.27 17.71
CA PHE G 102 6.64 48.25 17.90
C PHE G 102 7.77 48.53 16.92
N ASN G 103 8.98 48.63 17.45
CA ASN G 103 10.10 49.22 16.73
C ASN G 103 10.72 48.19 15.81
N MET G 104 10.06 47.96 14.66
CA MET G 104 10.42 46.85 13.80
C MET G 104 9.84 47.05 12.40
N CYS G 105 10.71 47.20 11.40
CA CYS G 105 10.34 47.13 9.99
C CYS G 105 9.46 45.90 9.75
N LEU G 106 8.45 46.03 8.88
CA LEU G 106 7.54 44.94 8.58
C LEU G 106 8.19 43.83 7.73
N HIS G 107 9.35 44.12 7.10
CA HIS G 107 9.89 43.25 6.06
C HIS G 107 10.65 42.08 6.68
N ARG G 108 11.87 42.32 7.18
CA ARG G 108 12.66 41.29 7.83
C ARG G 108 13.09 41.78 9.22
N GLY G 109 12.30 42.65 9.84
CA GLY G 109 12.34 42.78 11.29
C GLY G 109 13.40 43.73 11.86
N MET G 110 14.15 44.45 11.02
CA MET G 110 15.20 45.33 11.52
C MET G 110 14.53 46.47 12.25
N GLN G 111 15.14 46.92 13.33
CA GLN G 111 14.58 48.05 14.05
C GLN G 111 14.74 49.29 13.17
N VAL G 112 13.67 50.07 13.14
CA VAL G 112 13.42 51.11 12.18
C VAL G 112 13.91 52.43 12.76
N CYS G 113 14.17 52.42 14.06
CA CYS G 113 14.62 53.62 14.72
C CYS G 113 15.56 53.26 15.87
N ARG G 114 16.84 53.54 15.69
CA ARG G 114 17.92 53.03 16.51
C ARG G 114 18.50 54.13 17.40
N ALA G 115 17.80 55.26 17.56
CA ALA G 115 18.21 56.22 18.56
C ALA G 115 17.20 56.21 19.71
N GLU G 116 17.55 56.84 20.84
CA GLU G 116 16.73 56.81 22.06
C GLU G 116 15.63 57.85 21.98
N MET G 117 15.98 59.00 21.37
CA MET G 117 15.03 60.06 21.08
C MET G 117 15.51 60.88 19.90
N GLY G 118 14.60 61.71 19.38
CA GLY G 118 14.90 62.64 18.30
C GLY G 118 13.63 63.18 17.68
N ASN G 119 13.77 63.83 16.52
CA ASN G 119 12.62 64.31 15.78
C ASN G 119 12.74 63.88 14.31
N ALA G 120 11.78 63.12 13.83
CA ALA G 120 11.75 62.68 12.44
C ALA G 120 10.30 62.47 12.02
N SER G 121 9.98 62.83 10.77
CA SER G 121 8.62 62.71 10.28
C SER G 121 8.45 61.38 9.55
N ASN G 122 9.53 60.58 9.49
CA ASN G 122 9.50 59.32 8.79
C ASN G 122 10.76 58.54 9.17
N PHE G 123 10.71 57.21 8.95
CA PHE G 123 11.78 56.32 9.35
C PHE G 123 12.07 55.42 8.16
N ARG G 124 13.30 55.48 7.64
CA ARG G 124 13.76 54.60 6.57
C ARG G 124 14.41 53.39 7.25
N CYS G 125 14.07 52.19 6.78
CA CYS G 125 14.79 51.00 7.20
C CYS G 125 16.04 50.85 6.34
N PRO G 126 17.24 50.77 6.95
CA PRO G 126 18.48 50.70 6.16
C PRO G 126 18.79 49.34 5.53
N TYR G 127 18.07 48.27 5.89
CA TYR G 127 18.35 46.97 5.30
C TYR G 127 17.90 47.02 3.83
N HIS G 128 16.59 47.22 3.60
CA HIS G 128 16.04 47.22 2.25
C HIS G 128 15.23 48.49 1.91
N GLY G 129 15.27 49.52 2.79
CA GLY G 129 14.81 50.86 2.43
C GLY G 129 13.30 51.04 2.42
N TRP G 130 12.56 50.15 3.09
CA TRP G 130 11.15 50.40 3.33
C TRP G 130 11.06 51.62 4.24
N SER G 131 9.98 52.41 4.08
CA SER G 131 9.92 53.66 4.80
C SER G 131 8.53 53.81 5.40
N TYR G 132 8.45 54.62 6.46
CA TYR G 132 7.24 54.71 7.25
C TYR G 132 7.07 56.15 7.71
N ARG G 133 5.81 56.57 7.76
CA ARG G 133 5.45 57.86 8.32
C ARG G 133 5.61 57.72 9.83
N ASN G 134 5.76 58.81 10.57
CA ASN G 134 6.01 58.67 12.00
C ASN G 134 4.73 58.28 12.73
N ASP G 135 3.57 58.31 12.08
CA ASP G 135 2.35 57.79 12.67
C ASP G 135 2.25 56.28 12.42
N GLY G 136 3.19 55.73 11.64
CA GLY G 136 3.36 54.29 11.50
C GLY G 136 3.07 53.75 10.09
N ARG G 137 2.35 54.51 9.26
CA ARG G 137 1.89 54.05 7.96
C ARG G 137 3.06 53.89 7.02
N ILE G 138 3.04 52.80 6.26
CA ILE G 138 4.08 52.54 5.30
C ILE G 138 3.97 53.56 4.16
N ILE G 139 5.11 53.96 3.62
CA ILE G 139 5.12 54.81 2.44
C ILE G 139 5.75 53.96 1.33
N GLY G 140 7.09 53.88 1.36
CA GLY G 140 7.85 53.20 0.33
C GLY G 140 8.02 51.72 0.65
N LEU G 141 7.69 50.92 -0.36
CA LEU G 141 8.04 49.50 -0.40
C LEU G 141 8.64 49.20 -1.77
N PRO G 142 9.98 49.27 -1.91
CA PRO G 142 10.63 49.17 -3.22
C PRO G 142 10.31 47.87 -3.99
N PHE G 143 10.03 48.02 -5.29
CA PHE G 143 9.82 46.88 -6.17
C PHE G 143 8.67 46.01 -5.66
N HIS G 144 7.69 46.61 -4.97
CA HIS G 144 6.44 45.96 -4.61
C HIS G 144 5.79 45.32 -5.85
N GLU G 145 5.61 46.10 -6.90
CA GLU G 145 4.99 45.57 -8.12
C GLU G 145 5.88 44.49 -8.74
N GLU G 146 7.10 44.86 -9.13
CA GLU G 146 7.93 44.01 -9.97
C GLU G 146 8.27 42.72 -9.22
N ALA G 147 8.52 42.83 -7.90
CA ALA G 147 9.21 41.78 -7.17
C ALA G 147 8.27 40.94 -6.30
N TYR G 148 7.42 41.59 -5.51
CA TYR G 148 6.38 40.89 -4.76
C TYR G 148 5.20 40.46 -5.67
N GLY G 149 4.88 41.21 -6.73
CA GLY G 149 3.73 40.89 -7.55
C GLY G 149 2.48 41.59 -7.04
N GLY G 150 2.69 42.79 -6.48
CA GLY G 150 1.63 43.64 -6.02
C GLY G 150 1.01 43.19 -4.70
N GLU G 151 -0.25 43.60 -4.49
CA GLU G 151 -1.00 43.40 -3.25
C GLU G 151 -1.22 41.91 -2.98
N GLU G 152 -1.29 41.11 -4.05
CA GLU G 152 -1.57 39.68 -3.94
C GLU G 152 -0.36 39.00 -3.27
N GLY G 153 0.84 39.51 -3.55
CA GLY G 153 2.07 38.95 -3.01
C GLY G 153 2.35 39.46 -1.61
N PHE G 154 2.05 40.74 -1.33
CA PHE G 154 2.23 41.32 -0.02
C PHE G 154 1.31 42.53 0.11
N LYS G 155 0.62 42.62 1.26
CA LYS G 155 -0.37 43.66 1.47
C LYS G 155 0.31 44.92 1.98
N LYS G 156 0.33 45.97 1.14
CA LYS G 156 0.90 47.27 1.46
C LYS G 156 -0.24 48.18 1.89
N LYS G 157 -1.41 47.94 1.29
CA LYS G 157 -2.55 48.84 1.37
C LYS G 157 -2.86 49.04 2.85
N GLY G 158 -2.74 50.28 3.34
CA GLY G 158 -3.11 50.59 4.71
C GLY G 158 -2.33 49.79 5.78
N GLN G 159 -1.08 49.42 5.49
CA GLN G 159 -0.22 48.79 6.49
C GLN G 159 0.47 49.84 7.34
N THR G 160 0.85 49.40 8.54
CA THR G 160 1.55 50.27 9.48
C THR G 160 2.54 49.46 10.30
N LEU G 161 3.60 50.10 10.77
CA LEU G 161 4.30 49.51 11.88
C LEU G 161 3.23 49.00 12.86
N LEU G 162 3.56 47.88 13.52
CA LEU G 162 2.64 47.17 14.39
C LEU G 162 2.30 48.04 15.59
N PRO G 163 1.01 48.20 15.95
CA PRO G 163 0.63 48.98 17.13
C PRO G 163 1.04 48.19 18.37
N ALA G 164 1.27 48.92 19.46
CA ALA G 164 1.28 48.31 20.79
C ALA G 164 0.07 47.38 20.94
N PRO G 165 0.19 46.19 21.59
CA PRO G 165 -0.98 45.34 21.78
C PRO G 165 -2.10 46.15 22.44
N ASN G 166 -1.71 47.13 23.24
CA ASN G 166 -2.66 47.93 23.98
C ASN G 166 -1.97 49.20 24.51
N LEU G 167 -2.63 50.33 24.25
CA LEU G 167 -2.07 51.63 24.50
C LEU G 167 -3.14 52.50 25.12
N ASP G 168 -2.78 53.26 26.14
CA ASP G 168 -3.73 54.08 26.86
C ASP G 168 -2.89 55.07 27.66
N SER G 169 -3.57 56.07 28.25
CA SER G 169 -2.86 57.04 29.04
C SER G 169 -3.82 57.69 30.01
N TYR G 170 -3.19 58.39 30.98
CA TYR G 170 -3.90 59.05 32.06
C TYR G 170 -2.95 60.10 32.63
N ASN G 171 -3.48 61.33 32.76
CA ASN G 171 -2.75 62.55 33.05
C ASN G 171 -1.48 62.67 32.22
N GLY G 172 -1.50 62.18 31.00
CA GLY G 172 -0.33 62.41 30.18
C GLY G 172 0.69 61.31 30.35
N MET G 173 0.39 60.35 31.23
CA MET G 173 1.30 59.25 31.41
C MET G 173 0.82 58.08 30.57
N ILE G 174 1.71 57.58 29.72
CA ILE G 174 1.39 56.67 28.61
C ILE G 174 1.80 55.26 29.02
N PHE G 175 0.84 54.36 28.98
CA PHE G 175 1.10 52.98 29.36
C PHE G 175 0.98 52.05 28.17
N ILE G 176 1.72 50.94 28.21
CA ILE G 176 1.43 49.85 27.31
C ILE G 176 1.01 48.61 28.12
N ASN G 177 0.08 47.83 27.56
CA ASN G 177 -0.26 46.50 28.07
C ASN G 177 -0.05 45.48 26.95
N MET G 178 0.60 44.33 27.24
CA MET G 178 0.85 43.34 26.19
C MET G 178 -0.35 42.43 25.95
N ASP G 179 -1.35 42.45 26.85
CA ASP G 179 -2.56 41.68 26.67
C ASP G 179 -3.46 42.48 25.73
N PRO G 180 -3.77 41.99 24.51
CA PRO G 180 -4.70 42.68 23.62
C PRO G 180 -6.11 42.75 24.18
N ASN G 181 -6.41 42.01 25.28
CA ASN G 181 -7.75 42.03 25.87
C ASN G 181 -7.77 42.58 27.29
N ALA G 182 -6.69 43.26 27.71
CA ALA G 182 -6.68 43.98 28.96
C ALA G 182 -7.91 44.86 29.10
N GLU G 183 -8.33 45.13 30.33
CA GLU G 183 -9.26 46.21 30.62
C GLU G 183 -8.54 47.52 30.39
N SER G 184 -9.29 48.61 30.38
CA SER G 184 -8.72 49.89 30.03
C SER G 184 -7.85 50.36 31.18
N LEU G 185 -7.02 51.37 30.94
CA LEU G 185 -6.12 51.85 31.96
C LEU G 185 -6.91 52.50 33.08
N SER G 186 -8.05 53.11 32.72
CA SER G 186 -8.91 53.74 33.71
C SER G 186 -9.54 52.68 34.63
N ASP G 187 -10.00 51.56 34.06
CA ASP G 187 -10.71 50.56 34.85
C ASP G 187 -9.71 49.93 35.80
N TYR G 188 -8.48 49.73 35.29
CA TYR G 188 -7.37 49.17 36.05
C TYR G 188 -7.06 50.07 37.25
N LEU G 189 -6.70 51.33 36.98
CA LEU G 189 -6.20 52.22 38.00
C LEU G 189 -7.28 52.46 39.07
N GLY G 190 -8.54 52.34 38.69
CA GLY G 190 -9.63 52.36 39.66
C GLY G 190 -9.61 53.62 40.51
N ASP G 191 -9.76 53.44 41.84
CA ASP G 191 -9.82 54.55 42.77
C ASP G 191 -8.47 55.28 42.86
N PHE G 192 -7.39 54.60 42.44
CA PHE G 192 -6.05 55.10 42.65
C PHE G 192 -5.81 56.42 41.91
N LYS G 193 -6.51 56.66 40.79
CA LYS G 193 -6.40 57.91 40.02
C LYS G 193 -6.56 59.13 40.92
N PHE G 194 -7.34 59.01 42.01
CA PHE G 194 -7.53 60.05 43.02
C PHE G 194 -6.18 60.53 43.53
N TYR G 195 -5.31 59.60 43.95
CA TYR G 195 -4.03 59.95 44.53
C TYR G 195 -3.09 60.31 43.38
N LEU G 196 -3.27 59.65 42.23
CA LEU G 196 -2.32 59.83 41.15
C LEU G 196 -2.31 61.30 40.76
N ASP G 197 -3.49 61.91 40.88
CA ASP G 197 -3.73 63.27 40.44
C ASP G 197 -2.82 64.24 41.20
N TYR G 198 -2.47 63.89 42.45
CA TYR G 198 -1.68 64.81 43.27
C TYR G 198 -0.31 64.95 42.64
N TYR G 199 0.23 63.84 42.12
CA TYR G 199 1.59 63.79 41.61
C TYR G 199 1.62 64.30 40.16
N THR G 200 0.48 64.25 39.47
CA THR G 200 0.50 64.38 38.02
C THR G 200 -0.49 65.38 37.43
N LYS G 201 -1.41 65.95 38.21
CA LYS G 201 -2.38 66.88 37.66
C LYS G 201 -2.56 68.03 38.63
N GLN G 202 -1.71 69.05 38.53
CA GLN G 202 -1.70 70.15 39.50
C GLN G 202 -2.26 71.43 38.87
N SER G 203 -2.61 71.35 37.59
CA SER G 203 -3.08 72.49 36.83
C SER G 203 -3.86 71.99 35.62
N GLU G 204 -4.51 72.93 34.95
CA GLU G 204 -5.15 72.61 33.69
C GLU G 204 -4.11 72.63 32.58
N SER G 205 -2.88 73.05 32.90
CA SER G 205 -1.77 73.07 31.96
C SER G 205 -1.14 71.70 31.76
N GLY G 206 -1.21 70.84 32.80
CA GLY G 206 -0.68 69.48 32.75
C GLY G 206 0.72 69.38 33.33
N LEU G 207 1.37 68.23 33.13
CA LEU G 207 2.65 67.94 33.76
C LEU G 207 3.77 68.15 32.74
N GLU G 208 4.94 68.56 33.23
CA GLU G 208 6.18 68.51 32.46
C GLU G 208 7.11 67.49 33.11
N VAL G 209 7.56 66.48 32.32
CA VAL G 209 8.48 65.49 32.87
C VAL G 209 9.75 65.49 32.03
N ARG G 210 10.88 65.33 32.70
CA ARG G 210 12.19 65.35 32.09
C ARG G 210 12.95 64.08 32.46
N GLY G 211 13.86 63.66 31.59
CA GLY G 211 14.70 62.51 31.87
C GLY G 211 14.56 61.42 30.81
N PRO G 212 14.69 60.13 31.19
CA PRO G 212 15.10 59.75 32.55
C PRO G 212 16.60 59.60 32.71
N GLN G 213 17.08 59.62 33.96
CA GLN G 213 18.36 59.00 34.29
C GLN G 213 18.19 57.48 34.27
N ARG G 214 19.19 56.79 33.76
CA ARG G 214 19.06 55.34 33.64
C ARG G 214 20.33 54.69 34.15
N TRP G 215 20.19 53.73 35.07
CA TRP G 215 21.32 52.95 35.53
C TRP G 215 20.84 51.59 36.03
N ARG G 216 21.81 50.67 36.05
CA ARG G 216 21.53 49.27 36.36
C ARG G 216 21.93 49.05 37.80
N VAL G 217 21.05 48.40 38.58
CA VAL G 217 21.33 48.01 39.94
C VAL G 217 21.10 46.50 40.04
N LYS G 218 21.88 45.83 40.88
CA LYS G 218 21.74 44.40 41.11
C LYS G 218 20.70 44.13 42.21
N ALA G 219 19.42 44.47 41.93
CA ALA G 219 18.35 44.27 42.89
C ALA G 219 17.11 43.76 42.15
N ASN G 220 16.28 42.96 42.83
CA ASN G 220 15.07 42.47 42.19
C ASN G 220 14.08 43.62 42.05
N TRP G 221 13.39 43.70 40.91
CA TRP G 221 12.52 44.83 40.64
C TRP G 221 11.49 45.08 41.75
N LYS G 222 11.10 43.98 42.42
CA LYS G 222 9.98 43.98 43.34
C LYS G 222 10.30 44.85 44.55
N ILE G 223 11.58 44.86 44.97
CA ILE G 223 11.92 45.36 46.30
C ILE G 223 11.66 46.86 46.36
N GLY G 224 12.18 47.58 45.38
CA GLY G 224 11.89 49.01 45.28
C GLY G 224 10.39 49.30 45.24
N ALA G 225 9.64 48.53 44.41
CA ALA G 225 8.20 48.77 44.27
C ALA G 225 7.55 48.73 45.65
N GLU G 226 7.90 47.71 46.45
CA GLU G 226 7.44 47.53 47.82
C GLU G 226 7.82 48.71 48.71
N ASN G 227 9.09 49.09 48.69
CA ASN G 227 9.58 50.17 49.52
C ASN G 227 8.77 51.45 49.29
N PHE G 228 8.49 51.81 48.04
CA PHE G 228 7.74 53.04 47.75
C PHE G 228 6.24 52.91 48.02
N ALA G 229 5.75 51.67 48.01
CA ALA G 229 4.33 51.39 48.26
C ALA G 229 3.95 51.78 49.69
N GLY G 230 4.72 51.37 50.70
CA GLY G 230 4.31 51.70 52.05
C GLY G 230 5.37 51.51 53.14
N ASP G 231 6.66 51.71 52.81
CA ASP G 231 7.72 51.58 53.80
C ASP G 231 8.12 52.97 54.32
N MET G 232 7.42 53.42 55.37
CA MET G 232 7.81 54.57 56.14
C MET G 232 8.90 54.18 57.13
N TYR G 233 8.78 52.96 57.69
CA TYR G 233 9.64 52.44 58.75
C TYR G 233 11.13 52.65 58.45
N HIS G 234 11.57 52.50 57.20
CA HIS G 234 12.98 52.53 56.89
C HIS G 234 13.58 53.93 57.11
N THR G 235 12.77 54.99 56.94
CA THR G 235 13.28 56.35 56.72
C THR G 235 14.29 56.73 57.80
N PRO G 236 13.91 56.76 59.09
CA PRO G 236 14.82 57.22 60.14
C PRO G 236 16.22 56.63 60.05
N GLN G 237 16.28 55.32 59.85
CA GLN G 237 17.53 54.58 59.91
C GLN G 237 18.34 54.75 58.63
N THR G 238 17.71 54.53 57.49
CA THR G 238 18.42 54.58 56.23
C THR G 238 18.96 55.99 55.95
N HIS G 239 18.11 56.99 56.17
CA HIS G 239 18.35 58.34 55.67
C HIS G 239 18.84 59.31 56.77
N THR G 240 19.25 58.85 57.96
CA THR G 240 19.76 59.79 58.97
C THR G 240 20.72 60.79 58.33
N SER G 241 21.71 60.28 57.59
CA SER G 241 22.73 61.09 56.94
C SER G 241 22.12 62.37 56.38
N VAL G 242 20.89 62.25 55.88
CA VAL G 242 20.33 63.34 55.09
C VAL G 242 19.67 64.35 56.03
N VAL G 243 19.18 63.86 57.17
CA VAL G 243 18.70 64.74 58.23
C VAL G 243 19.89 65.49 58.83
N GLU G 244 20.94 64.74 59.21
CA GLU G 244 22.12 65.26 59.88
C GLU G 244 22.77 66.42 59.13
N ILE G 245 22.84 66.37 57.80
CA ILE G 245 23.53 67.41 57.05
C ILE G 245 22.63 68.63 56.85
N GLY G 246 21.41 68.59 57.43
CA GLY G 246 20.60 69.79 57.63
C GLY G 246 19.66 70.09 56.45
N LEU G 247 19.50 69.12 55.57
CA LEU G 247 18.78 69.31 54.33
C LEU G 247 17.28 69.40 54.58
N PHE G 248 16.80 69.06 55.79
CA PHE G 248 15.36 69.08 56.10
C PHE G 248 15.01 69.88 57.37
N ARG G 249 13.84 70.52 57.39
CA ARG G 249 13.51 71.60 58.32
C ARG G 249 13.52 71.14 59.79
N LYS G 255 6.50 61.85 64.62
CA LYS G 255 5.83 62.66 63.56
C LYS G 255 5.84 61.85 62.25
N ARG G 256 6.89 61.05 62.00
CA ARG G 256 6.96 60.24 60.79
C ARG G 256 5.85 59.19 60.87
N LYS G 257 5.74 58.54 62.05
CA LYS G 257 4.76 57.50 62.29
C LYS G 257 3.35 58.05 62.11
N ASP G 258 3.20 59.36 62.30
CA ASP G 258 1.89 60.00 62.27
C ASP G 258 1.30 59.96 60.88
N GLY G 259 2.15 59.93 59.85
CA GLY G 259 1.72 59.89 58.46
C GLY G 259 0.71 58.77 58.21
N ALA G 260 -0.14 58.98 57.20
CA ALA G 260 -1.14 57.99 56.84
C ALA G 260 -0.57 57.11 55.73
N THR G 261 -0.86 55.79 55.80
CA THR G 261 -0.55 54.92 54.67
C THR G 261 -1.89 54.47 54.08
N TYR G 262 -2.02 54.55 52.76
CA TYR G 262 -3.29 54.36 52.09
C TYR G 262 -3.13 53.37 50.94
N TRP G 263 -4.21 52.62 50.63
CA TRP G 263 -4.29 51.76 49.46
C TRP G 263 -5.64 51.86 48.76
N ALA G 264 -5.59 52.00 47.43
CA ALA G 264 -6.79 52.01 46.62
C ALA G 264 -6.45 51.41 45.26
N GLY G 265 -7.38 50.61 44.72
CA GLY G 265 -7.18 49.91 43.46
C GLY G 265 -5.86 49.13 43.44
N PRO G 266 -5.05 49.30 42.37
CA PRO G 266 -3.78 48.58 42.24
C PRO G 266 -2.54 49.26 42.80
N GLY G 267 -2.73 50.31 43.59
CA GLY G 267 -1.64 51.10 44.14
C GLY G 267 -1.86 51.50 45.60
N GLY G 268 -0.75 51.79 46.27
CA GLY G 268 -0.83 52.40 47.57
C GLY G 268 0.35 53.33 47.78
N GLY G 269 0.38 53.96 48.95
CA GLY G 269 1.29 55.06 49.15
C GLY G 269 1.40 55.51 50.59
N THR G 270 2.33 56.43 50.78
CA THR G 270 2.71 56.94 52.05
C THR G 270 2.43 58.45 52.04
N THR G 271 2.21 59.04 53.23
CA THR G 271 2.00 60.48 53.37
C THR G 271 2.61 61.05 54.64
N TYR G 272 2.87 62.36 54.63
CA TYR G 272 3.27 63.08 55.83
C TYR G 272 2.07 63.77 56.46
N LYS G 273 2.02 63.76 57.80
CA LYS G 273 1.06 64.57 58.54
C LYS G 273 1.62 65.99 58.58
N LEU G 274 0.77 66.99 58.28
CA LEU G 274 1.20 68.38 58.32
C LEU G 274 0.58 69.02 59.55
N PRO G 275 1.21 70.09 60.14
CA PRO G 275 0.61 70.89 61.20
C PRO G 275 -0.73 71.49 60.78
N ASP G 276 -1.54 71.85 61.80
CA ASP G 276 -2.89 72.37 61.61
C ASP G 276 -2.80 73.57 60.65
N GLY G 277 -3.86 73.71 59.85
CA GLY G 277 -3.86 74.71 58.81
C GLY G 277 -5.01 74.44 57.85
N THR G 278 -5.20 75.40 56.96
CA THR G 278 -6.15 75.25 55.87
C THR G 278 -5.46 74.63 54.66
N PHE G 279 -6.25 74.43 53.59
CA PHE G 279 -5.72 73.94 52.35
C PHE G 279 -4.57 74.82 51.88
N ASP G 280 -4.73 76.16 51.90
CA ASP G 280 -3.69 77.05 51.40
C ASP G 280 -2.49 77.13 52.36
N GLU G 281 -2.75 77.13 53.66
CA GLU G 281 -1.68 77.13 54.65
C GLU G 281 -0.83 75.86 54.52
N ARG G 282 -1.48 74.72 54.25
CA ARG G 282 -0.75 73.45 54.24
C ARG G 282 0.02 73.30 52.93
N MET G 283 -0.62 73.63 51.81
CA MET G 283 0.07 73.66 50.51
C MET G 283 1.29 74.58 50.60
N GLN G 284 1.15 75.75 51.24
CA GLN G 284 2.24 76.71 51.35
C GLN G 284 3.34 76.21 52.30
N TYR G 285 2.92 75.57 53.39
CA TYR G 285 3.86 75.06 54.37
C TYR G 285 4.81 74.04 53.76
N VAL G 286 4.42 73.52 52.60
CA VAL G 286 5.15 72.46 51.92
C VAL G 286 5.92 73.01 50.71
N GLY G 287 5.69 74.30 50.36
CA GLY G 287 6.51 75.03 49.39
C GLY G 287 5.79 75.36 48.07
N TYR G 288 4.49 75.08 47.97
CA TYR G 288 3.76 75.56 46.80
C TYR G 288 3.55 77.06 46.97
N THR G 289 3.68 77.81 45.86
CA THR G 289 3.29 79.23 45.82
C THR G 289 1.76 79.32 45.89
N ALA G 290 1.22 80.53 46.05
CA ALA G 290 -0.22 80.69 46.26
C ALA G 290 -0.97 80.54 44.95
N GLU G 291 -0.35 80.93 43.82
CA GLU G 291 -1.04 80.83 42.55
C GLU G 291 -0.98 79.38 42.10
N MET G 292 0.02 78.63 42.62
CA MET G 292 0.10 77.19 42.35
C MET G 292 -0.99 76.48 43.14
N THR G 293 -1.02 76.76 44.44
CA THR G 293 -2.11 76.35 45.29
C THR G 293 -3.45 76.63 44.62
N ASP G 294 -3.60 77.83 44.04
CA ASP G 294 -4.85 78.23 43.42
C ASP G 294 -5.14 77.33 42.23
N ARG G 295 -4.13 77.12 41.37
CA ARG G 295 -4.31 76.38 40.14
C ARG G 295 -4.70 74.93 40.45
N ALA G 296 -4.18 74.45 41.61
CA ALA G 296 -4.43 73.11 42.10
C ALA G 296 -5.92 72.88 42.36
N LYS G 297 -6.57 73.94 42.85
CA LYS G 297 -7.97 73.86 43.29
C LYS G 297 -8.92 73.84 42.10
N GLU G 298 -8.46 74.34 40.97
CA GLU G 298 -9.22 74.25 39.73
C GLU G 298 -9.40 72.79 39.28
N VAL G 299 -8.49 71.89 39.66
CA VAL G 299 -8.45 70.55 39.09
C VAL G 299 -8.64 69.49 40.16
N TRP G 300 -8.42 69.79 41.44
CA TRP G 300 -8.71 68.82 42.48
C TRP G 300 -10.13 69.03 43.00
N SER G 301 -10.81 67.91 43.22
CA SER G 301 -12.18 67.88 43.72
C SER G 301 -12.15 68.28 45.19
N ASP G 302 -13.36 68.50 45.75
CA ASP G 302 -13.51 68.88 47.15
C ASP G 302 -12.88 67.80 48.02
N GLU G 303 -13.19 66.53 47.67
CA GLU G 303 -12.68 65.35 48.34
C GLU G 303 -11.15 65.35 48.31
N GLN G 304 -10.57 65.62 47.12
CA GLN G 304 -9.13 65.58 46.96
C GLN G 304 -8.47 66.66 47.80
N GLN G 305 -9.17 67.79 47.94
CA GLN G 305 -8.69 68.91 48.74
C GLN G 305 -8.76 68.59 50.22
N ARG G 306 -9.81 67.87 50.63
CA ARG G 306 -10.03 67.59 52.04
C ARG G 306 -8.88 66.75 52.61
N VAL G 307 -8.34 65.80 51.86
CA VAL G 307 -7.26 64.99 52.38
C VAL G 307 -6.10 65.89 52.83
N ILE G 308 -5.74 66.90 52.04
CA ILE G 308 -4.68 67.80 52.44
C ILE G 308 -5.26 68.84 53.41
N GLY G 309 -6.47 69.34 53.11
CA GLY G 309 -7.00 70.51 53.80
C GLY G 309 -7.41 70.18 55.23
N ALA G 310 -8.22 69.14 55.37
CA ALA G 310 -8.91 68.79 56.60
C ALA G 310 -8.10 67.73 57.34
N ASP G 311 -7.77 66.64 56.61
CA ASP G 311 -7.09 65.48 57.17
C ASP G 311 -5.61 65.80 57.42
N GLY G 312 -5.02 66.65 56.55
CA GLY G 312 -3.65 67.09 56.70
C GLY G 312 -2.65 65.99 56.33
N PHE G 313 -2.98 65.21 55.29
CA PHE G 313 -2.08 64.20 54.76
C PHE G 313 -1.60 64.61 53.36
N MET G 314 -0.28 64.80 53.23
CA MET G 314 0.36 65.22 51.99
C MET G 314 1.13 64.03 51.42
N ILE G 315 0.91 63.73 50.14
CA ILE G 315 1.58 62.61 49.48
C ILE G 315 3.10 62.60 49.76
N SER G 316 3.65 61.42 50.06
CA SER G 316 5.08 61.19 49.97
C SER G 316 5.39 60.23 48.80
N ALA G 317 5.47 58.93 49.10
CA ALA G 317 5.81 57.91 48.11
C ALA G 317 4.54 57.13 47.76
N ALA G 318 4.61 56.44 46.62
CA ALA G 318 3.55 55.54 46.18
C ALA G 318 4.08 54.59 45.10
N SER G 319 3.51 53.37 45.08
CA SER G 319 3.78 52.46 43.97
C SER G 319 2.44 52.16 43.30
N VAL G 320 2.51 51.87 42.00
CA VAL G 320 1.42 51.25 41.30
C VAL G 320 1.88 49.88 40.85
N PHE G 321 1.01 48.88 41.03
CA PHE G 321 1.36 47.56 40.58
C PHE G 321 1.66 47.59 39.06
N PRO G 322 2.73 46.94 38.58
CA PRO G 322 3.79 46.36 39.40
C PRO G 322 5.10 47.11 39.56
N ASN G 323 5.47 47.98 38.62
CA ASN G 323 6.82 48.53 38.68
C ASN G 323 6.89 50.04 38.45
N LEU G 324 5.80 50.77 38.78
CA LEU G 324 5.79 52.22 38.71
C LEU G 324 5.80 52.78 40.13
N SER G 325 6.62 53.83 40.35
CA SER G 325 6.73 54.47 41.64
C SER G 325 6.96 55.97 41.51
N PHE G 326 6.52 56.68 42.57
CA PHE G 326 6.45 58.13 42.71
C PHE G 326 7.02 58.51 44.06
N VAL G 327 7.72 59.64 44.12
CA VAL G 327 8.09 60.23 45.39
C VAL G 327 7.99 61.75 45.32
N HIS G 328 7.52 62.32 46.41
CA HIS G 328 7.20 63.72 46.55
C HIS G 328 7.72 64.16 47.91
N ASN G 329 8.65 65.12 47.91
CA ASN G 329 9.28 65.54 49.13
C ASN G 329 9.64 67.02 49.03
N TRP G 330 9.84 67.67 50.18
CA TRP G 330 10.09 69.10 50.19
C TRP G 330 11.27 69.43 51.10
N PRO G 331 12.51 69.30 50.61
CA PRO G 331 13.69 69.67 51.38
C PRO G 331 13.86 71.18 51.45
N LYS G 332 14.63 71.62 52.45
CA LYS G 332 15.06 73.00 52.58
C LYS G 332 15.80 73.46 51.32
N VAL G 333 15.67 74.77 51.03
CA VAL G 333 16.26 75.39 49.87
C VAL G 333 17.68 75.80 50.22
N GLU G 334 18.50 75.98 49.19
CA GLU G 334 19.89 76.38 49.33
C GLU G 334 19.99 77.59 50.25
N ASP G 335 19.61 78.78 49.75
CA ASP G 335 19.86 80.02 50.47
C ASP G 335 18.67 80.37 51.37
N GLY G 336 18.66 79.71 52.55
CA GLY G 336 17.78 80.09 53.64
C GLY G 336 17.02 78.90 54.22
N ASP G 337 15.83 79.17 54.77
CA ASP G 337 15.12 78.21 55.58
C ASP G 337 13.71 77.88 55.07
N ASP G 338 13.39 78.34 53.85
CA ASP G 338 12.17 77.91 53.19
C ASP G 338 12.33 76.49 52.65
N VAL G 339 11.19 75.90 52.28
CA VAL G 339 11.18 74.57 51.68
C VAL G 339 10.50 74.62 50.32
N LEU G 340 10.86 73.69 49.43
CA LEU G 340 10.29 73.64 48.10
C LEU G 340 10.25 72.19 47.61
N PRO G 341 9.06 71.75 47.12
CA PRO G 341 8.83 70.35 46.74
C PRO G 341 9.39 69.93 45.36
N PHE G 342 9.71 68.64 45.23
CA PHE G 342 10.01 68.02 43.95
C PHE G 342 9.23 66.70 43.82
N ILE G 343 8.98 66.29 42.57
CA ILE G 343 8.30 65.06 42.28
C ILE G 343 9.23 64.20 41.46
N SER G 344 9.25 62.89 41.71
CA SER G 344 9.97 61.98 40.85
C SER G 344 9.01 60.89 40.40
N ILE G 345 9.10 60.48 39.12
CA ILE G 345 8.40 59.31 38.63
C ILE G 345 9.49 58.34 38.21
N ARG G 346 9.28 57.03 38.48
CA ARG G 346 10.31 56.05 38.18
C ARG G 346 9.72 54.71 37.76
N LEU G 347 10.39 54.10 36.76
CA LEU G 347 10.11 52.76 36.30
C LEU G 347 11.20 51.84 36.83
N TRP G 348 10.78 50.71 37.42
CA TRP G 348 11.67 49.61 37.79
C TRP G 348 11.66 48.58 36.66
N GLN G 349 12.58 48.72 35.69
CA GLN G 349 12.52 47.86 34.53
C GLN G 349 13.27 46.59 34.87
N PRO G 350 12.64 45.40 34.81
CA PRO G 350 13.37 44.19 35.17
C PRO G 350 14.28 43.72 34.03
N ILE G 351 15.54 43.40 34.34
CA ILE G 351 16.46 42.80 33.36
C ILE G 351 16.62 41.30 33.65
N SER G 352 16.74 40.94 34.95
CA SER G 352 16.80 39.55 35.35
C SER G 352 16.21 39.38 36.75
N GLU G 353 16.32 38.15 37.28
CA GLU G 353 15.87 37.82 38.63
C GLU G 353 16.61 38.67 39.66
N ASN G 354 17.76 39.20 39.26
CA ASN G 354 18.62 39.93 40.16
C ASN G 354 19.22 41.16 39.46
N GLU G 355 18.46 41.79 38.57
CA GLU G 355 18.88 43.08 38.01
C GLU G 355 17.67 43.94 37.59
N THR G 356 17.82 45.24 37.82
CA THR G 356 16.82 46.19 37.43
C THR G 356 17.55 47.38 36.84
N GLU G 357 16.87 48.06 35.90
CA GLU G 357 17.27 49.32 35.33
C GLU G 357 16.33 50.36 35.90
N VAL G 358 16.90 51.30 36.64
CA VAL G 358 16.07 52.35 37.20
C VAL G 358 15.96 53.45 36.15
N LEU G 359 14.72 53.84 35.81
CA LEU G 359 14.47 55.01 34.99
C LEU G 359 13.85 56.10 35.87
N SER G 360 14.70 57.00 36.37
CA SER G 360 14.23 58.07 37.25
C SER G 360 13.91 59.32 36.46
N PHE G 361 12.69 59.82 36.64
CA PHE G 361 12.27 61.05 35.98
C PHE G 361 12.06 62.14 37.04
N PHE G 362 12.30 63.39 36.62
CA PHE G 362 11.85 64.59 37.33
C PHE G 362 10.55 65.10 36.73
N ALA G 363 9.70 65.65 37.60
CA ALA G 363 8.42 66.17 37.15
C ALA G 363 7.99 67.38 37.99
N VAL G 364 7.35 68.31 37.30
CA VAL G 364 6.91 69.55 37.92
C VAL G 364 5.75 70.08 37.10
N ASP G 365 4.87 70.85 37.72
CA ASP G 365 3.76 71.42 36.99
C ASP G 365 4.26 72.41 35.94
N ARG G 366 3.66 72.36 34.75
CA ARG G 366 4.09 73.18 33.63
C ARG G 366 3.93 74.66 33.94
N SER G 367 2.98 75.01 34.81
CA SER G 367 2.66 76.40 35.08
C SER G 367 3.48 76.99 36.23
N ALA G 368 4.26 76.18 36.95
CA ALA G 368 5.12 76.67 38.03
C ALA G 368 6.13 77.70 37.53
N PRO G 369 6.48 78.75 38.32
CA PRO G 369 7.52 79.71 37.96
C PRO G 369 8.80 79.05 37.47
N GLU G 370 9.51 79.74 36.59
CA GLU G 370 10.75 79.23 36.03
C GLU G 370 11.80 79.03 37.13
N GLU G 371 11.77 79.90 38.15
CA GLU G 371 12.65 79.77 39.30
C GLU G 371 12.26 78.57 40.15
N PHE G 372 10.95 78.30 40.26
CA PHE G 372 10.45 77.19 41.08
C PHE G 372 10.98 75.88 40.50
N LYS G 373 10.81 75.72 39.18
CA LYS G 373 11.31 74.57 38.46
C LYS G 373 12.78 74.31 38.81
N LYS G 374 13.64 75.33 38.69
CA LYS G 374 15.07 75.13 38.85
C LYS G 374 15.41 74.62 40.25
N LYS G 375 14.81 75.23 41.28
CA LYS G 375 14.99 74.79 42.66
C LYS G 375 14.45 73.38 42.83
N SER G 376 13.25 73.12 42.32
CA SER G 376 12.63 71.80 42.42
C SER G 376 13.54 70.71 41.84
N TYR G 377 14.11 70.97 40.65
CA TYR G 377 14.98 70.01 40.00
C TYR G 377 16.27 69.85 40.78
N LYS G 378 16.80 70.94 41.34
CA LYS G 378 18.00 70.86 42.17
C LYS G 378 17.77 69.96 43.39
N ALA G 379 16.62 70.12 44.05
CA ALA G 379 16.26 69.25 45.16
C ALA G 379 16.19 67.78 44.68
N TYR G 380 15.50 67.56 43.55
CA TYR G 380 15.40 66.23 42.99
C TYR G 380 16.80 65.63 42.87
N LEU G 381 17.70 66.33 42.15
CA LEU G 381 19.03 65.82 41.83
C LEU G 381 19.77 65.43 43.10
N MET G 382 19.48 66.15 44.19
CA MET G 382 20.20 65.94 45.42
C MET G 382 19.65 64.77 46.22
N CYS G 383 18.41 64.36 45.95
CA CYS G 383 17.69 63.42 46.81
C CYS G 383 17.49 62.06 46.13
N PHE G 384 16.97 62.05 44.91
CA PHE G 384 16.65 60.80 44.23
C PHE G 384 17.23 60.77 42.83
N GLY G 385 17.14 59.62 42.17
CA GLY G 385 17.74 59.43 40.85
C GLY G 385 19.20 58.95 40.95
N SER G 386 19.95 59.18 39.86
CA SER G 386 21.21 58.50 39.61
C SER G 386 22.32 59.05 40.53
N THR G 387 22.11 60.23 41.09
CA THR G 387 23.02 60.78 42.08
C THR G 387 22.27 61.09 43.39
N GLY G 388 21.01 60.65 43.53
CA GLY G 388 20.21 61.00 44.70
C GLY G 388 20.79 60.46 46.00
N MET G 389 20.83 61.27 47.06
CA MET G 389 21.45 60.85 48.31
C MET G 389 20.54 59.92 49.10
N PHE G 390 19.23 59.96 48.86
CA PHE G 390 18.35 58.97 49.46
C PHE G 390 18.49 57.63 48.72
N GLU G 391 18.32 57.68 47.38
CA GLU G 391 18.35 56.49 46.55
C GLU G 391 19.62 55.69 46.81
N GLN G 392 20.72 56.41 47.04
CA GLN G 392 22.02 55.80 47.27
C GLN G 392 21.86 54.67 48.28
N ASP G 393 21.16 54.98 49.37
CA ASP G 393 21.16 54.14 50.55
C ASP G 393 20.03 53.13 50.50
N ASP G 394 18.95 53.51 49.80
CA ASP G 394 17.79 52.67 49.53
C ASP G 394 18.24 51.47 48.69
N VAL G 395 19.05 51.77 47.65
CA VAL G 395 19.47 50.75 46.68
C VAL G 395 20.46 49.80 47.35
N GLU G 396 21.30 50.32 48.23
CA GLU G 396 22.16 49.47 49.02
C GLU G 396 21.35 48.39 49.75
N ASN G 397 20.25 48.78 50.44
CA ASN G 397 19.37 47.85 51.16
C ASN G 397 18.79 46.80 50.21
N TRP G 398 18.36 47.23 49.02
CA TRP G 398 17.63 46.33 48.12
C TRP G 398 18.59 45.34 47.49
N VAL G 399 19.74 45.89 47.09
CA VAL G 399 20.83 45.07 46.57
C VAL G 399 21.19 44.02 47.61
N SER G 400 21.38 44.43 48.86
CA SER G 400 21.85 43.49 49.86
C SER G 400 20.79 42.43 50.12
N LEU G 401 19.52 42.73 49.93
CA LEU G 401 18.49 41.74 50.19
C LEU G 401 18.48 40.75 49.03
N THR G 402 18.68 41.27 47.81
CA THR G 402 18.86 40.42 46.64
C THR G 402 19.97 39.41 46.89
N ASN G 403 21.05 39.86 47.50
CA ASN G 403 22.16 38.97 47.82
C ASN G 403 21.65 37.76 48.61
N THR G 404 20.84 37.98 49.66
CA THR G 404 20.57 36.85 50.52
C THR G 404 19.59 35.91 49.81
N SER G 405 18.71 36.47 48.97
CA SER G 405 17.78 35.70 48.16
C SER G 405 18.46 34.73 47.20
N ALA G 406 19.76 34.88 46.90
CA ALA G 406 20.42 34.00 45.95
C ALA G 406 20.59 32.60 46.52
N GLY G 407 20.82 32.51 47.82
CA GLY G 407 21.38 31.30 48.42
C GLY G 407 20.33 30.20 48.59
N SER G 408 20.77 29.08 49.18
CA SER G 408 19.86 27.97 49.36
C SER G 408 19.14 28.11 50.68
N MET G 409 19.67 28.96 51.57
CA MET G 409 18.99 29.33 52.82
C MET G 409 17.66 30.03 52.49
N ALA G 410 17.69 30.93 51.48
CA ALA G 410 16.52 31.71 51.10
C ALA G 410 15.38 30.82 50.65
N ARG G 411 15.74 29.60 50.27
CA ARG G 411 14.78 28.60 49.79
C ARG G 411 14.22 27.78 50.94
N ARG G 412 14.47 28.19 52.19
CA ARG G 412 13.91 27.58 53.39
C ARG G 412 13.39 28.59 54.42
N LEU G 413 13.42 29.87 54.04
CA LEU G 413 13.06 30.96 54.91
C LEU G 413 11.81 31.60 54.35
N LEU G 414 10.86 31.88 55.25
CA LEU G 414 9.80 32.83 55.01
C LEU G 414 10.12 34.07 55.83
N LEU G 415 10.29 35.22 55.16
CA LEU G 415 10.45 36.49 55.86
C LEU G 415 9.12 36.95 56.42
N ASN G 416 9.16 37.64 57.57
CA ASN G 416 7.96 38.13 58.19
C ASN G 416 7.65 39.54 57.68
N SER G 417 6.44 39.69 57.14
CA SER G 417 5.92 40.93 56.61
C SER G 417 4.58 41.25 57.25
N ARG G 418 4.32 40.77 58.46
CA ARG G 418 2.98 40.85 59.07
C ARG G 418 2.79 42.03 60.02
N MET G 419 3.65 43.08 59.93
CA MET G 419 3.60 44.20 60.87
C MET G 419 2.25 44.90 60.71
N GLY G 420 1.47 44.95 61.80
CA GLY G 420 0.12 45.47 61.79
C GLY G 420 -0.93 44.37 61.94
N LEU G 421 -0.50 43.10 61.96
CA LEU G 421 -1.36 41.97 62.28
C LEU G 421 -0.81 41.22 63.49
N LEU G 422 -1.69 40.83 64.43
CA LEU G 422 -1.28 39.97 65.53
C LEU G 422 -1.28 38.53 65.04
N GLU G 423 -0.90 37.56 65.90
CA GLU G 423 -0.78 36.15 65.53
C GLU G 423 -2.16 35.59 65.15
N ASP G 424 -3.22 35.96 65.89
CA ASP G 424 -4.55 35.43 65.65
C ASP G 424 -5.24 36.13 64.47
N GLY G 425 -4.61 37.15 63.87
CA GLY G 425 -5.19 37.78 62.70
C GLY G 425 -5.91 39.10 62.99
N THR G 426 -5.99 39.50 64.26
CA THR G 426 -6.56 40.81 64.57
C THR G 426 -5.55 41.91 64.24
N ARG G 427 -6.11 43.03 63.79
CA ARG G 427 -5.38 44.23 63.47
C ARG G 427 -4.69 44.81 64.69
N VAL G 428 -3.55 45.47 64.50
CA VAL G 428 -2.87 46.13 65.60
C VAL G 428 -3.63 47.41 65.90
N SER G 429 -3.75 48.23 64.86
CA SER G 429 -4.43 49.50 64.95
C SER G 429 -5.59 49.48 63.98
N ASP G 430 -6.47 50.47 64.11
CA ASP G 430 -7.72 50.55 63.37
C ASP G 430 -7.55 51.27 62.04
N GLU G 431 -8.54 51.05 61.19
CA GLU G 431 -8.72 51.79 59.96
C GLU G 431 -9.09 53.22 60.31
N LEU G 432 -8.65 54.18 59.49
CA LEU G 432 -9.07 55.56 59.65
C LEU G 432 -10.54 55.66 59.22
N THR G 433 -11.34 56.42 59.97
CA THR G 433 -12.75 56.61 59.65
C THR G 433 -12.86 57.63 58.53
N ALA G 434 -14.07 57.77 57.97
CA ALA G 434 -14.28 58.69 56.87
C ALA G 434 -14.11 60.12 57.34
N ASP G 435 -14.38 60.36 58.64
CA ASP G 435 -14.16 61.67 59.26
C ASP G 435 -12.67 62.00 59.24
N GLU G 436 -11.85 60.98 59.55
CA GLU G 436 -10.43 61.17 59.74
C GLU G 436 -9.68 61.22 58.41
N PHE G 437 -10.29 60.68 57.33
CA PHE G 437 -9.59 60.45 56.06
C PHE G 437 -10.57 60.37 54.91
N HIS G 438 -10.45 61.29 53.94
CA HIS G 438 -11.52 61.59 53.02
C HIS G 438 -11.28 61.00 51.63
N GLY G 439 -10.11 60.41 51.42
CA GLY G 439 -9.82 59.76 50.16
C GLY G 439 -10.34 58.34 50.09
N PRO G 440 -10.39 57.72 48.89
CA PRO G 440 -10.94 56.37 48.72
C PRO G 440 -9.93 55.29 49.08
N GLY G 441 -10.47 54.08 49.25
CA GLY G 441 -9.68 52.95 49.67
C GLY G 441 -9.66 52.83 51.19
N THR G 442 -8.55 52.31 51.72
CA THR G 442 -8.38 52.15 53.14
C THR G 442 -7.08 52.81 53.55
N ALA G 443 -7.02 53.27 54.80
CA ALA G 443 -5.89 54.03 55.29
C ALA G 443 -5.67 53.77 56.78
N GLN G 444 -4.43 53.98 57.22
CA GLN G 444 -4.13 53.94 58.65
C GLN G 444 -2.97 54.88 58.93
N VAL G 445 -2.70 55.03 60.21
CA VAL G 445 -1.53 55.76 60.66
C VAL G 445 -0.64 54.77 61.40
N GLY G 446 0.65 55.08 61.45
CA GLY G 446 1.60 54.26 62.18
C GLY G 446 2.38 53.45 61.17
N TYR G 447 3.65 53.21 61.49
CA TYR G 447 4.44 52.20 60.80
C TYR G 447 3.60 50.93 60.64
N ASN G 448 3.54 50.41 59.43
CA ASN G 448 2.91 49.12 59.19
C ASN G 448 3.42 48.49 57.88
N GLU G 449 3.02 47.28 57.59
CA GLU G 449 3.48 46.61 56.40
C GLU G 449 2.29 46.15 55.57
N ALA G 450 1.16 46.87 55.66
CA ALA G 450 -0.07 46.52 54.96
C ALA G 450 0.04 46.69 53.45
N ASN G 451 0.85 47.63 52.96
CA ASN G 451 0.80 47.96 51.55
C ASN G 451 1.68 46.97 50.79
N GLN G 452 2.84 46.64 51.37
CA GLN G 452 3.70 45.58 50.87
C GLN G 452 2.91 44.28 50.74
N ARG G 453 2.24 43.85 51.82
CA ARG G 453 1.42 42.67 51.84
C ARG G 453 0.43 42.70 50.69
N LYS G 454 -0.10 43.88 50.38
CA LYS G 454 -1.12 44.00 49.32
C LYS G 454 -0.43 43.94 47.97
N LEU G 455 0.77 44.52 47.87
CA LEU G 455 1.49 44.44 46.62
C LEU G 455 1.80 42.98 46.30
N LEU G 456 2.28 42.26 47.30
CA LEU G 456 2.71 40.90 47.05
C LEU G 456 1.48 40.03 46.78
N GLU G 457 0.33 40.42 47.34
CA GLU G 457 -0.89 39.67 47.12
C GLU G 457 -1.28 39.75 45.64
N MET G 458 -1.13 40.94 45.06
CA MET G 458 -1.37 41.14 43.64
C MET G 458 -0.39 40.27 42.85
N TRP G 459 0.89 40.44 43.16
CA TRP G 459 1.92 39.63 42.53
C TRP G 459 1.48 38.17 42.47
N ALA G 460 1.08 37.61 43.61
CA ALA G 460 0.64 36.24 43.71
C ALA G 460 -0.57 35.97 42.82
N ASP G 461 -1.54 36.90 42.81
CA ASP G 461 -2.76 36.75 42.02
C ASP G 461 -2.40 36.65 40.55
N TYR G 462 -1.41 37.44 40.11
CA TYR G 462 -0.96 37.50 38.72
C TYR G 462 -0.16 36.26 38.33
N LEU G 463 0.73 35.80 39.20
CA LEU G 463 1.56 34.63 38.95
C LEU G 463 0.74 33.37 38.68
N GLU G 464 -0.48 33.28 39.24
CA GLU G 464 -1.36 32.13 39.13
C GLU G 464 -2.33 32.23 37.95
N LYS G 465 -2.34 33.38 37.26
CA LYS G 465 -3.07 33.50 36.00
C LYS G 465 -2.42 32.58 34.99
N PRO G 466 -3.22 31.99 34.08
CA PRO G 466 -2.67 31.15 33.01
C PRO G 466 -1.81 32.02 32.10
N ALA G 467 -0.93 31.36 31.33
CA ALA G 467 -0.06 32.04 30.38
C ALA G 467 -0.90 32.74 29.33
N LEU G 468 -0.57 34.02 29.08
CA LEU G 468 -1.21 34.76 28.00
C LEU G 468 -0.99 34.00 26.68
N GLU G 469 -2.04 33.81 25.89
CA GLU G 469 -1.87 33.22 24.58
C GLU G 469 -2.49 34.13 23.53
N VAL G 470 -1.70 34.41 22.50
CA VAL G 470 -2.06 35.40 21.50
C VAL G 470 -1.75 34.79 20.14
N GLY G 471 -2.77 34.70 19.29
CA GLY G 471 -2.55 34.21 17.93
C GLY G 471 -1.41 34.96 17.23
N PRO G 472 -0.55 34.27 16.45
CA PRO G 472 0.59 34.93 15.82
C PRO G 472 0.02 35.79 14.70
N THR G 473 0.62 36.98 14.53
CA THR G 473 0.37 37.84 13.38
C THR G 473 1.28 37.43 12.22
N SER G 474 0.67 37.25 11.03
CA SER G 474 1.38 37.00 9.78
C SER G 474 1.58 38.30 9.03
N VAL G 475 2.70 38.98 9.27
CA VAL G 475 2.87 40.32 8.71
C VAL G 475 2.80 40.20 7.19
N GLY G 476 1.96 41.03 6.57
CA GLY G 476 1.89 41.13 5.14
C GLY G 476 0.75 40.32 4.56
N THR G 477 -0.04 39.66 5.43
CA THR G 477 -1.32 39.09 5.06
C THR G 477 -2.41 40.16 5.19
N PRO G 485 -3.25 53.08 13.75
CA PRO G 485 -3.37 53.24 15.21
C PRO G 485 -4.46 54.26 15.61
N LEU G 486 -4.52 54.60 16.93
CA LEU G 486 -5.32 55.67 17.54
C LEU G 486 -5.97 56.53 16.46
N TYR H 21 27.35 73.25 26.99
CA TYR H 21 26.70 72.30 27.95
C TYR H 21 26.38 73.00 29.28
N SER H 22 27.37 73.71 29.85
CA SER H 22 27.17 74.47 31.08
C SER H 22 26.05 75.51 30.93
N GLU H 23 25.94 76.08 29.71
CA GLU H 23 24.92 77.08 29.36
C GLU H 23 23.54 76.45 29.12
N GLN H 24 23.48 75.17 28.71
CA GLN H 24 22.22 74.47 28.55
C GLN H 24 21.73 73.85 29.86
N ALA H 25 22.62 73.65 30.85
CA ALA H 25 22.28 73.02 32.13
C ALA H 25 21.33 73.91 32.89
N VAL H 26 20.32 73.32 33.54
CA VAL H 26 19.18 74.07 34.05
C VAL H 26 19.58 74.88 35.30
N LEU H 27 20.71 74.53 35.94
CA LEU H 27 21.25 75.30 37.07
C LEU H 27 22.64 75.85 36.73
N GLY H 28 22.79 76.38 35.51
CA GLY H 28 24.07 76.87 35.03
C GLY H 28 24.09 78.40 34.87
N ASP H 29 23.03 79.06 35.34
CA ASP H 29 22.85 80.50 35.19
C ASP H 29 23.97 81.28 35.89
N HIS H 30 24.47 80.75 37.01
CA HIS H 30 25.43 81.51 37.80
C HIS H 30 26.86 81.13 37.42
N ALA H 31 27.02 80.34 36.35
CA ALA H 31 28.31 79.75 36.06
C ALA H 31 29.17 80.67 35.20
N SER H 32 30.48 80.59 35.43
CA SER H 32 31.47 81.31 34.65
C SER H 32 31.34 80.95 33.17
N ARG H 33 31.57 81.95 32.31
CA ARG H 33 31.35 81.83 30.88
C ARG H 33 32.67 81.91 30.13
N VAL H 34 33.79 81.89 30.88
CA VAL H 34 35.10 81.93 30.26
C VAL H 34 35.21 80.76 29.30
N THR H 35 35.85 80.94 28.13
CA THR H 35 36.10 79.83 27.22
C THR H 35 37.52 79.91 26.67
N ARG H 36 37.91 78.87 25.94
CA ARG H 36 39.28 78.71 25.45
C ARG H 36 39.61 79.75 24.38
N THR H 37 40.91 79.90 24.08
CA THR H 37 41.41 80.56 22.87
C THR H 37 42.70 79.91 22.41
N GLY H 38 42.99 80.09 21.11
CA GLY H 38 44.25 79.63 20.55
C GLY H 38 44.27 78.13 20.43
N THR H 39 45.44 77.57 20.10
CA THR H 39 45.64 76.13 20.08
C THR H 39 46.21 75.73 21.45
N PRO H 40 46.36 74.42 21.75
CA PRO H 40 46.93 73.99 23.04
C PRO H 40 48.33 74.50 23.30
N LEU H 41 48.64 74.72 24.58
CA LEU H 41 49.99 75.07 24.98
C LEU H 41 50.89 73.87 24.76
N ARG H 42 52.21 74.11 24.76
CA ARG H 42 53.19 73.06 24.71
C ARG H 42 53.22 72.39 26.08
N PHE H 43 53.82 71.19 26.18
CA PHE H 43 53.70 70.40 27.40
C PHE H 43 54.83 70.74 28.37
N ASP H 44 55.67 71.71 27.98
CA ASP H 44 56.66 72.30 28.89
C ASP H 44 56.21 73.69 29.33
N ASP H 45 55.14 74.22 28.71
CA ASP H 45 54.57 75.48 29.16
C ASP H 45 54.21 75.33 30.63
N ARG H 46 54.71 76.24 31.48
CA ARG H 46 54.49 76.27 32.92
C ARG H 46 53.02 76.13 33.29
N ARG H 47 52.13 76.72 32.48
CA ARG H 47 50.71 76.80 32.81
C ARG H 47 50.06 75.43 32.64
N HIS H 48 50.34 74.77 31.51
CA HIS H 48 50.01 73.36 31.35
C HIS H 48 50.46 72.53 32.55
N LEU H 49 51.78 72.47 32.79
CA LEU H 49 52.36 71.71 33.89
C LEU H 49 51.61 71.94 35.20
N ASP H 50 51.05 73.13 35.41
CA ASP H 50 50.36 73.41 36.66
C ASP H 50 49.00 72.69 36.60
N ALA H 51 48.33 72.82 35.45
CA ALA H 51 47.01 72.26 35.24
C ALA H 51 47.09 70.74 35.37
N HIS H 52 48.15 70.16 34.79
CA HIS H 52 48.42 68.73 34.85
C HIS H 52 48.60 68.32 36.31
N GLN H 53 49.59 68.92 37.01
CA GLN H 53 49.86 68.68 38.42
C GLN H 53 48.61 68.74 39.28
N PHE H 54 47.71 69.67 38.93
CA PHE H 54 46.46 69.85 39.64
C PHE H 54 45.60 68.59 39.53
N LEU H 55 45.41 68.14 38.28
CA LEU H 55 44.44 67.12 37.94
C LEU H 55 44.87 65.79 38.53
N ILE H 56 46.21 65.59 38.57
CA ILE H 56 46.82 64.41 39.18
C ILE H 56 46.71 64.47 40.70
N ASP H 57 46.76 65.68 41.29
CA ASP H 57 46.73 65.77 42.73
C ASP H 57 45.31 65.48 43.20
N GLU H 58 44.34 65.87 42.36
CA GLU H 58 42.91 65.67 42.58
C GLU H 58 42.58 64.17 42.56
N ALA H 59 43.12 63.48 41.55
CA ALA H 59 43.02 62.04 41.44
C ALA H 59 43.42 61.36 42.75
N TYR H 60 44.58 61.73 43.33
CA TYR H 60 45.05 61.09 44.55
C TYR H 60 44.06 61.37 45.69
N LEU H 61 43.50 62.59 45.69
CA LEU H 61 42.53 62.97 46.69
C LEU H 61 41.28 62.11 46.54
N LEU H 62 40.74 62.01 45.31
CA LEU H 62 39.48 61.32 45.07
C LEU H 62 39.62 59.81 45.29
N ASP H 63 40.80 59.26 44.99
CA ASP H 63 41.07 57.86 45.26
C ASP H 63 40.96 57.68 46.77
N ALA H 64 41.69 58.51 47.53
CA ALA H 64 41.77 58.37 48.98
C ALA H 64 40.47 58.82 49.63
N GLN H 65 39.51 59.32 48.82
CA GLN H 65 38.20 59.80 49.25
C GLN H 65 38.36 60.97 50.22
N GLU H 66 39.38 61.81 50.04
CA GLU H 66 39.66 62.94 50.91
C GLU H 66 38.80 64.14 50.50
N TYR H 67 37.49 63.96 50.57
CA TYR H 67 36.57 64.86 49.91
C TYR H 67 36.63 66.28 50.51
N GLN H 68 36.99 66.43 51.80
CA GLN H 68 37.08 67.77 52.39
C GLN H 68 38.22 68.56 51.74
N THR H 69 39.39 67.94 51.61
CA THR H 69 40.52 68.59 50.99
C THR H 69 40.18 68.99 49.55
N TRP H 70 39.45 68.08 48.87
CA TRP H 70 39.08 68.23 47.47
C TRP H 70 38.24 69.48 47.31
N LEU H 71 37.30 69.63 48.23
CA LEU H 71 36.33 70.71 48.21
C LEU H 71 37.00 72.07 48.36
N ASP H 72 38.15 72.11 49.05
CA ASP H 72 38.93 73.32 49.25
C ASP H 72 39.72 73.68 48.00
N ASN H 73 39.65 72.87 46.92
CA ASN H 73 40.31 73.20 45.66
C ASN H 73 39.27 73.64 44.64
N ILE H 74 38.05 73.93 45.13
CA ILE H 74 36.89 74.21 44.28
C ILE H 74 36.34 75.61 44.60
N THR H 75 36.36 76.54 43.63
CA THR H 75 35.92 77.92 43.85
C THR H 75 34.49 77.94 44.38
N ASP H 76 34.09 79.08 44.97
CA ASP H 76 32.78 79.18 45.59
C ASP H 76 31.68 79.33 44.55
N ASP H 77 32.05 79.51 43.27
CA ASP H 77 31.08 79.71 42.20
C ASP H 77 31.13 78.56 41.20
N ILE H 78 31.77 77.46 41.62
CA ILE H 78 31.83 76.22 40.85
C ILE H 78 30.47 75.89 40.22
N HIS H 79 30.53 75.51 38.95
CA HIS H 79 29.54 74.67 38.33
C HIS H 79 30.18 73.30 38.06
N TYR H 80 29.56 72.25 38.63
CA TYR H 80 30.01 70.86 38.46
C TYR H 80 28.88 70.01 37.87
N LEU H 81 29.03 69.66 36.58
CA LEU H 81 27.91 69.17 35.82
C LEU H 81 28.34 68.00 34.97
N MET H 82 27.48 66.98 34.94
CA MET H 82 27.68 65.81 34.10
C MET H 82 26.33 65.42 33.51
N PRO H 83 25.98 65.93 32.32
CA PRO H 83 24.68 65.61 31.72
C PRO H 83 24.54 64.12 31.43
N VAL H 84 23.26 63.72 31.28
CA VAL H 84 22.87 62.33 30.89
C VAL H 84 23.02 62.28 29.38
N ARG H 85 23.73 61.29 28.88
CA ARG H 85 23.99 61.18 27.44
C ARG H 85 22.91 60.32 26.82
N VAL H 86 22.44 60.71 25.63
CA VAL H 86 21.35 59.97 24.92
C VAL H 86 21.84 59.65 23.51
N THR H 87 21.69 58.39 23.10
CA THR H 87 22.07 58.01 21.71
C THR H 87 21.13 58.72 20.74
N THR H 88 21.68 59.61 19.92
CA THR H 88 20.88 60.41 18.97
C THR H 88 21.42 60.22 17.56
N ALA H 89 20.63 60.58 16.56
CA ALA H 89 21.05 60.52 15.14
C ALA H 89 22.14 61.53 14.88
N LEU H 90 22.63 61.56 13.66
CA LEU H 90 23.81 62.41 13.38
C LEU H 90 23.45 63.88 13.26
N ASN H 91 22.34 64.23 12.60
CA ASN H 91 22.14 65.66 12.44
C ASN H 91 21.07 66.19 13.38
N SER H 92 20.98 65.58 14.56
CA SER H 92 19.94 65.90 15.52
C SER H 92 20.33 67.12 16.35
N GLY H 93 21.65 67.38 16.50
CA GLY H 93 22.17 68.60 17.09
C GLY H 93 22.08 68.66 18.62
N PHE H 94 21.92 67.48 19.24
CA PHE H 94 22.08 67.32 20.69
C PHE H 94 22.31 65.84 20.94
N ASP H 95 22.90 65.54 22.10
CA ASP H 95 23.16 64.18 22.52
C ASP H 95 23.10 64.10 24.05
N THR H 96 22.22 64.90 24.65
CA THR H 96 22.04 64.92 26.08
C THR H 96 20.54 65.06 26.40
N SER H 97 20.10 64.43 27.50
CA SER H 97 18.70 64.47 27.88
C SER H 97 18.38 65.91 28.19
N PRO H 98 17.45 66.49 27.41
CA PRO H 98 17.14 67.90 27.52
C PRO H 98 16.61 68.19 28.92
N GLY H 99 17.39 68.99 29.66
CA GLY H 99 17.04 69.41 31.00
C GLY H 99 17.12 68.29 32.04
N MET H 100 18.09 67.37 31.89
CA MET H 100 18.32 66.36 32.91
C MET H 100 19.79 65.95 32.92
N ALA H 101 20.39 66.00 34.10
CA ALA H 101 21.79 65.65 34.27
C ALA H 101 21.91 64.61 35.38
N HIS H 102 23.09 63.99 35.43
CA HIS H 102 23.45 63.17 36.57
C HIS H 102 23.85 64.10 37.71
N PHE H 103 24.88 64.93 37.47
CA PHE H 103 25.25 65.97 38.41
C PHE H 103 24.93 67.32 37.79
N ASP H 104 24.29 68.20 38.58
CA ASP H 104 24.23 69.64 38.28
C ASP H 104 24.42 70.38 39.60
N GLU H 105 25.66 70.76 39.92
CA GLU H 105 25.96 71.12 41.29
C GLU H 105 26.61 72.50 41.35
N ASN H 106 26.28 73.22 42.43
CA ASN H 106 27.04 74.38 42.86
C ASN H 106 27.94 73.97 44.04
N LYS H 107 28.53 74.95 44.70
CA LYS H 107 29.42 74.71 45.82
C LYS H 107 28.60 74.22 47.02
N TYR H 108 27.37 74.71 47.12
CA TYR H 108 26.54 74.37 48.28
C TYR H 108 26.22 72.90 48.28
N SER H 109 25.65 72.42 47.15
CA SER H 109 25.28 71.03 46.97
C SER H 109 26.50 70.12 46.98
N LEU H 110 27.62 70.53 46.38
CA LEU H 110 28.80 69.69 46.45
C LEU H 110 29.21 69.49 47.90
N SER H 111 29.07 70.52 48.74
CA SER H 111 29.57 70.42 50.10
C SER H 111 28.58 69.63 50.97
N ARG H 112 27.28 69.76 50.71
CA ARG H 112 26.27 68.95 51.40
C ARG H 112 26.47 67.47 51.05
N ARG H 113 26.81 67.20 49.79
CA ARG H 113 27.11 65.84 49.38
C ARG H 113 28.28 65.27 50.18
N VAL H 114 29.33 66.09 50.38
CA VAL H 114 30.50 65.65 51.11
C VAL H 114 30.18 65.55 52.61
N ALA H 115 29.42 66.52 53.12
CA ALA H 115 28.99 66.49 54.51
C ALA H 115 28.42 65.12 54.86
N ARG H 116 27.76 64.54 53.87
CA ARG H 116 27.07 63.26 53.99
C ARG H 116 28.04 62.12 54.26
N PHE H 117 29.10 62.04 53.46
CA PHE H 117 30.13 61.03 53.62
C PHE H 117 30.75 61.22 55.00
N VAL H 118 30.93 62.49 55.39
CA VAL H 118 31.56 62.85 56.66
C VAL H 118 30.75 62.30 57.84
N THR H 119 29.41 62.12 57.67
CA THR H 119 28.61 61.70 58.81
C THR H 119 28.94 60.25 59.16
N GLU H 120 29.45 59.49 58.16
CA GLU H 120 29.75 58.07 58.30
C GLU H 120 28.45 57.27 58.47
N HIS H 121 27.35 57.85 58.01
CA HIS H 121 26.04 57.20 58.03
C HIS H 121 25.54 57.09 56.59
N ALA H 122 26.45 57.28 55.62
CA ALA H 122 26.20 57.00 54.22
C ALA H 122 26.48 55.51 53.98
N TRP H 123 25.43 54.72 54.15
CA TRP H 123 25.59 53.29 54.32
C TRP H 123 26.13 52.61 53.07
N THR H 124 25.80 53.17 51.90
CA THR H 124 26.17 52.55 50.65
C THR H 124 27.67 52.58 50.46
N GLU H 125 28.37 53.43 51.23
CA GLU H 125 29.83 53.61 51.10
C GLU H 125 30.55 53.27 52.43
N ASP H 126 29.91 52.40 53.21
CA ASP H 126 30.55 51.78 54.36
C ASP H 126 30.11 50.33 54.43
N PRO H 127 30.91 49.32 53.99
CA PRO H 127 32.32 49.50 53.71
C PRO H 127 32.62 50.39 52.49
N PRO H 128 33.80 51.03 52.44
CA PRO H 128 34.16 51.84 51.29
C PRO H 128 34.40 51.14 49.95
N SER H 129 34.38 51.90 48.85
CA SER H 129 34.70 51.34 47.51
C SER H 129 36.19 51.45 47.27
N ARG H 130 36.73 50.58 46.44
CA ARG H 130 38.15 50.69 46.05
C ARG H 130 38.17 51.44 44.73
N LEU H 131 38.65 52.67 44.73
CA LEU H 131 38.56 53.52 43.51
C LEU H 131 39.93 53.92 42.95
N ARG H 132 40.01 54.00 41.64
CA ARG H 132 41.18 54.39 40.90
C ARG H 132 40.73 55.30 39.76
N HIS H 133 41.01 56.61 39.91
CA HIS H 133 40.68 57.56 38.88
C HIS H 133 41.88 57.71 37.97
N TYR H 134 41.90 57.00 36.85
CA TYR H 134 42.98 57.12 35.90
C TYR H 134 42.75 58.38 35.07
N ILE H 135 43.75 59.29 35.04
CA ILE H 135 43.68 60.54 34.28
C ILE H 135 44.66 60.54 33.12
N THR H 136 44.16 60.74 31.90
CA THR H 136 45.06 60.77 30.75
C THR H 136 44.63 61.84 29.77
N ASN H 137 45.46 62.04 28.73
CA ASN H 137 45.18 62.88 27.59
C ASN H 137 45.00 64.32 28.00
N ILE H 138 45.89 64.82 28.86
CA ILE H 138 45.75 66.17 29.41
C ILE H 138 46.31 67.22 28.44
N ARG H 139 45.58 68.33 28.25
CA ARG H 139 46.02 69.39 27.37
C ARG H 139 45.35 70.70 27.77
N THR H 140 46.05 71.82 27.62
CA THR H 140 45.66 73.06 28.28
C THR H 140 45.47 74.19 27.28
N PHE H 141 44.52 75.09 27.57
CA PHE H 141 44.23 76.22 26.71
C PHE H 141 44.36 77.53 27.50
N LEU H 142 44.83 78.60 26.83
CA LEU H 142 44.64 79.95 27.32
C LEU H 142 43.18 80.36 27.11
N THR H 143 42.67 81.23 27.97
CA THR H 143 41.26 81.62 27.93
C THR H 143 41.10 83.08 27.48
N ASP H 144 39.87 83.61 27.58
CA ASP H 144 39.58 85.00 27.27
C ASP H 144 39.43 85.81 28.57
N ALA H 145 40.09 85.37 29.63
CA ALA H 145 40.07 86.09 30.89
C ALA H 145 41.38 85.81 31.62
N GLU H 146 41.70 86.68 32.58
CA GLU H 146 43.07 86.88 33.01
C GLU H 146 43.65 85.60 33.63
N ASP H 147 43.08 85.14 34.75
CA ASP H 147 43.75 84.16 35.58
C ASP H 147 43.07 82.80 35.46
N HIS H 148 42.90 82.33 34.22
CA HIS H 148 42.01 81.24 33.88
C HIS H 148 42.70 80.35 32.84
N LEU H 149 42.64 79.03 33.05
CA LEU H 149 42.97 78.04 32.02
C LEU H 149 41.76 77.15 31.70
N VAL H 150 41.79 76.53 30.52
CA VAL H 150 40.84 75.49 30.15
C VAL H 150 41.62 74.19 29.91
N VAL H 151 41.22 73.13 30.64
CA VAL H 151 41.96 71.88 30.69
C VAL H 151 41.06 70.69 30.35
N GLU H 152 41.39 70.02 29.24
CA GLU H 152 40.72 68.80 28.84
C GLU H 152 41.51 67.60 29.34
N SER H 153 40.77 66.60 29.85
CA SER H 153 41.31 65.32 30.27
C SER H 153 40.31 64.22 29.93
N ALA H 154 40.85 63.00 29.79
CA ALA H 154 40.09 61.77 29.87
C ALA H 154 40.23 61.17 31.27
N GLU H 155 39.13 60.67 31.80
CA GLU H 155 39.11 60.02 33.09
C GLU H 155 38.44 58.67 32.96
N LEU H 156 39.14 57.63 33.43
CA LEU H 156 38.59 56.30 33.53
C LEU H 156 38.58 55.92 35.00
N LEU H 157 37.39 55.85 35.59
CA LEU H 157 37.28 55.39 36.95
C LEU H 157 37.09 53.87 36.94
N PHE H 158 37.98 53.17 37.65
CA PHE H 158 37.78 51.75 37.98
C PHE H 158 37.26 51.66 39.41
N ARG H 159 36.25 50.81 39.68
CA ARG H 159 35.66 50.74 41.01
C ARG H 159 35.27 49.32 41.39
N SER H 160 35.69 48.89 42.59
CA SER H 160 35.44 47.57 43.13
C SER H 160 35.00 47.68 44.59
N ARG H 161 33.98 46.91 44.99
CA ARG H 161 33.48 46.93 46.35
C ARG H 161 33.05 45.53 46.75
N GLY H 162 33.47 45.06 47.93
CA GLY H 162 33.02 43.78 48.44
C GLY H 162 33.82 42.60 47.89
N ASP H 163 33.21 41.40 47.83
CA ASP H 163 33.92 40.19 47.43
C ASP H 163 33.09 39.30 46.51
N VAL H 164 32.09 39.82 45.80
CA VAL H 164 31.28 39.02 44.87
C VAL H 164 31.25 39.65 43.48
N ASN H 165 30.77 40.90 43.35
CA ASN H 165 30.54 41.50 42.04
C ASN H 165 31.87 41.81 41.34
N GLU H 166 31.77 41.85 40.02
CA GLU H 166 32.81 42.40 39.16
C GLU H 166 32.88 43.91 39.35
N SER H 167 34.07 44.43 39.09
CA SER H 167 34.34 45.85 39.25
C SER H 167 33.61 46.60 38.12
N ALA H 168 33.53 47.92 38.25
CA ALA H 168 32.87 48.73 37.25
C ALA H 168 33.88 49.70 36.62
N LEU H 169 33.68 50.00 35.33
CA LEU H 169 34.38 51.09 34.65
C LEU H 169 33.42 52.25 34.45
N VAL H 170 33.94 53.47 34.56
CA VAL H 170 33.24 54.62 34.02
C VAL H 170 34.26 55.33 33.13
N SER H 171 33.87 55.55 31.90
CA SER H 171 34.71 56.34 31.01
C SER H 171 34.05 57.70 30.83
N CYS H 172 34.84 58.78 30.88
CA CYS H 172 34.34 60.11 30.56
C CYS H 172 35.46 61.00 30.04
N GLY H 173 35.04 62.05 29.30
CA GLY H 173 35.86 63.21 29.01
C GLY H 173 35.46 64.39 29.90
N ARG H 174 36.40 65.34 30.07
CA ARG H 174 36.23 66.48 30.96
C ARG H 174 36.67 67.77 30.26
N GLU H 175 35.89 68.85 30.41
CA GLU H 175 36.44 70.18 30.25
C GLU H 175 36.36 70.93 31.59
N ASP H 176 37.51 71.41 32.05
CA ASP H 176 37.61 72.16 33.28
C ASP H 176 37.97 73.60 32.97
N LEU H 177 37.58 74.49 33.90
CA LEU H 177 38.07 75.85 34.00
C LEU H 177 38.78 75.98 35.33
N LEU H 178 40.12 76.06 35.29
CA LEU H 178 40.92 76.39 36.46
C LEU H 178 41.01 77.92 36.62
N ARG H 179 41.19 78.39 37.86
CA ARG H 179 41.36 79.81 38.13
C ARG H 179 42.40 80.04 39.24
N ARG H 180 43.20 81.10 39.04
CA ARG H 180 44.32 81.46 39.89
C ARG H 180 43.80 82.27 41.07
N VAL H 181 44.13 81.85 42.29
CA VAL H 181 43.63 82.46 43.52
C VAL H 181 44.74 82.40 44.57
N GLY H 182 45.60 83.41 44.56
CA GLY H 182 46.80 83.39 45.37
C GLY H 182 47.85 82.56 44.66
N ASP H 183 48.62 81.77 45.40
CA ASP H 183 49.66 80.98 44.77
C ASP H 183 49.11 79.66 44.24
N GLU H 184 47.79 79.59 44.02
CA GLU H 184 47.13 78.30 43.80
C GLU H 184 46.08 78.37 42.71
N TRP H 185 45.97 77.26 41.96
CA TRP H 185 44.90 77.01 41.01
C TRP H 185 43.73 76.29 41.70
N LYS H 186 42.53 76.56 41.19
CA LYS H 186 41.30 76.01 41.74
C LYS H 186 40.29 75.77 40.63
N LEU H 187 39.36 74.85 40.88
CA LEU H 187 38.42 74.44 39.86
C LEU H 187 37.17 75.32 39.94
N ALA H 188 36.85 76.03 38.84
CA ALA H 188 35.68 76.90 38.74
C ALA H 188 34.56 76.31 37.88
N ARG H 189 34.91 75.52 36.86
CA ARG H 189 33.88 74.85 36.08
C ARG H 189 34.36 73.45 35.74
N ARG H 190 33.45 72.47 35.81
CA ARG H 190 33.76 71.13 35.32
C ARG H 190 32.56 70.61 34.55
N THR H 191 32.81 70.21 33.30
CA THR H 191 31.80 69.58 32.47
C THR H 191 32.27 68.18 32.14
N ILE H 192 31.52 67.19 32.60
CA ILE H 192 31.87 65.79 32.45
C ILE H 192 31.00 65.18 31.36
N PHE H 193 31.68 64.65 30.34
CA PHE H 193 30.99 64.06 29.20
C PHE H 193 31.00 62.56 29.36
N VAL H 194 30.00 62.00 30.03
CA VAL H 194 30.05 60.57 30.33
C VAL H 194 29.92 59.78 29.01
N ASP H 195 30.64 58.64 28.90
CA ASP H 195 30.71 57.88 27.66
C ASP H 195 29.66 56.77 27.58
N GLU H 196 28.70 56.74 28.52
CA GLU H 196 27.60 55.79 28.49
C GLU H 196 26.29 56.56 28.54
N SER H 197 25.27 56.00 27.90
CA SER H 197 23.89 56.39 28.07
C SER H 197 23.35 55.83 29.39
N VAL H 198 23.36 54.50 29.51
CA VAL H 198 22.94 53.78 30.69
C VAL H 198 24.18 53.51 31.57
N MET H 199 24.13 53.90 32.85
CA MET H 199 25.27 53.72 33.75
C MET H 199 25.28 52.29 34.28
N ARG H 200 26.45 51.69 34.46
CA ARG H 200 26.55 50.32 34.93
C ARG H 200 27.22 50.28 36.31
N MET H 201 26.90 51.27 37.13
CA MET H 201 27.47 51.35 38.45
C MET H 201 26.29 51.44 39.40
N GLN H 202 26.44 50.88 40.60
CA GLN H 202 25.33 50.80 41.52
C GLN H 202 24.78 52.19 41.83
N ASN H 203 25.70 53.16 41.92
CA ASN H 203 25.35 54.52 42.23
C ASN H 203 26.47 55.43 41.72
N LEU H 204 26.37 56.73 42.05
CA LEU H 204 27.44 57.67 41.81
C LEU H 204 27.85 58.36 43.11
N ALA H 205 27.94 57.55 44.19
CA ALA H 205 28.46 58.03 45.46
C ALA H 205 29.98 58.14 45.39
N VAL H 206 30.44 58.82 44.33
CA VAL H 206 31.84 59.12 44.09
C VAL H 206 31.87 60.46 43.37
N PHE H 207 33.07 60.95 43.03
CA PHE H 207 33.24 62.17 42.24
C PHE H 207 34.23 61.97 41.10
N LEU H 208 34.07 62.78 40.05
CA LEU H 208 34.80 62.64 38.80
C LEU H 208 35.39 63.99 38.35
#